data_2Y1Y
# 
_entry.id   2Y1Y 
# 
_audit_conform.dict_name       mmcif_pdbx.dic 
_audit_conform.dict_version    5.398 
_audit_conform.dict_location   http://mmcif.pdb.org/dictionaries/ascii/mmcif_pdbx.dic 
# 
loop_
_database_2.database_id 
_database_2.database_code 
_database_2.pdbx_database_accession 
_database_2.pdbx_DOI 
PDB   2Y1Y         pdb_00002y1y 10.2210/pdb2y1y/pdb 
PDBE  EBI-46622    ?            ?                   
WWPDB D_1290046622 ?            ?                   
# 
loop_
_pdbx_audit_revision_history.ordinal 
_pdbx_audit_revision_history.data_content_type 
_pdbx_audit_revision_history.major_revision 
_pdbx_audit_revision_history.minor_revision 
_pdbx_audit_revision_history.revision_date 
1 'Structure model' 1 0 2011-03-02 
2 'Structure model' 1 1 2011-05-08 
3 'Structure model' 1 2 2011-07-13 
4 'Structure model' 1 3 2019-05-08 
5 'Structure model' 1 4 2023-12-20 
6 'Structure model' 1 5 2024-11-13 
# 
_pdbx_audit_revision_details.ordinal             1 
_pdbx_audit_revision_details.revision_ordinal    1 
_pdbx_audit_revision_details.data_content_type   'Structure model' 
_pdbx_audit_revision_details.provider            repository 
_pdbx_audit_revision_details.type                'Initial release' 
_pdbx_audit_revision_details.description         ? 
_pdbx_audit_revision_details.details             ? 
# 
loop_
_pdbx_audit_revision_group.ordinal 
_pdbx_audit_revision_group.revision_ordinal 
_pdbx_audit_revision_group.data_content_type 
_pdbx_audit_revision_group.group 
1  2 'Structure model' 'Version format compliance' 
2  3 'Structure model' 'Version format compliance' 
3  4 'Structure model' 'Data collection'           
4  4 'Structure model' 'Derived calculations'      
5  4 'Structure model' 'Experimental preparation'  
6  4 'Structure model' Other                       
7  5 'Structure model' 'Data collection'           
8  5 'Structure model' 'Database references'       
9  5 'Structure model' 'Derived calculations'      
10 5 'Structure model' Other                       
11 5 'Structure model' 'Refinement description'    
12 6 'Structure model' 'Structure summary'         
# 
loop_
_pdbx_audit_revision_category.ordinal 
_pdbx_audit_revision_category.revision_ordinal 
_pdbx_audit_revision_category.data_content_type 
_pdbx_audit_revision_category.category 
1  4 'Structure model' exptl_crystal_grow            
2  4 'Structure model' pdbx_database_proc            
3  4 'Structure model' pdbx_database_status          
4  4 'Structure model' struct_conn                   
5  5 'Structure model' chem_comp_atom                
6  5 'Structure model' chem_comp_bond                
7  5 'Structure model' database_2                    
8  5 'Structure model' pdbx_database_status          
9  5 'Structure model' pdbx_initial_refinement_model 
10 5 'Structure model' struct_site                   
11 6 'Structure model' pdbx_entry_details            
12 6 'Structure model' pdbx_modification_feature     
# 
loop_
_pdbx_audit_revision_item.ordinal 
_pdbx_audit_revision_item.revision_ordinal 
_pdbx_audit_revision_item.data_content_type 
_pdbx_audit_revision_item.item 
1  4 'Structure model' '_exptl_crystal_grow.method'                   
2  4 'Structure model' '_pdbx_database_status.recvd_author_approval'  
3  4 'Structure model' '_struct_conn.pdbx_leaving_atom_flag'          
4  5 'Structure model' '_database_2.pdbx_DOI'                         
5  5 'Structure model' '_database_2.pdbx_database_accession'          
6  5 'Structure model' '_pdbx_database_status.status_code_sf'         
7  5 'Structure model' '_struct_site.pdbx_auth_asym_id'               
8  5 'Structure model' '_struct_site.pdbx_auth_comp_id'               
9  5 'Structure model' '_struct_site.pdbx_auth_seq_id'                
10 6 'Structure model' '_pdbx_entry_details.has_protein_modification' 
# 
_pdbx_database_status.status_code                     REL 
_pdbx_database_status.entry_id                        2Y1Y 
_pdbx_database_status.deposit_site                    PDBE 
_pdbx_database_status.process_site                    PDBE 
_pdbx_database_status.SG_entry                        . 
_pdbx_database_status.recvd_initial_deposition_date   2010-12-10 
_pdbx_database_status.pdb_format_compatible           Y 
_pdbx_database_status.status_code_sf                  REL 
_pdbx_database_status.status_code_mr                  ? 
_pdbx_database_status.status_code_cs                  ? 
_pdbx_database_status.methods_development_category    ? 
_pdbx_database_status.status_code_nmr_data            ? 
# 
loop_
_pdbx_database_related.db_name 
_pdbx_database_related.db_id 
_pdbx_database_related.content_type 
_pdbx_database_related.details 
PDB 2WJ7 unspecified 'HUMAN ALPHAB CRYSTALLIN'                          
PDB 2Y22 unspecified 'HUMAN ALPHAB-CRYSTALLIN DOMAIN (RESIDUES 67-157)' 
PDB 2Y1Z unspecified 'HUMAN ALPHAB CRYSTALLIN ACD R120G'                
# 
loop_
_audit_author.name 
_audit_author.pdbx_ordinal 
'Naylor, C.E.' 1 
'Bagneris, C.' 2 
'Clark, A.R.'  3 
'Keep, N.H.'   4 
'Slingsby, C.' 5 
# 
loop_
_citation.id 
_citation.title 
_citation.journal_abbrev 
_citation.journal_volume 
_citation.page_first 
_citation.page_last 
_citation.year 
_citation.journal_id_ASTM 
_citation.country 
_citation.journal_id_ISSN 
_citation.journal_id_CSD 
_citation.book_publisher 
_citation.pdbx_database_id_PubMed 
_citation.pdbx_database_id_DOI 
primary 'Crystal Structure of R120G Disease Mutant of Human Alphab-Crystallin Domain Dimer Shows Closure of a Groove' J.Mol.Biol. 
408 118  ? 2011 JMOBAK UK 0022-2836 0070 ? 21329698 10.1016/J.JMB.2011.02.020 
1       'Crystal Structures of Alpha-Crystallin Domain Dimers of Alphab-Crystallin and Hsp20.'                        J.Mol.Biol. 
392 1242 ? 2009 JMOBAK UK 0022-2836 0070 ? 19646995 10.1016/J.JMB.2009.07.069 
# 
loop_
_citation_author.citation_id 
_citation_author.name 
_citation_author.ordinal 
_citation_author.identifier_ORCID 
primary 'Clark, A.R.'   1  ? 
primary 'Naylor, C.E.'  2  ? 
primary 'Bagneris, C.'  3  ? 
primary 'Keep, N.H.'    4  ? 
primary 'Slingsby, C.'  5  ? 
1       'Bagneris, C.'  6  ? 
1       'Bateman, O.A.' 7  ? 
1       'Naylor, C.E.'  8  ? 
1       'Cronin, N.'    9  ? 
1       'Boelens, W.C.' 10 ? 
1       'Keep, N.H.'    11 ? 
1       'Slingsby, C.'  12 ? 
# 
loop_
_entity.id 
_entity.type 
_entity.src_method 
_entity.pdbx_description 
_entity.formula_weight 
_entity.pdbx_number_of_molecules 
_entity.pdbx_ec 
_entity.pdbx_mutation 
_entity.pdbx_fragment 
_entity.details 
1 polymer     man 'ALPHA-CRYSTALLIN B CHAIN,'     10310.271 1  ? YES 'ALPHA-CRYSTALLIN DOMAIN (ACD), RESIDUES 71-157' 
'SELENOMETHIONE CONTAINING PROTEIN' 
2 non-polymer syn '(4R)-2-METHYLPENTANE-2,4-DIOL' 118.174   1  ? ?   ?                                                ? 
3 water       nat water                           18.015    63 ? ?   ?                                                ? 
# 
_entity_name_com.entity_id   1 
_entity_name_com.name        
;ALPHAB-CRYSTALLIN, ALPHA(B)-CRYSTALLIN, HEAT SHOCK PROTEIN BETA-5, HSPB5, RENAL CARCINOMA ANTIGEN NY-REN-27, ROSENTHAL FIBER COMPONENT
;
# 
_entity_poly.entity_id                      1 
_entity_poly.type                           'polypeptide(L)' 
_entity_poly.nstd_linkage                   no 
_entity_poly.nstd_monomer                   yes 
_entity_poly.pdbx_seq_one_letter_code       
;GA(MSE)EKDRFSVNLDVKHFSPEELKVKVLGDVIEVHGKHEERQDEHGFISREFHRKYRIPADVDPLTITSS(MSE)SS
DGVLTVNGPRKQVSGPER
;
_entity_poly.pdbx_seq_one_letter_code_can   
;GAMEKDRFSVNLDVKHFSPEELKVKVLGDVIEVHGKHEERQDEHGFISREFHRKYRIPADVDPLTITSSMSSDGVLTVNG
PRKQVSGPER
;
_entity_poly.pdbx_strand_id                 A 
_entity_poly.pdbx_target_identifier         ? 
# 
loop_
_pdbx_entity_nonpoly.entity_id 
_pdbx_entity_nonpoly.name 
_pdbx_entity_nonpoly.comp_id 
2 '(4R)-2-METHYLPENTANE-2,4-DIOL' MRD 
3 water                           HOH 
# 
loop_
_entity_poly_seq.entity_id 
_entity_poly_seq.num 
_entity_poly_seq.mon_id 
_entity_poly_seq.hetero 
1 1  GLY n 
1 2  ALA n 
1 3  MSE n 
1 4  GLU n 
1 5  LYS n 
1 6  ASP n 
1 7  ARG n 
1 8  PHE n 
1 9  SER n 
1 10 VAL n 
1 11 ASN n 
1 12 LEU n 
1 13 ASP n 
1 14 VAL n 
1 15 LYS n 
1 16 HIS n 
1 17 PHE n 
1 18 SER n 
1 19 PRO n 
1 20 GLU n 
1 21 GLU n 
1 22 LEU n 
1 23 LYS n 
1 24 VAL n 
1 25 LYS n 
1 26 VAL n 
1 27 LEU n 
1 28 GLY n 
1 29 ASP n 
1 30 VAL n 
1 31 ILE n 
1 32 GLU n 
1 33 VAL n 
1 34 HIS n 
1 35 GLY n 
1 36 LYS n 
1 37 HIS n 
1 38 GLU n 
1 39 GLU n 
1 40 ARG n 
1 41 GLN n 
1 42 ASP n 
1 43 GLU n 
1 44 HIS n 
1 45 GLY n 
1 46 PHE n 
1 47 ILE n 
1 48 SER n 
1 49 ARG n 
1 50 GLU n 
1 51 PHE n 
1 52 HIS n 
1 53 ARG n 
1 54 LYS n 
1 55 TYR n 
1 56 ARG n 
1 57 ILE n 
1 58 PRO n 
1 59 ALA n 
1 60 ASP n 
1 61 VAL n 
1 62 ASP n 
1 63 PRO n 
1 64 LEU n 
1 65 THR n 
1 66 ILE n 
1 67 THR n 
1 68 SER n 
1 69 SER n 
1 70 MSE n 
1 71 SER n 
1 72 SER n 
1 73 ASP n 
1 74 GLY n 
1 75 VAL n 
1 76 LEU n 
1 77 THR n 
1 78 VAL n 
1 79 ASN n 
1 80 GLY n 
1 81 PRO n 
1 82 ARG n 
1 83 LYS n 
1 84 GLN n 
1 85 VAL n 
1 86 SER n 
1 87 GLY n 
1 88 PRO n 
1 89 GLU n 
1 90 ARG n 
# 
_entity_src_gen.entity_id                          1 
_entity_src_gen.pdbx_src_id                        1 
_entity_src_gen.pdbx_alt_source_flag               sample 
_entity_src_gen.pdbx_seq_type                      ? 
_entity_src_gen.pdbx_beg_seq_num                   ? 
_entity_src_gen.pdbx_end_seq_num                   ? 
_entity_src_gen.gene_src_common_name               HUMAN 
_entity_src_gen.gene_src_genus                     ? 
_entity_src_gen.pdbx_gene_src_gene                 ? 
_entity_src_gen.gene_src_species                   ? 
_entity_src_gen.gene_src_strain                    ? 
_entity_src_gen.gene_src_tissue                    ? 
_entity_src_gen.gene_src_tissue_fraction           ? 
_entity_src_gen.gene_src_details                   ? 
_entity_src_gen.pdbx_gene_src_fragment             ? 
_entity_src_gen.pdbx_gene_src_scientific_name      'HOMO SAPIENS' 
_entity_src_gen.pdbx_gene_src_ncbi_taxonomy_id     9606 
_entity_src_gen.pdbx_gene_src_variant              ? 
_entity_src_gen.pdbx_gene_src_cell_line            ? 
_entity_src_gen.pdbx_gene_src_atcc                 ? 
_entity_src_gen.pdbx_gene_src_organ                ? 
_entity_src_gen.pdbx_gene_src_organelle            ? 
_entity_src_gen.pdbx_gene_src_cell                 ? 
_entity_src_gen.pdbx_gene_src_cellular_location    ? 
_entity_src_gen.host_org_common_name               ? 
_entity_src_gen.pdbx_host_org_scientific_name      'ESCHERICHIA COLI' 
_entity_src_gen.pdbx_host_org_ncbi_taxonomy_id     469008 
_entity_src_gen.host_org_genus                     ? 
_entity_src_gen.pdbx_host_org_gene                 ? 
_entity_src_gen.pdbx_host_org_organ                ? 
_entity_src_gen.host_org_species                   ? 
_entity_src_gen.pdbx_host_org_tissue               ? 
_entity_src_gen.pdbx_host_org_tissue_fraction      ? 
_entity_src_gen.pdbx_host_org_strain               'BL21(DE3)' 
_entity_src_gen.pdbx_host_org_variant              ? 
_entity_src_gen.pdbx_host_org_cell_line            ? 
_entity_src_gen.pdbx_host_org_atcc                 ? 
_entity_src_gen.pdbx_host_org_culture_collection   ? 
_entity_src_gen.pdbx_host_org_cell                 ? 
_entity_src_gen.pdbx_host_org_organelle            ? 
_entity_src_gen.pdbx_host_org_cellular_location    ? 
_entity_src_gen.pdbx_host_org_vector_type          PLASMID 
_entity_src_gen.pdbx_host_org_vector               'PPROEX HT(B)' 
_entity_src_gen.host_org_details                   ? 
_entity_src_gen.expression_system_id               ? 
_entity_src_gen.plasmid_name                       ? 
_entity_src_gen.plasmid_details                    ? 
_entity_src_gen.pdbx_description                   ? 
# 
loop_
_chem_comp.id 
_chem_comp.type 
_chem_comp.mon_nstd_flag 
_chem_comp.name 
_chem_comp.pdbx_synonyms 
_chem_comp.formula 
_chem_comp.formula_weight 
ALA 'L-peptide linking' y ALANINE                         ? 'C3 H7 N O2'     89.093  
ARG 'L-peptide linking' y ARGININE                        ? 'C6 H15 N4 O2 1' 175.209 
ASN 'L-peptide linking' y ASPARAGINE                      ? 'C4 H8 N2 O3'    132.118 
ASP 'L-peptide linking' y 'ASPARTIC ACID'                 ? 'C4 H7 N O4'     133.103 
GLN 'L-peptide linking' y GLUTAMINE                       ? 'C5 H10 N2 O3'   146.144 
GLU 'L-peptide linking' y 'GLUTAMIC ACID'                 ? 'C5 H9 N O4'     147.129 
GLY 'peptide linking'   y GLYCINE                         ? 'C2 H5 N O2'     75.067  
HIS 'L-peptide linking' y HISTIDINE                       ? 'C6 H10 N3 O2 1' 156.162 
HOH non-polymer         . WATER                           ? 'H2 O'           18.015  
ILE 'L-peptide linking' y ISOLEUCINE                      ? 'C6 H13 N O2'    131.173 
LEU 'L-peptide linking' y LEUCINE                         ? 'C6 H13 N O2'    131.173 
LYS 'L-peptide linking' y LYSINE                          ? 'C6 H15 N2 O2 1' 147.195 
MRD non-polymer         . '(4R)-2-METHYLPENTANE-2,4-DIOL' ? 'C6 H14 O2'      118.174 
MSE 'L-peptide linking' n SELENOMETHIONINE                ? 'C5 H11 N O2 Se' 196.106 
PHE 'L-peptide linking' y PHENYLALANINE                   ? 'C9 H11 N O2'    165.189 
PRO 'L-peptide linking' y PROLINE                         ? 'C5 H9 N O2'     115.130 
SER 'L-peptide linking' y SERINE                          ? 'C3 H7 N O3'     105.093 
THR 'L-peptide linking' y THREONINE                       ? 'C4 H9 N O3'     119.119 
TYR 'L-peptide linking' y TYROSINE                        ? 'C9 H11 N O3'    181.189 
VAL 'L-peptide linking' y VALINE                          ? 'C5 H11 N O2'    117.146 
# 
loop_
_pdbx_poly_seq_scheme.asym_id 
_pdbx_poly_seq_scheme.entity_id 
_pdbx_poly_seq_scheme.seq_id 
_pdbx_poly_seq_scheme.mon_id 
_pdbx_poly_seq_scheme.ndb_seq_num 
_pdbx_poly_seq_scheme.pdb_seq_num 
_pdbx_poly_seq_scheme.auth_seq_num 
_pdbx_poly_seq_scheme.pdb_mon_id 
_pdbx_poly_seq_scheme.auth_mon_id 
_pdbx_poly_seq_scheme.pdb_strand_id 
_pdbx_poly_seq_scheme.pdb_ins_code 
_pdbx_poly_seq_scheme.hetero 
A 1 1  GLY 1  68  ?   ?   ?   A . n 
A 1 2  ALA 2  69  ?   ?   ?   A . n 
A 1 3  MSE 3  70  ?   ?   ?   A . n 
A 1 4  GLU 4  71  ?   ?   ?   A . n 
A 1 5  LYS 5  72  ?   ?   ?   A . n 
A 1 6  ASP 6  73  73  ASP ASP A . n 
A 1 7  ARG 7  74  74  ARG ARG A . n 
A 1 8  PHE 8  75  75  PHE PHE A . n 
A 1 9  SER 9  76  76  SER SER A . n 
A 1 10 VAL 10 77  77  VAL VAL A . n 
A 1 11 ASN 11 78  78  ASN ASN A . n 
A 1 12 LEU 12 79  79  LEU LEU A . n 
A 1 13 ASP 13 80  80  ASP ASP A . n 
A 1 14 VAL 14 81  81  VAL VAL A . n 
A 1 15 LYS 15 82  82  LYS LYS A . n 
A 1 16 HIS 16 83  83  HIS HIS A . n 
A 1 17 PHE 17 84  84  PHE PHE A . n 
A 1 18 SER 18 85  85  SER SER A . n 
A 1 19 PRO 19 86  86  PRO PRO A . n 
A 1 20 GLU 20 87  87  GLU GLU A . n 
A 1 21 GLU 21 88  88  GLU GLU A . n 
A 1 22 LEU 22 89  89  LEU LEU A . n 
A 1 23 LYS 23 90  90  LYS LYS A . n 
A 1 24 VAL 24 91  91  VAL VAL A . n 
A 1 25 LYS 25 92  92  LYS LYS A . n 
A 1 26 VAL 26 93  93  VAL VAL A . n 
A 1 27 LEU 27 94  94  LEU LEU A . n 
A 1 28 GLY 28 95  95  GLY GLY A . n 
A 1 29 ASP 29 96  96  ASP ASP A . n 
A 1 30 VAL 30 97  97  VAL VAL A . n 
A 1 31 ILE 31 98  98  ILE ILE A . n 
A 1 32 GLU 32 99  99  GLU GLU A . n 
A 1 33 VAL 33 100 100 VAL VAL A . n 
A 1 34 HIS 34 101 101 HIS HIS A . n 
A 1 35 GLY 35 102 102 GLY GLY A . n 
A 1 36 LYS 36 103 103 LYS LYS A . n 
A 1 37 HIS 37 104 104 HIS HIS A . n 
A 1 38 GLU 38 105 105 GLU GLU A . n 
A 1 39 GLU 39 106 106 GLU GLU A . n 
A 1 40 ARG 40 107 107 ARG ARG A . n 
A 1 41 GLN 41 108 108 GLN GLN A . n 
A 1 42 ASP 42 109 109 ASP ASP A . n 
A 1 43 GLU 43 110 110 GLU GLU A . n 
A 1 44 HIS 44 111 111 HIS HIS A . n 
A 1 45 GLY 45 112 112 GLY GLY A . n 
A 1 46 PHE 46 113 113 PHE PHE A . n 
A 1 47 ILE 47 114 114 ILE ILE A . n 
A 1 48 SER 48 115 115 SER SER A . n 
A 1 49 ARG 49 116 116 ARG ARG A . n 
A 1 50 GLU 50 117 117 GLU GLU A . n 
A 1 51 PHE 51 118 118 PHE PHE A . n 
A 1 52 HIS 52 119 119 HIS HIS A . n 
A 1 53 ARG 53 120 120 ARG ARG A . n 
A 1 54 LYS 54 121 121 LYS LYS A . n 
A 1 55 TYR 55 122 122 TYR TYR A . n 
A 1 56 ARG 56 123 123 ARG ARG A . n 
A 1 57 ILE 57 124 124 ILE ILE A . n 
A 1 58 PRO 58 125 125 PRO PRO A . n 
A 1 59 ALA 59 126 126 ALA ALA A . n 
A 1 60 ASP 60 127 127 ASP ASP A . n 
A 1 61 VAL 61 128 128 VAL VAL A . n 
A 1 62 ASP 62 129 129 ASP ASP A . n 
A 1 63 PRO 63 130 130 PRO PRO A . n 
A 1 64 LEU 64 131 131 LEU LEU A . n 
A 1 65 THR 65 132 132 THR THR A . n 
A 1 66 ILE 66 133 133 ILE ILE A . n 
A 1 67 THR 67 134 134 THR THR A . n 
A 1 68 SER 68 135 135 SER SER A . n 
A 1 69 SER 69 136 136 SER SER A . n 
A 1 70 MSE 70 137 137 MSE MSE A . n 
A 1 71 SER 71 138 138 SER SER A . n 
A 1 72 SER 72 139 139 SER SER A . n 
A 1 73 ASP 73 140 140 ASP ASP A . n 
A 1 74 GLY 74 141 141 GLY GLY A . n 
A 1 75 VAL 75 142 142 VAL VAL A . n 
A 1 76 LEU 76 143 143 LEU LEU A . n 
A 1 77 THR 77 144 144 THR THR A . n 
A 1 78 VAL 78 145 145 VAL VAL A . n 
A 1 79 ASN 79 146 146 ASN ASN A . n 
A 1 80 GLY 80 147 147 GLY GLY A . n 
A 1 81 PRO 81 148 148 PRO PRO A . n 
A 1 82 ARG 82 149 149 ARG ARG A . n 
A 1 83 LYS 83 150 150 LYS LYS A . n 
A 1 84 GLN 84 151 ?   ?   ?   A . n 
A 1 85 VAL 85 152 ?   ?   ?   A . n 
A 1 86 SER 86 153 ?   ?   ?   A . n 
A 1 87 GLY 87 154 ?   ?   ?   A . n 
A 1 88 PRO 88 155 ?   ?   ?   A . n 
A 1 89 GLU 89 156 ?   ?   ?   A . n 
A 1 90 ARG 90 157 ?   ?   ?   A . n 
# 
loop_
_pdbx_nonpoly_scheme.asym_id 
_pdbx_nonpoly_scheme.entity_id 
_pdbx_nonpoly_scheme.mon_id 
_pdbx_nonpoly_scheme.ndb_seq_num 
_pdbx_nonpoly_scheme.pdb_seq_num 
_pdbx_nonpoly_scheme.auth_seq_num 
_pdbx_nonpoly_scheme.pdb_mon_id 
_pdbx_nonpoly_scheme.auth_mon_id 
_pdbx_nonpoly_scheme.pdb_strand_id 
_pdbx_nonpoly_scheme.pdb_ins_code 
B 2 MRD 1  1151 1151 MRD MRD A . 
C 3 HOH 1  2001 2001 HOH HOH A . 
C 3 HOH 2  2002 2002 HOH HOH A . 
C 3 HOH 3  2003 2003 HOH HOH A . 
C 3 HOH 4  2004 2004 HOH HOH A . 
C 3 HOH 5  2005 2005 HOH HOH A . 
C 3 HOH 6  2006 2006 HOH HOH A . 
C 3 HOH 7  2007 2007 HOH HOH A . 
C 3 HOH 8  2008 2008 HOH HOH A . 
C 3 HOH 9  2009 2009 HOH HOH A . 
C 3 HOH 10 2010 2010 HOH HOH A . 
C 3 HOH 11 2011 2011 HOH HOH A . 
C 3 HOH 12 2012 2012 HOH HOH A . 
C 3 HOH 13 2013 2013 HOH HOH A . 
C 3 HOH 14 2014 2014 HOH HOH A . 
C 3 HOH 15 2015 2015 HOH HOH A . 
C 3 HOH 16 2016 2016 HOH HOH A . 
C 3 HOH 17 2017 2017 HOH HOH A . 
C 3 HOH 18 2018 2018 HOH HOH A . 
C 3 HOH 19 2019 2019 HOH HOH A . 
C 3 HOH 20 2020 2020 HOH HOH A . 
C 3 HOH 21 2021 2021 HOH HOH A . 
C 3 HOH 22 2022 2022 HOH HOH A . 
C 3 HOH 23 2023 2023 HOH HOH A . 
C 3 HOH 24 2024 2024 HOH HOH A . 
C 3 HOH 25 2025 2025 HOH HOH A . 
C 3 HOH 26 2026 2026 HOH HOH A . 
C 3 HOH 27 2027 2027 HOH HOH A . 
C 3 HOH 28 2028 2028 HOH HOH A . 
C 3 HOH 29 2029 2029 HOH HOH A . 
C 3 HOH 30 2030 2030 HOH HOH A . 
C 3 HOH 31 2031 2031 HOH HOH A . 
C 3 HOH 32 2032 2032 HOH HOH A . 
C 3 HOH 33 2033 2033 HOH HOH A . 
C 3 HOH 34 2034 2034 HOH HOH A . 
C 3 HOH 35 2035 2035 HOH HOH A . 
C 3 HOH 36 2036 2036 HOH HOH A . 
C 3 HOH 37 2037 2037 HOH HOH A . 
C 3 HOH 38 2038 2038 HOH HOH A . 
C 3 HOH 39 2039 2039 HOH HOH A . 
C 3 HOH 40 2040 2040 HOH HOH A . 
C 3 HOH 41 2041 2041 HOH HOH A . 
C 3 HOH 42 2042 2042 HOH HOH A . 
C 3 HOH 43 2043 2043 HOH HOH A . 
C 3 HOH 44 2044 2044 HOH HOH A . 
C 3 HOH 45 2045 2045 HOH HOH A . 
C 3 HOH 46 2046 2046 HOH HOH A . 
C 3 HOH 47 2047 2047 HOH HOH A . 
C 3 HOH 48 2048 2048 HOH HOH A . 
C 3 HOH 49 2049 2049 HOH HOH A . 
C 3 HOH 50 2050 2050 HOH HOH A . 
C 3 HOH 51 2051 2051 HOH HOH A . 
C 3 HOH 52 2052 2052 HOH HOH A . 
C 3 HOH 53 2053 2053 HOH HOH A . 
C 3 HOH 54 2054 2054 HOH HOH A . 
C 3 HOH 55 2055 2055 HOH HOH A . 
C 3 HOH 56 2056 2056 HOH HOH A . 
C 3 HOH 57 2057 2057 HOH HOH A . 
C 3 HOH 58 2058 2058 HOH HOH A . 
C 3 HOH 59 2059 2059 HOH HOH A . 
C 3 HOH 60 2060 2060 HOH HOH A . 
C 3 HOH 61 2061 2061 HOH HOH A . 
C 3 HOH 62 2062 2062 HOH HOH A . 
C 3 HOH 63 2063 2063 HOH HOH A . 
# 
loop_
_pdbx_unobs_or_zero_occ_atoms.id 
_pdbx_unobs_or_zero_occ_atoms.PDB_model_num 
_pdbx_unobs_or_zero_occ_atoms.polymer_flag 
_pdbx_unobs_or_zero_occ_atoms.occupancy_flag 
_pdbx_unobs_or_zero_occ_atoms.auth_asym_id 
_pdbx_unobs_or_zero_occ_atoms.auth_comp_id 
_pdbx_unobs_or_zero_occ_atoms.auth_seq_id 
_pdbx_unobs_or_zero_occ_atoms.PDB_ins_code 
_pdbx_unobs_or_zero_occ_atoms.auth_atom_id 
_pdbx_unobs_or_zero_occ_atoms.label_alt_id 
_pdbx_unobs_or_zero_occ_atoms.label_asym_id 
_pdbx_unobs_or_zero_occ_atoms.label_comp_id 
_pdbx_unobs_or_zero_occ_atoms.label_seq_id 
_pdbx_unobs_or_zero_occ_atoms.label_atom_id 
1  1 Y 1 A ARG 74  ? CD  ? A ARG 7  CD  
2  1 Y 1 A ARG 74  ? NE  ? A ARG 7  NE  
3  1 Y 1 A ARG 74  ? CZ  ? A ARG 7  CZ  
4  1 Y 1 A ARG 74  ? NH1 ? A ARG 7  NH1 
5  1 Y 1 A ARG 74  ? NH2 ? A ARG 7  NH2 
6  1 Y 1 A GLU 87  ? CD  ? A GLU 20 CD  
7  1 Y 1 A GLU 87  ? OE1 ? A GLU 20 OE1 
8  1 Y 1 A GLU 87  ? OE2 ? A GLU 20 OE2 
9  1 Y 1 A LYS 90  ? CG  ? A LYS 23 CG  
10 1 Y 1 A LYS 90  ? CD  ? A LYS 23 CD  
11 1 Y 1 A LYS 90  ? CE  ? A LYS 23 CE  
12 1 Y 1 A LYS 90  ? NZ  ? A LYS 23 NZ  
13 1 Y 1 A LYS 92  ? CD  ? A LYS 25 CD  
14 1 Y 1 A LYS 92  ? CE  ? A LYS 25 CE  
15 1 Y 1 A LYS 92  ? NZ  ? A LYS 25 NZ  
16 1 Y 1 A LEU 94  ? CG  ? A LEU 27 CG  
17 1 Y 1 A LEU 94  ? CD1 ? A LEU 27 CD1 
18 1 Y 1 A LEU 94  ? CD2 ? A LEU 27 CD2 
19 1 Y 1 A LYS 103 ? NZ  ? A LYS 36 NZ  
20 1 Y 1 A ARG 123 ? NE  ? A ARG 56 NE  
21 1 Y 1 A ARG 123 ? CZ  ? A ARG 56 CZ  
22 1 Y 1 A ARG 123 ? NH1 ? A ARG 56 NH1 
23 1 Y 1 A ARG 123 ? NH2 ? A ARG 56 NH2 
24 1 Y 1 A LYS 150 ? CD  ? A LYS 83 CD  
25 1 Y 1 A LYS 150 ? CE  ? A LYS 83 CE  
26 1 Y 1 A LYS 150 ? NZ  ? A LYS 83 NZ  
# 
loop_
_software.name 
_software.classification 
_software.version 
_software.citation_id 
_software.pdbx_ordinal 
PHENIX refinement       '(PHENIX.REFINE)' ? 1 
MOSFLM 'data reduction' .                 ? 2 
SCALA  'data scaling'   .                 ? 3 
PHASER phasing          .                 ? 4 
# 
_cell.entry_id           2Y1Y 
_cell.length_a           36.030 
_cell.length_b           36.030 
_cell.length_c           148.320 
_cell.angle_alpha        90.00 
_cell.angle_beta         90.00 
_cell.angle_gamma        90.00 
_cell.Z_PDB              8 
_cell.pdbx_unique_axis   ? 
# 
_symmetry.entry_id                         2Y1Y 
_symmetry.space_group_name_H-M             'P 43 2 2' 
_symmetry.pdbx_full_space_group_name_H-M   ? 
_symmetry.cell_setting                     ? 
_symmetry.Int_Tables_number                95 
# 
_exptl.entry_id          2Y1Y 
_exptl.method            'X-RAY DIFFRACTION' 
_exptl.crystals_number   1 
# 
_exptl_crystal.id                    1 
_exptl_crystal.density_meas          ? 
_exptl_crystal.density_Matthews      1.99 
_exptl_crystal.density_percent_sol   38 
_exptl_crystal.description           NONE 
# 
_exptl_crystal_grow.crystal_id      1 
_exptl_crystal_grow.method          'VAPOR DIFFUSION, SITTING DROP' 
_exptl_crystal_grow.temp            ? 
_exptl_crystal_grow.temp_details    ? 
_exptl_crystal_grow.pH              9 
_exptl_crystal_grow.pdbx_pH_range   ? 
_exptl_crystal_grow.pdbx_details    
;SITTING DROPS, 20 MG/ML PROTEIN IN 25 MM TRIS, PH8.5, 200 MM NACL. EQUILIBRATED AGAINST MOTHER LIQUOR OF 110 MM BICINE, PH 9.0, 40% MPD
;
# 
_diffrn.id                     1 
_diffrn.ambient_temp           100 
_diffrn.ambient_temp_details   ? 
_diffrn.crystal_id             1 
# 
_diffrn_detector.diffrn_id              1 
_diffrn_detector.detector               CCD 
_diffrn_detector.type                   'ADSC CCD' 
_diffrn_detector.pdbx_collection_date   2009-05-09 
_diffrn_detector.details                MIRRORS 
# 
_diffrn_radiation.diffrn_id                        1 
_diffrn_radiation.wavelength_id                    1 
_diffrn_radiation.pdbx_monochromatic_or_laue_m_l   M 
_diffrn_radiation.monochromator                    'DOUBLE SI CRYSTAL' 
_diffrn_radiation.pdbx_diffrn_protocol             'SINGLE WAVELENGTH' 
_diffrn_radiation.pdbx_scattering_type             x-ray 
# 
_diffrn_radiation_wavelength.id           1 
_diffrn_radiation_wavelength.wavelength   0.9794 
_diffrn_radiation_wavelength.wt           1.0 
# 
_diffrn_source.diffrn_id                   1 
_diffrn_source.source                      SYNCHROTRON 
_diffrn_source.type                        'DIAMOND BEAMLINE I02' 
_diffrn_source.pdbx_synchrotron_site       Diamond 
_diffrn_source.pdbx_synchrotron_beamline   I02 
_diffrn_source.pdbx_wavelength             0.9794 
_diffrn_source.pdbx_wavelength_list        ? 
# 
_reflns.pdbx_diffrn_id               1 
_reflns.pdbx_ordinal                 1 
_reflns.entry_id                     2Y1Y 
_reflns.observed_criterion_sigma_I   0.0 
_reflns.observed_criterion_sigma_F   ? 
_reflns.d_resolution_low             35.01 
_reflns.d_resolution_high            2.00 
_reflns.number_obs                   7272 
_reflns.number_all                   ? 
_reflns.percent_possible_obs         100.0 
_reflns.pdbx_Rmerge_I_obs            0.10 
_reflns.pdbx_Rsym_value              ? 
_reflns.pdbx_netI_over_sigmaI        25.60 
_reflns.B_iso_Wilson_estimate        21.4 
_reflns.pdbx_redundancy              25.4 
# 
_reflns_shell.pdbx_diffrn_id         1 
_reflns_shell.pdbx_ordinal           1 
_reflns_shell.d_res_high             2.00 
_reflns_shell.d_res_low              2.11 
_reflns_shell.percent_possible_all   100.0 
_reflns_shell.Rmerge_I_obs           0.32 
_reflns_shell.pdbx_Rsym_value        ? 
_reflns_shell.meanI_over_sigI_obs    11.60 
_reflns_shell.pdbx_redundancy        26.8 
# 
_refine.pdbx_refine_id                           'X-RAY DIFFRACTION' 
_refine.entry_id                                 2Y1Y 
_refine.pdbx_diffrn_id                           1 
_refine.pdbx_TLS_residual_ADP_flag               ? 
_refine.ls_number_reflns_obs                     7272 
_refine.ls_number_reflns_all                     ? 
_refine.pdbx_ls_sigma_I                          ? 
_refine.pdbx_ls_sigma_F                          1.37 
_refine.pdbx_data_cutoff_high_absF               ? 
_refine.pdbx_data_cutoff_low_absF                ? 
_refine.pdbx_data_cutoff_high_rms_absF           ? 
_refine.ls_d_res_low                             35.012 
_refine.ls_d_res_high                            2.000 
_refine.ls_percent_reflns_obs                    99.83 
_refine.ls_R_factor_obs                          0.2051 
_refine.ls_R_factor_all                          ? 
_refine.ls_R_factor_R_work                       0.2044 
_refine.ls_R_factor_R_free                       0.2211 
_refine.ls_R_factor_R_free_error                 ? 
_refine.ls_R_factor_R_free_error_details         ? 
_refine.ls_percent_reflns_R_free                 4.7 
_refine.ls_number_reflns_R_free                  588 
_refine.ls_number_parameters                     ? 
_refine.ls_number_restraints                     ? 
_refine.occupancy_min                            ? 
_refine.occupancy_max                            ? 
_refine.correlation_coeff_Fo_to_Fc               ? 
_refine.correlation_coeff_Fo_to_Fc_free          ? 
_refine.B_iso_mean                               33.6 
_refine.aniso_B[1][1]                            3.1894 
_refine.aniso_B[2][2]                            3.1894 
_refine.aniso_B[3][3]                            -6.3788 
_refine.aniso_B[1][2]                            0.0000 
_refine.aniso_B[1][3]                            -0.0000 
_refine.aniso_B[2][3]                            0.0000 
_refine.solvent_model_details                    'FLAT BULK SOLVENT MODEL' 
_refine.solvent_model_param_ksol                 0.342 
_refine.solvent_model_param_bsol                 54.580 
_refine.pdbx_solvent_vdw_probe_radii             1.11 
_refine.pdbx_solvent_ion_probe_radii             ? 
_refine.pdbx_solvent_shrinkage_radii             0.90 
_refine.pdbx_ls_cross_valid_method               ? 
_refine.details                                  ? 
_refine.pdbx_starting_model                      'PDB ENTRY 2WJ7' 
_refine.pdbx_method_to_determine_struct          'MOLECULAR REPLACEMENT' 
_refine.pdbx_isotropic_thermal_model             ? 
_refine.pdbx_stereochemistry_target_values       ML 
_refine.pdbx_stereochem_target_val_spec_case     ? 
_refine.pdbx_R_Free_selection_details            ? 
_refine.pdbx_overall_ESU_R                       ? 
_refine.pdbx_overall_ESU_R_Free                  ? 
_refine.overall_SU_ML                            0.22 
_refine.pdbx_overall_phase_error                 18.40 
_refine.overall_SU_B                             ? 
_refine.overall_SU_R_Cruickshank_DPI             ? 
_refine.pdbx_overall_SU_R_free_Cruickshank_DPI   ? 
_refine.pdbx_overall_SU_R_Blow_DPI               ? 
_refine.pdbx_overall_SU_R_free_Blow_DPI          ? 
# 
_refine_hist.pdbx_refine_id                   'X-RAY DIFFRACTION' 
_refine_hist.cycle_id                         LAST 
_refine_hist.pdbx_number_atoms_protein        603 
_refine_hist.pdbx_number_atoms_nucleic_acid   0 
_refine_hist.pdbx_number_atoms_ligand         8 
_refine_hist.number_atoms_solvent             63 
_refine_hist.number_atoms_total               674 
_refine_hist.d_res_high                       2.000 
_refine_hist.d_res_low                        35.012 
# 
loop_
_refine_ls_restr.type 
_refine_ls_restr.dev_ideal 
_refine_ls_restr.dev_ideal_target 
_refine_ls_restr.weight 
_refine_ls_restr.number 
_refine_ls_restr.pdbx_refine_id 
_refine_ls_restr.pdbx_restraint_function 
f_bond_d           0.003  ? ? 638 'X-RAY DIFFRACTION' ? 
f_angle_d          0.673  ? ? 866 'X-RAY DIFFRACTION' ? 
f_dihedral_angle_d 14.180 ? ? 240 'X-RAY DIFFRACTION' ? 
f_chiral_restr     0.049  ? ? 95  'X-RAY DIFFRACTION' ? 
f_plane_restr      0.003  ? ? 114 'X-RAY DIFFRACTION' ? 
# 
loop_
_refine_ls_shell.pdbx_refine_id 
_refine_ls_shell.pdbx_total_number_of_bins_used 
_refine_ls_shell.d_res_high 
_refine_ls_shell.d_res_low 
_refine_ls_shell.number_reflns_R_work 
_refine_ls_shell.R_factor_R_work 
_refine_ls_shell.percent_reflns_obs 
_refine_ls_shell.R_factor_R_free 
_refine_ls_shell.R_factor_R_free_error 
_refine_ls_shell.percent_reflns_R_free 
_refine_ls_shell.number_reflns_R_free 
_refine_ls_shell.number_reflns_all 
_refine_ls_shell.R_factor_all 
'X-RAY DIFFRACTION' . 2.0000 2.2013  2971 0.1848 100.00 0.1808 . . 158 . . 
'X-RAY DIFFRACTION' . 2.2013 2.5197  3034 0.1998 100.00 0.2492 . . 123 . . 
'X-RAY DIFFRACTION' . 2.5197 3.1743  3005 0.2091 100.00 0.2484 . . 145 . . 
'X-RAY DIFFRACTION' . 3.1743 35.0171 2984 0.2055 100.00 0.2093 . . 162 . . 
# 
_struct.entry_id                  2Y1Y 
_struct.title                     'Human alphaB crystallin ACD(residues 71-157)' 
_struct.pdbx_model_details        ? 
_struct.pdbx_CASP_flag            ? 
_struct.pdbx_model_type_details   ? 
# 
_struct_keywords.entry_id        2Y1Y 
_struct_keywords.pdbx_keywords   CHAPERONE 
_struct_keywords.text            'SMALL HEAT SHOCK PROTEIN, CHAPERONE, STRESS PROTEIN, EYE LENS PROTEIN, CATARACT' 
# 
loop_
_struct_asym.id 
_struct_asym.pdbx_blank_PDB_chainid_flag 
_struct_asym.pdbx_modified 
_struct_asym.entity_id 
_struct_asym.details 
A N N 1 ? 
B N N 2 ? 
C N N 3 ? 
# 
_struct_ref.id                         1 
_struct_ref.db_name                    UNP 
_struct_ref.db_code                    CRYAB_HUMAN 
_struct_ref.entity_id                  1 
_struct_ref.pdbx_seq_one_letter_code   ? 
_struct_ref.pdbx_align_begin           ? 
_struct_ref.pdbx_db_accession          P02511 
_struct_ref.pdbx_db_isoform            ? 
# 
_struct_ref_seq.align_id                      1 
_struct_ref_seq.ref_id                        1 
_struct_ref_seq.pdbx_PDB_id_code              2Y1Y 
_struct_ref_seq.pdbx_strand_id                A 
_struct_ref_seq.seq_align_beg                 4 
_struct_ref_seq.pdbx_seq_align_beg_ins_code   ? 
_struct_ref_seq.seq_align_end                 90 
_struct_ref_seq.pdbx_seq_align_end_ins_code   ? 
_struct_ref_seq.pdbx_db_accession             P02511 
_struct_ref_seq.db_align_beg                  71 
_struct_ref_seq.pdbx_db_align_beg_ins_code    ? 
_struct_ref_seq.db_align_end                  157 
_struct_ref_seq.pdbx_db_align_end_ins_code    ? 
_struct_ref_seq.pdbx_auth_seq_align_beg       71 
_struct_ref_seq.pdbx_auth_seq_align_end       157 
# 
loop_
_struct_ref_seq_dif.align_id 
_struct_ref_seq_dif.pdbx_pdb_id_code 
_struct_ref_seq_dif.mon_id 
_struct_ref_seq_dif.pdbx_pdb_strand_id 
_struct_ref_seq_dif.seq_num 
_struct_ref_seq_dif.pdbx_pdb_ins_code 
_struct_ref_seq_dif.pdbx_seq_db_name 
_struct_ref_seq_dif.pdbx_seq_db_accession_code 
_struct_ref_seq_dif.db_mon_id 
_struct_ref_seq_dif.pdbx_seq_db_seq_num 
_struct_ref_seq_dif.details 
_struct_ref_seq_dif.pdbx_auth_seq_num 
_struct_ref_seq_dif.pdbx_ordinal 
1 2Y1Y GLY A 1  ? UNP P02511 ?   ?   'expression tag'      68  1 
1 2Y1Y ALA A 2  ? UNP P02511 ?   ?   'expression tag'      69  2 
1 2Y1Y MSE A 3  ? UNP P02511 ?   ?   'expression tag'      70  3 
1 2Y1Y MSE A 70 ? UNP P02511 LEU 137 'engineered mutation' 137 4 
# 
_pdbx_struct_assembly.id                   1 
_pdbx_struct_assembly.details              author_and_software_defined_assembly 
_pdbx_struct_assembly.method_details       PISA 
_pdbx_struct_assembly.oligomeric_details   dimeric 
_pdbx_struct_assembly.oligomeric_count     2 
# 
loop_
_pdbx_struct_assembly_prop.biol_id 
_pdbx_struct_assembly_prop.type 
_pdbx_struct_assembly_prop.value 
_pdbx_struct_assembly_prop.details 
1 'ABSA (A^2)' 1490  ? 
1 MORE         -33.1 ? 
1 'SSA (A^2)'  9540  ? 
# 
_pdbx_struct_assembly_gen.assembly_id       1 
_pdbx_struct_assembly_gen.oper_expression   1,2 
_pdbx_struct_assembly_gen.asym_id_list      A,B,C 
# 
loop_
_pdbx_struct_oper_list.id 
_pdbx_struct_oper_list.type 
_pdbx_struct_oper_list.name 
_pdbx_struct_oper_list.symmetry_operation 
_pdbx_struct_oper_list.matrix[1][1] 
_pdbx_struct_oper_list.matrix[1][2] 
_pdbx_struct_oper_list.matrix[1][3] 
_pdbx_struct_oper_list.vector[1] 
_pdbx_struct_oper_list.matrix[2][1] 
_pdbx_struct_oper_list.matrix[2][2] 
_pdbx_struct_oper_list.matrix[2][3] 
_pdbx_struct_oper_list.vector[2] 
_pdbx_struct_oper_list.matrix[3][1] 
_pdbx_struct_oper_list.matrix[3][2] 
_pdbx_struct_oper_list.matrix[3][3] 
_pdbx_struct_oper_list.vector[3] 
1 'identity operation'         1_555 x,y,z     1.0000000000  0.0000000000 0.0000000000  0.0000000000  0.0000000000 1.0000000000 0.0000000000  0.0000000000 0.0000000000  0.0000000000  1.0000000000  0.0000000000  
2 'crystal symmetry operation' 5_455 -x-1,y,-z -0.9868159497 0.1549168574 -0.0468513477 14.0642551649 0.1549168574 0.8203232007 -0.5505184954 3.2790324179 -0.0468513477 -0.5505184954 -0.8335072510 14.8000277311 
# 
_struct_biol.id   1 
# 
loop_
_struct_conf.conf_type_id 
_struct_conf.id 
_struct_conf.pdbx_PDB_helix_id 
_struct_conf.beg_label_comp_id 
_struct_conf.beg_label_asym_id 
_struct_conf.beg_label_seq_id 
_struct_conf.pdbx_beg_PDB_ins_code 
_struct_conf.end_label_comp_id 
_struct_conf.end_label_asym_id 
_struct_conf.end_label_seq_id 
_struct_conf.pdbx_end_PDB_ins_code 
_struct_conf.beg_auth_comp_id 
_struct_conf.beg_auth_asym_id 
_struct_conf.beg_auth_seq_id 
_struct_conf.end_auth_comp_id 
_struct_conf.end_auth_asym_id 
_struct_conf.end_auth_seq_id 
_struct_conf.pdbx_PDB_helix_class 
_struct_conf.details 
_struct_conf.pdbx_PDB_helix_length 
HELX_P HELX_P1 1 SER A 18 ? GLU A 20 ? SER A 85  GLU A 87  5 ? 3 
HELX_P HELX_P2 2 ASP A 62 ? ILE A 66 ? ASP A 129 ILE A 133 5 ? 5 
# 
_struct_conf_type.id          HELX_P 
_struct_conf_type.criteria    ? 
_struct_conf_type.reference   ? 
# 
loop_
_struct_conn.id 
_struct_conn.conn_type_id 
_struct_conn.pdbx_leaving_atom_flag 
_struct_conn.pdbx_PDB_id 
_struct_conn.ptnr1_label_asym_id 
_struct_conn.ptnr1_label_comp_id 
_struct_conn.ptnr1_label_seq_id 
_struct_conn.ptnr1_label_atom_id 
_struct_conn.pdbx_ptnr1_label_alt_id 
_struct_conn.pdbx_ptnr1_PDB_ins_code 
_struct_conn.pdbx_ptnr1_standard_comp_id 
_struct_conn.ptnr1_symmetry 
_struct_conn.ptnr2_label_asym_id 
_struct_conn.ptnr2_label_comp_id 
_struct_conn.ptnr2_label_seq_id 
_struct_conn.ptnr2_label_atom_id 
_struct_conn.pdbx_ptnr2_label_alt_id 
_struct_conn.pdbx_ptnr2_PDB_ins_code 
_struct_conn.ptnr1_auth_asym_id 
_struct_conn.ptnr1_auth_comp_id 
_struct_conn.ptnr1_auth_seq_id 
_struct_conn.ptnr2_auth_asym_id 
_struct_conn.ptnr2_auth_comp_id 
_struct_conn.ptnr2_auth_seq_id 
_struct_conn.ptnr2_symmetry 
_struct_conn.pdbx_ptnr3_label_atom_id 
_struct_conn.pdbx_ptnr3_label_seq_id 
_struct_conn.pdbx_ptnr3_label_comp_id 
_struct_conn.pdbx_ptnr3_label_asym_id 
_struct_conn.pdbx_ptnr3_label_alt_id 
_struct_conn.pdbx_ptnr3_PDB_ins_code 
_struct_conn.details 
_struct_conn.pdbx_dist_value 
_struct_conn.pdbx_value_order 
_struct_conn.pdbx_role 
covale1 covale both ? A SER 69 C ? ? ? 1_555 A MSE 70 N ? ? A SER 136 A MSE 137 1_555 ? ? ? ? ? ? ? 1.325 ? ? 
covale2 covale both ? A MSE 70 C ? ? ? 1_555 A SER 71 N ? ? A MSE 137 A SER 138 1_555 ? ? ? ? ? ? ? 1.329 ? ? 
# 
_struct_conn_type.id          covale 
_struct_conn_type.criteria    ? 
_struct_conn_type.reference   ? 
# 
_pdbx_modification_feature.ordinal                            1 
_pdbx_modification_feature.label_comp_id                      MSE 
_pdbx_modification_feature.label_asym_id                      A 
_pdbx_modification_feature.label_seq_id                       70 
_pdbx_modification_feature.label_alt_id                       ? 
_pdbx_modification_feature.modified_residue_label_comp_id     . 
_pdbx_modification_feature.modified_residue_label_asym_id     . 
_pdbx_modification_feature.modified_residue_label_seq_id      . 
_pdbx_modification_feature.modified_residue_label_alt_id      . 
_pdbx_modification_feature.auth_comp_id                       MSE 
_pdbx_modification_feature.auth_asym_id                       A 
_pdbx_modification_feature.auth_seq_id                        137 
_pdbx_modification_feature.PDB_ins_code                       ? 
_pdbx_modification_feature.symmetry                           1_555 
_pdbx_modification_feature.modified_residue_auth_comp_id      . 
_pdbx_modification_feature.modified_residue_auth_asym_id      . 
_pdbx_modification_feature.modified_residue_auth_seq_id       . 
_pdbx_modification_feature.modified_residue_PDB_ins_code      . 
_pdbx_modification_feature.modified_residue_symmetry          . 
_pdbx_modification_feature.comp_id_linking_atom               . 
_pdbx_modification_feature.modified_residue_id_linking_atom   . 
_pdbx_modification_feature.modified_residue_id                MET 
_pdbx_modification_feature.ref_pcm_id                         1 
_pdbx_modification_feature.ref_comp_id                        MSE 
_pdbx_modification_feature.type                               Selenomethionine 
_pdbx_modification_feature.category                           'Named protein modification' 
# 
loop_
_struct_sheet.id 
_struct_sheet.type 
_struct_sheet.number_strands 
_struct_sheet.details 
AA ? 3 ? 
AB ? 3 ? 
# 
loop_
_struct_sheet_order.sheet_id 
_struct_sheet_order.range_id_1 
_struct_sheet_order.range_id_2 
_struct_sheet_order.offset 
_struct_sheet_order.sense 
AA 1 2 ? anti-parallel 
AA 2 3 ? anti-parallel 
AB 1 2 ? anti-parallel 
AB 2 3 ? anti-parallel 
# 
loop_
_struct_sheet_range.sheet_id 
_struct_sheet_range.id 
_struct_sheet_range.beg_label_comp_id 
_struct_sheet_range.beg_label_asym_id 
_struct_sheet_range.beg_label_seq_id 
_struct_sheet_range.pdbx_beg_PDB_ins_code 
_struct_sheet_range.end_label_comp_id 
_struct_sheet_range.end_label_asym_id 
_struct_sheet_range.end_label_seq_id 
_struct_sheet_range.pdbx_end_PDB_ins_code 
_struct_sheet_range.beg_auth_comp_id 
_struct_sheet_range.beg_auth_asym_id 
_struct_sheet_range.beg_auth_seq_id 
_struct_sheet_range.end_auth_comp_id 
_struct_sheet_range.end_auth_asym_id 
_struct_sheet_range.end_auth_seq_id 
AA 1 PHE A 8  ? ASP A 13 ? PHE A 75  ASP A 80  
AA 2 VAL A 75 ? GLY A 80 ? VAL A 142 GLY A 147 
AA 3 THR A 67 ? MSE A 70 ? THR A 134 MSE A 137 
AB 1 LEU A 22 ? LEU A 27 ? LEU A 89  LEU A 94  
AB 2 VAL A 30 ? GLN A 41 ? VAL A 97  GLN A 108 
AB 3 PHE A 46 ? ARG A 56 ? PHE A 113 ARG A 123 
# 
loop_
_pdbx_struct_sheet_hbond.sheet_id 
_pdbx_struct_sheet_hbond.range_id_1 
_pdbx_struct_sheet_hbond.range_id_2 
_pdbx_struct_sheet_hbond.range_1_label_atom_id 
_pdbx_struct_sheet_hbond.range_1_label_comp_id 
_pdbx_struct_sheet_hbond.range_1_label_asym_id 
_pdbx_struct_sheet_hbond.range_1_label_seq_id 
_pdbx_struct_sheet_hbond.range_1_PDB_ins_code 
_pdbx_struct_sheet_hbond.range_1_auth_atom_id 
_pdbx_struct_sheet_hbond.range_1_auth_comp_id 
_pdbx_struct_sheet_hbond.range_1_auth_asym_id 
_pdbx_struct_sheet_hbond.range_1_auth_seq_id 
_pdbx_struct_sheet_hbond.range_2_label_atom_id 
_pdbx_struct_sheet_hbond.range_2_label_comp_id 
_pdbx_struct_sheet_hbond.range_2_label_asym_id 
_pdbx_struct_sheet_hbond.range_2_label_seq_id 
_pdbx_struct_sheet_hbond.range_2_PDB_ins_code 
_pdbx_struct_sheet_hbond.range_2_auth_atom_id 
_pdbx_struct_sheet_hbond.range_2_auth_comp_id 
_pdbx_struct_sheet_hbond.range_2_auth_asym_id 
_pdbx_struct_sheet_hbond.range_2_auth_seq_id 
AA 1 2 N LEU A 12 ? N LEU A 79  O LEU A 76 ? O LEU A 143 
AA 2 3 N ASN A 79 ? N ASN A 146 O THR A 67 ? O THR A 134 
AB 1 2 N LEU A 27 ? N LEU A 94  O VAL A 30 ? O VAL A 97  
AB 2 3 N ARG A 40 ? N ARG A 107 O ILE A 47 ? O ILE A 114 
# 
_struct_site.id                   AC1 
_struct_site.pdbx_evidence_code   Software 
_struct_site.pdbx_auth_asym_id    A 
_struct_site.pdbx_auth_comp_id    MRD 
_struct_site.pdbx_auth_seq_id     1151 
_struct_site.pdbx_auth_ins_code   ? 
_struct_site.pdbx_num_residues    5 
_struct_site.details              'BINDING SITE FOR RESIDUE MRD A 1151' 
# 
loop_
_struct_site_gen.id 
_struct_site_gen.site_id 
_struct_site_gen.pdbx_num_res 
_struct_site_gen.label_comp_id 
_struct_site_gen.label_asym_id 
_struct_site_gen.label_seq_id 
_struct_site_gen.pdbx_auth_ins_code 
_struct_site_gen.auth_comp_id 
_struct_site_gen.auth_asym_id 
_struct_site_gen.auth_seq_id 
_struct_site_gen.label_atom_id 
_struct_site_gen.label_alt_id 
_struct_site_gen.symmetry 
_struct_site_gen.details 
1 AC1 5 LEU A 22 ? LEU A 89   . ? 1_555 ? 
2 AC1 5 SER A 68 ? SER A 135  . ? 1_555 ? 
3 AC1 5 SER A 69 ? SER A 136  . ? 1_555 ? 
4 AC1 5 MSE A 70 ? MSE A 137  . ? 5_455 ? 
5 AC1 5 HOH C .  ? HOH A 2063 . ? 1_555 ? 
# 
_pdbx_entry_details.entry_id                   2Y1Y 
_pdbx_entry_details.compound_details           'ENGINEERED RESIDUE IN CHAIN A, LEU 137 TO MSE' 
_pdbx_entry_details.source_details             ? 
_pdbx_entry_details.nonpolymer_details         ? 
_pdbx_entry_details.sequence_details           
;ALPHA-CRYSTALLIN DOMAIN ONLY. HUMAN ALPHAB CRYSTALLIN
ACD(RESIDUES 71-157). LEUCINE 137 MUTATED TO METHIONINE
FOR PHASING.
;
_pdbx_entry_details.has_ligand_of_interest     ? 
_pdbx_entry_details.has_protein_modification   Y 
# 
_pdbx_validate_torsion.id              1 
_pdbx_validate_torsion.PDB_model_num   1 
_pdbx_validate_torsion.auth_comp_id    ARG 
_pdbx_validate_torsion.auth_asym_id    A 
_pdbx_validate_torsion.auth_seq_id     74 
_pdbx_validate_torsion.PDB_ins_code    ? 
_pdbx_validate_torsion.label_alt_id    ? 
_pdbx_validate_torsion.phi             175.83 
_pdbx_validate_torsion.psi             147.71 
# 
_pdbx_struct_mod_residue.id               1 
_pdbx_struct_mod_residue.label_asym_id    A 
_pdbx_struct_mod_residue.label_comp_id    MSE 
_pdbx_struct_mod_residue.label_seq_id     70 
_pdbx_struct_mod_residue.auth_asym_id     A 
_pdbx_struct_mod_residue.auth_comp_id     MSE 
_pdbx_struct_mod_residue.auth_seq_id      137 
_pdbx_struct_mod_residue.PDB_ins_code     ? 
_pdbx_struct_mod_residue.parent_comp_id   MET 
_pdbx_struct_mod_residue.details          SELENOMETHIONINE 
# 
_pdbx_struct_special_symmetry.id              1 
_pdbx_struct_special_symmetry.PDB_model_num   1 
_pdbx_struct_special_symmetry.auth_asym_id    A 
_pdbx_struct_special_symmetry.auth_comp_id    HOH 
_pdbx_struct_special_symmetry.auth_seq_id     2053 
_pdbx_struct_special_symmetry.PDB_ins_code    ? 
_pdbx_struct_special_symmetry.label_asym_id   C 
_pdbx_struct_special_symmetry.label_comp_id   HOH 
_pdbx_struct_special_symmetry.label_seq_id    . 
# 
loop_
_pdbx_refine_tls.pdbx_refine_id 
_pdbx_refine_tls.id 
_pdbx_refine_tls.details 
_pdbx_refine_tls.method 
_pdbx_refine_tls.origin_x 
_pdbx_refine_tls.origin_y 
_pdbx_refine_tls.origin_z 
_pdbx_refine_tls.T[1][1] 
_pdbx_refine_tls.T[2][2] 
_pdbx_refine_tls.T[3][3] 
_pdbx_refine_tls.T[1][2] 
_pdbx_refine_tls.T[1][3] 
_pdbx_refine_tls.T[2][3] 
_pdbx_refine_tls.L[1][1] 
_pdbx_refine_tls.L[2][2] 
_pdbx_refine_tls.L[3][3] 
_pdbx_refine_tls.L[1][2] 
_pdbx_refine_tls.L[1][3] 
_pdbx_refine_tls.L[2][3] 
_pdbx_refine_tls.S[1][1] 
_pdbx_refine_tls.S[1][2] 
_pdbx_refine_tls.S[1][3] 
_pdbx_refine_tls.S[2][1] 
_pdbx_refine_tls.S[2][2] 
_pdbx_refine_tls.S[2][3] 
_pdbx_refine_tls.S[3][1] 
_pdbx_refine_tls.S[3][2] 
_pdbx_refine_tls.S[3][3] 
'X-RAY DIFFRACTION' 1 ? refined -3.6704 -3.9634 3.2068  0.0869 0.2345 0.0825 -0.0420 -0.0028 0.0838 2.9602 0.5538 0.5075 0.5552 0.3605 0.1748 0.2552  -0.1562 -0.1378 0.0877  -0.1585 -0.1484 -0.0252 0.1090 -0.0876 
'X-RAY DIFFRACTION' 2 ? refined 4.6062  6.1306  -4.1586 0.1717 0.3488 0.1856 -0.0372 0.0200  0.1348 2.8819 0.6920 0.4713 0.0022 0.4124 0.0062 -0.0943 0.6061  0.7680  -0.0188 0.0962  -0.0226 -0.1061 0.1959 -0.1102 
# 
loop_
_pdbx_refine_tls_group.pdbx_refine_id 
_pdbx_refine_tls_group.id 
_pdbx_refine_tls_group.refine_tls_id 
_pdbx_refine_tls_group.beg_auth_asym_id 
_pdbx_refine_tls_group.beg_auth_seq_id 
_pdbx_refine_tls_group.beg_label_asym_id 
_pdbx_refine_tls_group.beg_label_seq_id 
_pdbx_refine_tls_group.end_auth_asym_id 
_pdbx_refine_tls_group.end_auth_seq_id 
_pdbx_refine_tls_group.end_label_asym_id 
_pdbx_refine_tls_group.end_label_seq_id 
_pdbx_refine_tls_group.selection 
_pdbx_refine_tls_group.selection_details 
'X-RAY DIFFRACTION' 1 1 ? ? ? ? ? ? ? ? ? 'CHAIN A AND RESID 1:58'  
'X-RAY DIFFRACTION' 2 2 ? ? ? ? ? ? ? ? ? 'CHAIN A AND RESID 59:87' 
# 
_pdbx_distant_solvent_atoms.id                                1 
_pdbx_distant_solvent_atoms.PDB_model_num                     1 
_pdbx_distant_solvent_atoms.auth_atom_id                      O 
_pdbx_distant_solvent_atoms.label_alt_id                      ? 
_pdbx_distant_solvent_atoms.auth_asym_id                      A 
_pdbx_distant_solvent_atoms.auth_comp_id                      HOH 
_pdbx_distant_solvent_atoms.auth_seq_id                       2025 
_pdbx_distant_solvent_atoms.PDB_ins_code                      ? 
_pdbx_distant_solvent_atoms.neighbor_macromolecule_distance   5.83 
_pdbx_distant_solvent_atoms.neighbor_ligand_distance          . 
# 
loop_
_pdbx_unobs_or_zero_occ_residues.id 
_pdbx_unobs_or_zero_occ_residues.PDB_model_num 
_pdbx_unobs_or_zero_occ_residues.polymer_flag 
_pdbx_unobs_or_zero_occ_residues.occupancy_flag 
_pdbx_unobs_or_zero_occ_residues.auth_asym_id 
_pdbx_unobs_or_zero_occ_residues.auth_comp_id 
_pdbx_unobs_or_zero_occ_residues.auth_seq_id 
_pdbx_unobs_or_zero_occ_residues.PDB_ins_code 
_pdbx_unobs_or_zero_occ_residues.label_asym_id 
_pdbx_unobs_or_zero_occ_residues.label_comp_id 
_pdbx_unobs_or_zero_occ_residues.label_seq_id 
1  1 Y 1 A GLY 68  ? A GLY 1  
2  1 Y 1 A ALA 69  ? A ALA 2  
3  1 Y 1 A MSE 70  ? A MSE 3  
4  1 Y 1 A GLU 71  ? A GLU 4  
5  1 Y 1 A LYS 72  ? A LYS 5  
6  1 Y 1 A GLN 151 ? A GLN 84 
7  1 Y 1 A VAL 152 ? A VAL 85 
8  1 Y 1 A SER 153 ? A SER 86 
9  1 Y 1 A GLY 154 ? A GLY 87 
10 1 Y 1 A PRO 155 ? A PRO 88 
11 1 Y 1 A GLU 156 ? A GLU 89 
12 1 Y 1 A ARG 157 ? A ARG 90 
# 
loop_
_chem_comp_atom.comp_id 
_chem_comp_atom.atom_id 
_chem_comp_atom.type_symbol 
_chem_comp_atom.pdbx_aromatic_flag 
_chem_comp_atom.pdbx_stereo_config 
_chem_comp_atom.pdbx_ordinal 
ALA N    N  N N 1   
ALA CA   C  N S 2   
ALA C    C  N N 3   
ALA O    O  N N 4   
ALA CB   C  N N 5   
ALA OXT  O  N N 6   
ALA H    H  N N 7   
ALA H2   H  N N 8   
ALA HA   H  N N 9   
ALA HB1  H  N N 10  
ALA HB2  H  N N 11  
ALA HB3  H  N N 12  
ALA HXT  H  N N 13  
ARG N    N  N N 14  
ARG CA   C  N S 15  
ARG C    C  N N 16  
ARG O    O  N N 17  
ARG CB   C  N N 18  
ARG CG   C  N N 19  
ARG CD   C  N N 20  
ARG NE   N  N N 21  
ARG CZ   C  N N 22  
ARG NH1  N  N N 23  
ARG NH2  N  N N 24  
ARG OXT  O  N N 25  
ARG H    H  N N 26  
ARG H2   H  N N 27  
ARG HA   H  N N 28  
ARG HB2  H  N N 29  
ARG HB3  H  N N 30  
ARG HG2  H  N N 31  
ARG HG3  H  N N 32  
ARG HD2  H  N N 33  
ARG HD3  H  N N 34  
ARG HE   H  N N 35  
ARG HH11 H  N N 36  
ARG HH12 H  N N 37  
ARG HH21 H  N N 38  
ARG HH22 H  N N 39  
ARG HXT  H  N N 40  
ASN N    N  N N 41  
ASN CA   C  N S 42  
ASN C    C  N N 43  
ASN O    O  N N 44  
ASN CB   C  N N 45  
ASN CG   C  N N 46  
ASN OD1  O  N N 47  
ASN ND2  N  N N 48  
ASN OXT  O  N N 49  
ASN H    H  N N 50  
ASN H2   H  N N 51  
ASN HA   H  N N 52  
ASN HB2  H  N N 53  
ASN HB3  H  N N 54  
ASN HD21 H  N N 55  
ASN HD22 H  N N 56  
ASN HXT  H  N N 57  
ASP N    N  N N 58  
ASP CA   C  N S 59  
ASP C    C  N N 60  
ASP O    O  N N 61  
ASP CB   C  N N 62  
ASP CG   C  N N 63  
ASP OD1  O  N N 64  
ASP OD2  O  N N 65  
ASP OXT  O  N N 66  
ASP H    H  N N 67  
ASP H2   H  N N 68  
ASP HA   H  N N 69  
ASP HB2  H  N N 70  
ASP HB3  H  N N 71  
ASP HD2  H  N N 72  
ASP HXT  H  N N 73  
GLN N    N  N N 74  
GLN CA   C  N S 75  
GLN C    C  N N 76  
GLN O    O  N N 77  
GLN CB   C  N N 78  
GLN CG   C  N N 79  
GLN CD   C  N N 80  
GLN OE1  O  N N 81  
GLN NE2  N  N N 82  
GLN OXT  O  N N 83  
GLN H    H  N N 84  
GLN H2   H  N N 85  
GLN HA   H  N N 86  
GLN HB2  H  N N 87  
GLN HB3  H  N N 88  
GLN HG2  H  N N 89  
GLN HG3  H  N N 90  
GLN HE21 H  N N 91  
GLN HE22 H  N N 92  
GLN HXT  H  N N 93  
GLU N    N  N N 94  
GLU CA   C  N S 95  
GLU C    C  N N 96  
GLU O    O  N N 97  
GLU CB   C  N N 98  
GLU CG   C  N N 99  
GLU CD   C  N N 100 
GLU OE1  O  N N 101 
GLU OE2  O  N N 102 
GLU OXT  O  N N 103 
GLU H    H  N N 104 
GLU H2   H  N N 105 
GLU HA   H  N N 106 
GLU HB2  H  N N 107 
GLU HB3  H  N N 108 
GLU HG2  H  N N 109 
GLU HG3  H  N N 110 
GLU HE2  H  N N 111 
GLU HXT  H  N N 112 
GLY N    N  N N 113 
GLY CA   C  N N 114 
GLY C    C  N N 115 
GLY O    O  N N 116 
GLY OXT  O  N N 117 
GLY H    H  N N 118 
GLY H2   H  N N 119 
GLY HA2  H  N N 120 
GLY HA3  H  N N 121 
GLY HXT  H  N N 122 
HIS N    N  N N 123 
HIS CA   C  N S 124 
HIS C    C  N N 125 
HIS O    O  N N 126 
HIS CB   C  N N 127 
HIS CG   C  Y N 128 
HIS ND1  N  Y N 129 
HIS CD2  C  Y N 130 
HIS CE1  C  Y N 131 
HIS NE2  N  Y N 132 
HIS OXT  O  N N 133 
HIS H    H  N N 134 
HIS H2   H  N N 135 
HIS HA   H  N N 136 
HIS HB2  H  N N 137 
HIS HB3  H  N N 138 
HIS HD1  H  N N 139 
HIS HD2  H  N N 140 
HIS HE1  H  N N 141 
HIS HE2  H  N N 142 
HIS HXT  H  N N 143 
HOH O    O  N N 144 
HOH H1   H  N N 145 
HOH H2   H  N N 146 
ILE N    N  N N 147 
ILE CA   C  N S 148 
ILE C    C  N N 149 
ILE O    O  N N 150 
ILE CB   C  N S 151 
ILE CG1  C  N N 152 
ILE CG2  C  N N 153 
ILE CD1  C  N N 154 
ILE OXT  O  N N 155 
ILE H    H  N N 156 
ILE H2   H  N N 157 
ILE HA   H  N N 158 
ILE HB   H  N N 159 
ILE HG12 H  N N 160 
ILE HG13 H  N N 161 
ILE HG21 H  N N 162 
ILE HG22 H  N N 163 
ILE HG23 H  N N 164 
ILE HD11 H  N N 165 
ILE HD12 H  N N 166 
ILE HD13 H  N N 167 
ILE HXT  H  N N 168 
LEU N    N  N N 169 
LEU CA   C  N S 170 
LEU C    C  N N 171 
LEU O    O  N N 172 
LEU CB   C  N N 173 
LEU CG   C  N N 174 
LEU CD1  C  N N 175 
LEU CD2  C  N N 176 
LEU OXT  O  N N 177 
LEU H    H  N N 178 
LEU H2   H  N N 179 
LEU HA   H  N N 180 
LEU HB2  H  N N 181 
LEU HB3  H  N N 182 
LEU HG   H  N N 183 
LEU HD11 H  N N 184 
LEU HD12 H  N N 185 
LEU HD13 H  N N 186 
LEU HD21 H  N N 187 
LEU HD22 H  N N 188 
LEU HD23 H  N N 189 
LEU HXT  H  N N 190 
LYS N    N  N N 191 
LYS CA   C  N S 192 
LYS C    C  N N 193 
LYS O    O  N N 194 
LYS CB   C  N N 195 
LYS CG   C  N N 196 
LYS CD   C  N N 197 
LYS CE   C  N N 198 
LYS NZ   N  N N 199 
LYS OXT  O  N N 200 
LYS H    H  N N 201 
LYS H2   H  N N 202 
LYS HA   H  N N 203 
LYS HB2  H  N N 204 
LYS HB3  H  N N 205 
LYS HG2  H  N N 206 
LYS HG3  H  N N 207 
LYS HD2  H  N N 208 
LYS HD3  H  N N 209 
LYS HE2  H  N N 210 
LYS HE3  H  N N 211 
LYS HZ1  H  N N 212 
LYS HZ2  H  N N 213 
LYS HZ3  H  N N 214 
LYS HXT  H  N N 215 
MRD C1   C  N N 216 
MRD C2   C  N N 217 
MRD O2   O  N N 218 
MRD CM   C  N N 219 
MRD C3   C  N N 220 
MRD C4   C  N R 221 
MRD O4   O  N N 222 
MRD C5   C  N N 223 
MRD H1C1 H  N N 224 
MRD H1C2 H  N N 225 
MRD H1C3 H  N N 226 
MRD H2   H  N N 227 
MRD HMC1 H  N N 228 
MRD HMC2 H  N N 229 
MRD HMC3 H  N N 230 
MRD H3C1 H  N N 231 
MRD H3C2 H  N N 232 
MRD H4   H  N N 233 
MRD HA   H  N N 234 
MRD H5C1 H  N N 235 
MRD H5C2 H  N N 236 
MRD H5C3 H  N N 237 
MSE N    N  N N 238 
MSE CA   C  N S 239 
MSE C    C  N N 240 
MSE O    O  N N 241 
MSE OXT  O  N N 242 
MSE CB   C  N N 243 
MSE CG   C  N N 244 
MSE SE   SE N N 245 
MSE CE   C  N N 246 
MSE H    H  N N 247 
MSE H2   H  N N 248 
MSE HA   H  N N 249 
MSE HXT  H  N N 250 
MSE HB2  H  N N 251 
MSE HB3  H  N N 252 
MSE HG2  H  N N 253 
MSE HG3  H  N N 254 
MSE HE1  H  N N 255 
MSE HE2  H  N N 256 
MSE HE3  H  N N 257 
PHE N    N  N N 258 
PHE CA   C  N S 259 
PHE C    C  N N 260 
PHE O    O  N N 261 
PHE CB   C  N N 262 
PHE CG   C  Y N 263 
PHE CD1  C  Y N 264 
PHE CD2  C  Y N 265 
PHE CE1  C  Y N 266 
PHE CE2  C  Y N 267 
PHE CZ   C  Y N 268 
PHE OXT  O  N N 269 
PHE H    H  N N 270 
PHE H2   H  N N 271 
PHE HA   H  N N 272 
PHE HB2  H  N N 273 
PHE HB3  H  N N 274 
PHE HD1  H  N N 275 
PHE HD2  H  N N 276 
PHE HE1  H  N N 277 
PHE HE2  H  N N 278 
PHE HZ   H  N N 279 
PHE HXT  H  N N 280 
PRO N    N  N N 281 
PRO CA   C  N S 282 
PRO C    C  N N 283 
PRO O    O  N N 284 
PRO CB   C  N N 285 
PRO CG   C  N N 286 
PRO CD   C  N N 287 
PRO OXT  O  N N 288 
PRO H    H  N N 289 
PRO HA   H  N N 290 
PRO HB2  H  N N 291 
PRO HB3  H  N N 292 
PRO HG2  H  N N 293 
PRO HG3  H  N N 294 
PRO HD2  H  N N 295 
PRO HD3  H  N N 296 
PRO HXT  H  N N 297 
SER N    N  N N 298 
SER CA   C  N S 299 
SER C    C  N N 300 
SER O    O  N N 301 
SER CB   C  N N 302 
SER OG   O  N N 303 
SER OXT  O  N N 304 
SER H    H  N N 305 
SER H2   H  N N 306 
SER HA   H  N N 307 
SER HB2  H  N N 308 
SER HB3  H  N N 309 
SER HG   H  N N 310 
SER HXT  H  N N 311 
THR N    N  N N 312 
THR CA   C  N S 313 
THR C    C  N N 314 
THR O    O  N N 315 
THR CB   C  N R 316 
THR OG1  O  N N 317 
THR CG2  C  N N 318 
THR OXT  O  N N 319 
THR H    H  N N 320 
THR H2   H  N N 321 
THR HA   H  N N 322 
THR HB   H  N N 323 
THR HG1  H  N N 324 
THR HG21 H  N N 325 
THR HG22 H  N N 326 
THR HG23 H  N N 327 
THR HXT  H  N N 328 
TYR N    N  N N 329 
TYR CA   C  N S 330 
TYR C    C  N N 331 
TYR O    O  N N 332 
TYR CB   C  N N 333 
TYR CG   C  Y N 334 
TYR CD1  C  Y N 335 
TYR CD2  C  Y N 336 
TYR CE1  C  Y N 337 
TYR CE2  C  Y N 338 
TYR CZ   C  Y N 339 
TYR OH   O  N N 340 
TYR OXT  O  N N 341 
TYR H    H  N N 342 
TYR H2   H  N N 343 
TYR HA   H  N N 344 
TYR HB2  H  N N 345 
TYR HB3  H  N N 346 
TYR HD1  H  N N 347 
TYR HD2  H  N N 348 
TYR HE1  H  N N 349 
TYR HE2  H  N N 350 
TYR HH   H  N N 351 
TYR HXT  H  N N 352 
VAL N    N  N N 353 
VAL CA   C  N S 354 
VAL C    C  N N 355 
VAL O    O  N N 356 
VAL CB   C  N N 357 
VAL CG1  C  N N 358 
VAL CG2  C  N N 359 
VAL OXT  O  N N 360 
VAL H    H  N N 361 
VAL H2   H  N N 362 
VAL HA   H  N N 363 
VAL HB   H  N N 364 
VAL HG11 H  N N 365 
VAL HG12 H  N N 366 
VAL HG13 H  N N 367 
VAL HG21 H  N N 368 
VAL HG22 H  N N 369 
VAL HG23 H  N N 370 
VAL HXT  H  N N 371 
# 
loop_
_chem_comp_bond.comp_id 
_chem_comp_bond.atom_id_1 
_chem_comp_bond.atom_id_2 
_chem_comp_bond.value_order 
_chem_comp_bond.pdbx_aromatic_flag 
_chem_comp_bond.pdbx_stereo_config 
_chem_comp_bond.pdbx_ordinal 
ALA N   CA   sing N N 1   
ALA N   H    sing N N 2   
ALA N   H2   sing N N 3   
ALA CA  C    sing N N 4   
ALA CA  CB   sing N N 5   
ALA CA  HA   sing N N 6   
ALA C   O    doub N N 7   
ALA C   OXT  sing N N 8   
ALA CB  HB1  sing N N 9   
ALA CB  HB2  sing N N 10  
ALA CB  HB3  sing N N 11  
ALA OXT HXT  sing N N 12  
ARG N   CA   sing N N 13  
ARG N   H    sing N N 14  
ARG N   H2   sing N N 15  
ARG CA  C    sing N N 16  
ARG CA  CB   sing N N 17  
ARG CA  HA   sing N N 18  
ARG C   O    doub N N 19  
ARG C   OXT  sing N N 20  
ARG CB  CG   sing N N 21  
ARG CB  HB2  sing N N 22  
ARG CB  HB3  sing N N 23  
ARG CG  CD   sing N N 24  
ARG CG  HG2  sing N N 25  
ARG CG  HG3  sing N N 26  
ARG CD  NE   sing N N 27  
ARG CD  HD2  sing N N 28  
ARG CD  HD3  sing N N 29  
ARG NE  CZ   sing N N 30  
ARG NE  HE   sing N N 31  
ARG CZ  NH1  sing N N 32  
ARG CZ  NH2  doub N N 33  
ARG NH1 HH11 sing N N 34  
ARG NH1 HH12 sing N N 35  
ARG NH2 HH21 sing N N 36  
ARG NH2 HH22 sing N N 37  
ARG OXT HXT  sing N N 38  
ASN N   CA   sing N N 39  
ASN N   H    sing N N 40  
ASN N   H2   sing N N 41  
ASN CA  C    sing N N 42  
ASN CA  CB   sing N N 43  
ASN CA  HA   sing N N 44  
ASN C   O    doub N N 45  
ASN C   OXT  sing N N 46  
ASN CB  CG   sing N N 47  
ASN CB  HB2  sing N N 48  
ASN CB  HB3  sing N N 49  
ASN CG  OD1  doub N N 50  
ASN CG  ND2  sing N N 51  
ASN ND2 HD21 sing N N 52  
ASN ND2 HD22 sing N N 53  
ASN OXT HXT  sing N N 54  
ASP N   CA   sing N N 55  
ASP N   H    sing N N 56  
ASP N   H2   sing N N 57  
ASP CA  C    sing N N 58  
ASP CA  CB   sing N N 59  
ASP CA  HA   sing N N 60  
ASP C   O    doub N N 61  
ASP C   OXT  sing N N 62  
ASP CB  CG   sing N N 63  
ASP CB  HB2  sing N N 64  
ASP CB  HB3  sing N N 65  
ASP CG  OD1  doub N N 66  
ASP CG  OD2  sing N N 67  
ASP OD2 HD2  sing N N 68  
ASP OXT HXT  sing N N 69  
GLN N   CA   sing N N 70  
GLN N   H    sing N N 71  
GLN N   H2   sing N N 72  
GLN CA  C    sing N N 73  
GLN CA  CB   sing N N 74  
GLN CA  HA   sing N N 75  
GLN C   O    doub N N 76  
GLN C   OXT  sing N N 77  
GLN CB  CG   sing N N 78  
GLN CB  HB2  sing N N 79  
GLN CB  HB3  sing N N 80  
GLN CG  CD   sing N N 81  
GLN CG  HG2  sing N N 82  
GLN CG  HG3  sing N N 83  
GLN CD  OE1  doub N N 84  
GLN CD  NE2  sing N N 85  
GLN NE2 HE21 sing N N 86  
GLN NE2 HE22 sing N N 87  
GLN OXT HXT  sing N N 88  
GLU N   CA   sing N N 89  
GLU N   H    sing N N 90  
GLU N   H2   sing N N 91  
GLU CA  C    sing N N 92  
GLU CA  CB   sing N N 93  
GLU CA  HA   sing N N 94  
GLU C   O    doub N N 95  
GLU C   OXT  sing N N 96  
GLU CB  CG   sing N N 97  
GLU CB  HB2  sing N N 98  
GLU CB  HB3  sing N N 99  
GLU CG  CD   sing N N 100 
GLU CG  HG2  sing N N 101 
GLU CG  HG3  sing N N 102 
GLU CD  OE1  doub N N 103 
GLU CD  OE2  sing N N 104 
GLU OE2 HE2  sing N N 105 
GLU OXT HXT  sing N N 106 
GLY N   CA   sing N N 107 
GLY N   H    sing N N 108 
GLY N   H2   sing N N 109 
GLY CA  C    sing N N 110 
GLY CA  HA2  sing N N 111 
GLY CA  HA3  sing N N 112 
GLY C   O    doub N N 113 
GLY C   OXT  sing N N 114 
GLY OXT HXT  sing N N 115 
HIS N   CA   sing N N 116 
HIS N   H    sing N N 117 
HIS N   H2   sing N N 118 
HIS CA  C    sing N N 119 
HIS CA  CB   sing N N 120 
HIS CA  HA   sing N N 121 
HIS C   O    doub N N 122 
HIS C   OXT  sing N N 123 
HIS CB  CG   sing N N 124 
HIS CB  HB2  sing N N 125 
HIS CB  HB3  sing N N 126 
HIS CG  ND1  sing Y N 127 
HIS CG  CD2  doub Y N 128 
HIS ND1 CE1  doub Y N 129 
HIS ND1 HD1  sing N N 130 
HIS CD2 NE2  sing Y N 131 
HIS CD2 HD2  sing N N 132 
HIS CE1 NE2  sing Y N 133 
HIS CE1 HE1  sing N N 134 
HIS NE2 HE2  sing N N 135 
HIS OXT HXT  sing N N 136 
HOH O   H1   sing N N 137 
HOH O   H2   sing N N 138 
ILE N   CA   sing N N 139 
ILE N   H    sing N N 140 
ILE N   H2   sing N N 141 
ILE CA  C    sing N N 142 
ILE CA  CB   sing N N 143 
ILE CA  HA   sing N N 144 
ILE C   O    doub N N 145 
ILE C   OXT  sing N N 146 
ILE CB  CG1  sing N N 147 
ILE CB  CG2  sing N N 148 
ILE CB  HB   sing N N 149 
ILE CG1 CD1  sing N N 150 
ILE CG1 HG12 sing N N 151 
ILE CG1 HG13 sing N N 152 
ILE CG2 HG21 sing N N 153 
ILE CG2 HG22 sing N N 154 
ILE CG2 HG23 sing N N 155 
ILE CD1 HD11 sing N N 156 
ILE CD1 HD12 sing N N 157 
ILE CD1 HD13 sing N N 158 
ILE OXT HXT  sing N N 159 
LEU N   CA   sing N N 160 
LEU N   H    sing N N 161 
LEU N   H2   sing N N 162 
LEU CA  C    sing N N 163 
LEU CA  CB   sing N N 164 
LEU CA  HA   sing N N 165 
LEU C   O    doub N N 166 
LEU C   OXT  sing N N 167 
LEU CB  CG   sing N N 168 
LEU CB  HB2  sing N N 169 
LEU CB  HB3  sing N N 170 
LEU CG  CD1  sing N N 171 
LEU CG  CD2  sing N N 172 
LEU CG  HG   sing N N 173 
LEU CD1 HD11 sing N N 174 
LEU CD1 HD12 sing N N 175 
LEU CD1 HD13 sing N N 176 
LEU CD2 HD21 sing N N 177 
LEU CD2 HD22 sing N N 178 
LEU CD2 HD23 sing N N 179 
LEU OXT HXT  sing N N 180 
LYS N   CA   sing N N 181 
LYS N   H    sing N N 182 
LYS N   H2   sing N N 183 
LYS CA  C    sing N N 184 
LYS CA  CB   sing N N 185 
LYS CA  HA   sing N N 186 
LYS C   O    doub N N 187 
LYS C   OXT  sing N N 188 
LYS CB  CG   sing N N 189 
LYS CB  HB2  sing N N 190 
LYS CB  HB3  sing N N 191 
LYS CG  CD   sing N N 192 
LYS CG  HG2  sing N N 193 
LYS CG  HG3  sing N N 194 
LYS CD  CE   sing N N 195 
LYS CD  HD2  sing N N 196 
LYS CD  HD3  sing N N 197 
LYS CE  NZ   sing N N 198 
LYS CE  HE2  sing N N 199 
LYS CE  HE3  sing N N 200 
LYS NZ  HZ1  sing N N 201 
LYS NZ  HZ2  sing N N 202 
LYS NZ  HZ3  sing N N 203 
LYS OXT HXT  sing N N 204 
MRD C1  C2   sing N N 205 
MRD C1  H1C1 sing N N 206 
MRD C1  H1C2 sing N N 207 
MRD C1  H1C3 sing N N 208 
MRD C2  O2   sing N N 209 
MRD C2  CM   sing N N 210 
MRD C2  C3   sing N N 211 
MRD O2  H2   sing N N 212 
MRD CM  HMC1 sing N N 213 
MRD CM  HMC2 sing N N 214 
MRD CM  HMC3 sing N N 215 
MRD C3  C4   sing N N 216 
MRD C3  H3C1 sing N N 217 
MRD C3  H3C2 sing N N 218 
MRD C4  O4   sing N N 219 
MRD C4  C5   sing N N 220 
MRD C4  H4   sing N N 221 
MRD O4  HA   sing N N 222 
MRD C5  H5C1 sing N N 223 
MRD C5  H5C2 sing N N 224 
MRD C5  H5C3 sing N N 225 
MSE N   CA   sing N N 226 
MSE N   H    sing N N 227 
MSE N   H2   sing N N 228 
MSE CA  C    sing N N 229 
MSE CA  CB   sing N N 230 
MSE CA  HA   sing N N 231 
MSE C   O    doub N N 232 
MSE C   OXT  sing N N 233 
MSE OXT HXT  sing N N 234 
MSE CB  CG   sing N N 235 
MSE CB  HB2  sing N N 236 
MSE CB  HB3  sing N N 237 
MSE CG  SE   sing N N 238 
MSE CG  HG2  sing N N 239 
MSE CG  HG3  sing N N 240 
MSE SE  CE   sing N N 241 
MSE CE  HE1  sing N N 242 
MSE CE  HE2  sing N N 243 
MSE CE  HE3  sing N N 244 
PHE N   CA   sing N N 245 
PHE N   H    sing N N 246 
PHE N   H2   sing N N 247 
PHE CA  C    sing N N 248 
PHE CA  CB   sing N N 249 
PHE CA  HA   sing N N 250 
PHE C   O    doub N N 251 
PHE C   OXT  sing N N 252 
PHE CB  CG   sing N N 253 
PHE CB  HB2  sing N N 254 
PHE CB  HB3  sing N N 255 
PHE CG  CD1  doub Y N 256 
PHE CG  CD2  sing Y N 257 
PHE CD1 CE1  sing Y N 258 
PHE CD1 HD1  sing N N 259 
PHE CD2 CE2  doub Y N 260 
PHE CD2 HD2  sing N N 261 
PHE CE1 CZ   doub Y N 262 
PHE CE1 HE1  sing N N 263 
PHE CE2 CZ   sing Y N 264 
PHE CE2 HE2  sing N N 265 
PHE CZ  HZ   sing N N 266 
PHE OXT HXT  sing N N 267 
PRO N   CA   sing N N 268 
PRO N   CD   sing N N 269 
PRO N   H    sing N N 270 
PRO CA  C    sing N N 271 
PRO CA  CB   sing N N 272 
PRO CA  HA   sing N N 273 
PRO C   O    doub N N 274 
PRO C   OXT  sing N N 275 
PRO CB  CG   sing N N 276 
PRO CB  HB2  sing N N 277 
PRO CB  HB3  sing N N 278 
PRO CG  CD   sing N N 279 
PRO CG  HG2  sing N N 280 
PRO CG  HG3  sing N N 281 
PRO CD  HD2  sing N N 282 
PRO CD  HD3  sing N N 283 
PRO OXT HXT  sing N N 284 
SER N   CA   sing N N 285 
SER N   H    sing N N 286 
SER N   H2   sing N N 287 
SER CA  C    sing N N 288 
SER CA  CB   sing N N 289 
SER CA  HA   sing N N 290 
SER C   O    doub N N 291 
SER C   OXT  sing N N 292 
SER CB  OG   sing N N 293 
SER CB  HB2  sing N N 294 
SER CB  HB3  sing N N 295 
SER OG  HG   sing N N 296 
SER OXT HXT  sing N N 297 
THR N   CA   sing N N 298 
THR N   H    sing N N 299 
THR N   H2   sing N N 300 
THR CA  C    sing N N 301 
THR CA  CB   sing N N 302 
THR CA  HA   sing N N 303 
THR C   O    doub N N 304 
THR C   OXT  sing N N 305 
THR CB  OG1  sing N N 306 
THR CB  CG2  sing N N 307 
THR CB  HB   sing N N 308 
THR OG1 HG1  sing N N 309 
THR CG2 HG21 sing N N 310 
THR CG2 HG22 sing N N 311 
THR CG2 HG23 sing N N 312 
THR OXT HXT  sing N N 313 
TYR N   CA   sing N N 314 
TYR N   H    sing N N 315 
TYR N   H2   sing N N 316 
TYR CA  C    sing N N 317 
TYR CA  CB   sing N N 318 
TYR CA  HA   sing N N 319 
TYR C   O    doub N N 320 
TYR C   OXT  sing N N 321 
TYR CB  CG   sing N N 322 
TYR CB  HB2  sing N N 323 
TYR CB  HB3  sing N N 324 
TYR CG  CD1  doub Y N 325 
TYR CG  CD2  sing Y N 326 
TYR CD1 CE1  sing Y N 327 
TYR CD1 HD1  sing N N 328 
TYR CD2 CE2  doub Y N 329 
TYR CD2 HD2  sing N N 330 
TYR CE1 CZ   doub Y N 331 
TYR CE1 HE1  sing N N 332 
TYR CE2 CZ   sing Y N 333 
TYR CE2 HE2  sing N N 334 
TYR CZ  OH   sing N N 335 
TYR OH  HH   sing N N 336 
TYR OXT HXT  sing N N 337 
VAL N   CA   sing N N 338 
VAL N   H    sing N N 339 
VAL N   H2   sing N N 340 
VAL CA  C    sing N N 341 
VAL CA  CB   sing N N 342 
VAL CA  HA   sing N N 343 
VAL C   O    doub N N 344 
VAL C   OXT  sing N N 345 
VAL CB  CG1  sing N N 346 
VAL CB  CG2  sing N N 347 
VAL CB  HB   sing N N 348 
VAL CG1 HG11 sing N N 349 
VAL CG1 HG12 sing N N 350 
VAL CG1 HG13 sing N N 351 
VAL CG2 HG21 sing N N 352 
VAL CG2 HG22 sing N N 353 
VAL CG2 HG23 sing N N 354 
VAL OXT HXT  sing N N 355 
# 
_pdbx_initial_refinement_model.id               1 
_pdbx_initial_refinement_model.entity_id_list   ? 
_pdbx_initial_refinement_model.type             'experimental model' 
_pdbx_initial_refinement_model.source_name      PDB 
_pdbx_initial_refinement_model.accession_code   2WJ7 
_pdbx_initial_refinement_model.details          'PDB ENTRY 2WJ7' 
# 
_atom_sites.entry_id                    2Y1Y 
_atom_sites.fract_transf_matrix[1][1]   0.01040000 
_atom_sites.fract_transf_matrix[1][2]   -0.00825603 
_atom_sites.fract_transf_matrix[1][3]   -0.02437249 
_atom_sites.fract_transf_matrix[2][1]   -0.00225346 
_atom_sites.fract_transf_matrix[2][2]   -0.02647893 
_atom_sites.fract_transf_matrix[2][3]   0.00800800 
_atom_sites.fract_transf_matrix[3][1]   -0.00622679 
_atom_sites.fract_transf_matrix[3][2]   -0.00024821 
_atom_sites.fract_transf_matrix[3][3]   -0.00257295 
_atom_sites.fract_transf_vector[1]      -0.379248 
_atom_sites.fract_transf_vector[2]      0.267458 
_atom_sites.fract_transf_vector[3]      0.063234 
# 
loop_
_atom_type.symbol 
C  
N  
O  
SE 
# 
loop_
_atom_site.group_PDB 
_atom_site.id 
_atom_site.type_symbol 
_atom_site.label_atom_id 
_atom_site.label_alt_id 
_atom_site.label_comp_id 
_atom_site.label_asym_id 
_atom_site.label_entity_id 
_atom_site.label_seq_id 
_atom_site.pdbx_PDB_ins_code 
_atom_site.Cartn_x 
_atom_site.Cartn_y 
_atom_site.Cartn_z 
_atom_site.occupancy 
_atom_site.B_iso_or_equiv 
_atom_site.pdbx_formal_charge 
_atom_site.auth_seq_id 
_atom_site.auth_comp_id 
_atom_site.auth_asym_id 
_atom_site.auth_atom_id 
_atom_site.pdbx_PDB_model_num 
ATOM   1   N  N   . ASP A 1 6  ? 5.767   18.940  -4.872  1.00 81.69 ? 73   ASP A N   1 
ATOM   2   C  CA  . ASP A 1 6  ? 5.909   18.493  -6.252  1.00 82.81 ? 73   ASP A CA  1 
ATOM   3   C  C   . ASP A 1 6  ? 6.414   17.055  -6.327  1.00 78.42 ? 73   ASP A C   1 
ATOM   4   O  O   . ASP A 1 6  ? 7.619   16.810  -6.283  1.00 83.39 ? 73   ASP A O   1 
ATOM   5   C  CB  . ASP A 1 6  ? 6.857   19.415  -7.019  1.00 89.09 ? 73   ASP A CB  1 
ATOM   6   C  CG  . ASP A 1 6  ? 7.089   18.956  -8.447  1.00 92.85 ? 73   ASP A CG  1 
ATOM   7   O  OD1 . ASP A 1 6  ? 6.217   18.247  -8.995  1.00 91.40 ? 73   ASP A OD1 1 
ATOM   8   O  OD2 . ASP A 1 6  ? 8.141   19.306  -9.023  1.00 96.96 ? 73   ASP A OD2 1 
ATOM   9   N  N   . ARG A 1 7  ? 5.484   16.113  -6.441  1.00 67.06 ? 74   ARG A N   1 
ATOM   10  C  CA  . ARG A 1 7  ? 5.816   14.698  -6.573  1.00 56.14 ? 74   ARG A CA  1 
ATOM   11  C  C   . ARG A 1 7  ? 4.541   13.871  -6.579  1.00 44.14 ? 74   ARG A C   1 
ATOM   12  O  O   . ARG A 1 7  ? 3.557   14.235  -5.937  1.00 46.00 ? 74   ARG A O   1 
ATOM   13  C  CB  . ARG A 1 7  ? 6.719   14.235  -5.427  1.00 53.11 ? 74   ARG A CB  1 
ATOM   14  C  CG  . ARG A 1 7  ? 6.009   14.107  -4.087  1.00 49.94 ? 74   ARG A CG  1 
ATOM   15  N  N   . PHE A 1 8  ? 4.556   12.759  -7.309  1.00 37.79 ? 75   PHE A N   1 
ATOM   16  C  CA  . PHE A 1 8  ? 3.424   11.843  -7.298  1.00 37.92 ? 75   PHE A CA  1 
ATOM   17  C  C   . PHE A 1 8  ? 3.346   11.117  -5.961  1.00 34.62 ? 75   PHE A C   1 
ATOM   18  O  O   . PHE A 1 8  ? 4.356   10.638  -5.443  1.00 28.30 ? 75   PHE A O   1 
ATOM   19  C  CB  . PHE A 1 8  ? 3.521   10.827  -8.436  1.00 38.73 ? 75   PHE A CB  1 
ATOM   20  C  CG  . PHE A 1 8  ? 2.507   9.723   -8.341  1.00 35.63 ? 75   PHE A CG  1 
ATOM   21  C  CD1 . PHE A 1 8  ? 1.174   9.965   -8.624  1.00 37.75 ? 75   PHE A CD1 1 
ATOM   22  C  CD2 . PHE A 1 8  ? 2.887   8.447   -7.961  1.00 37.90 ? 75   PHE A CD2 1 
ATOM   23  C  CE1 . PHE A 1 8  ? 0.237   8.953   -8.532  1.00 39.10 ? 75   PHE A CE1 1 
ATOM   24  C  CE2 . PHE A 1 8  ? 1.955   7.431   -7.868  1.00 40.67 ? 75   PHE A CE2 1 
ATOM   25  C  CZ  . PHE A 1 8  ? 0.628   7.685   -8.156  1.00 42.03 ? 75   PHE A CZ  1 
ATOM   26  N  N   . SER A 1 9  ? 2.146   11.036  -5.401  1.00 32.04 ? 76   SER A N   1 
ATOM   27  C  CA  . SER A 1 9  ? 1.973   10.392  -4.108  1.00 34.67 ? 76   SER A CA  1 
ATOM   28  C  C   . SER A 1 9  ? 0.534   9.957   -3.871  1.00 33.49 ? 76   SER A C   1 
ATOM   29  O  O   . SER A 1 9  ? -0.402  10.730  -4.078  1.00 30.06 ? 76   SER A O   1 
ATOM   30  C  CB  . SER A 1 9  ? 2.428   11.327  -2.985  1.00 40.80 ? 76   SER A CB  1 
ATOM   31  O  OG  . SER A 1 9  ? 2.376   10.673  -1.730  1.00 47.80 ? 76   SER A OG  1 
ATOM   32  N  N   . VAL A 1 10 ? 0.365   8.709   -3.446  1.00 28.50 ? 77   VAL A N   1 
ATOM   33  C  CA  . VAL A 1 10 ? -0.940  8.204   -3.034  1.00 27.99 ? 77   VAL A CA  1 
ATOM   34  C  C   . VAL A 1 10 ? -0.834  7.621   -1.634  1.00 28.86 ? 77   VAL A C   1 
ATOM   35  O  O   . VAL A 1 10 ? 0.179   7.015   -1.279  1.00 24.66 ? 77   VAL A O   1 
ATOM   36  C  CB  . VAL A 1 10 ? -1.493  7.135   -4.008  1.00 27.25 ? 77   VAL A CB  1 
ATOM   37  C  CG1 . VAL A 1 10 ? -1.834  7.762   -5.354  1.00 29.25 ? 77   VAL A CG1 1 
ATOM   38  C  CG2 . VAL A 1 10 ? -0.502  5.991   -4.182  1.00 21.80 ? 77   VAL A CG2 1 
ATOM   39  N  N   . ASN A 1 11 ? -1.877  7.823   -0.835  1.00 25.85 ? 78   ASN A N   1 
ATOM   40  C  CA  . ASN A 1 11 ? -1.911  7.316   0.531   1.00 28.76 ? 78   ASN A CA  1 
ATOM   41  C  C   . ASN A 1 11 ? -3.012  6.279   0.700   1.00 28.65 ? 78   ASN A C   1 
ATOM   42  O  O   . ASN A 1 11 ? -4.065  6.367   0.065   1.00 22.96 ? 78   ASN A O   1 
ATOM   43  C  CB  . ASN A 1 11 ? -2.116  8.460   1.529   1.00 31.50 ? 78   ASN A CB  1 
ATOM   44  C  CG  . ASN A 1 11 ? -1.091  9.563   1.372   1.00 43.47 ? 78   ASN A CG  1 
ATOM   45  O  OD1 . ASN A 1 11 ? 0.097   9.369   1.637   1.00 43.14 ? 78   ASN A OD1 1 
ATOM   46  N  ND2 . ASN A 1 11 ? -1.545  10.735  0.939   1.00 49.34 ? 78   ASN A ND2 1 
ATOM   47  N  N   . LEU A 1 12 ? -2.763  5.302   1.563   1.00 22.85 ? 79   LEU A N   1 
ATOM   48  C  CA  . LEU A 1 12 ? -3.709  4.225   1.806   1.00 26.10 ? 79   LEU A CA  1 
ATOM   49  C  C   . LEU A 1 12 ? -3.750  3.897   3.293   1.00 26.52 ? 79   LEU A C   1 
ATOM   50  O  O   . LEU A 1 12 ? -2.715  3.638   3.910   1.00 21.11 ? 79   LEU A O   1 
ATOM   51  C  CB  . LEU A 1 12 ? -3.308  2.989   0.997   1.00 34.12 ? 79   LEU A CB  1 
ATOM   52  C  CG  . LEU A 1 12 ? -4.204  1.752   1.044   1.00 38.55 ? 79   LEU A CG  1 
ATOM   53  C  CD1 . LEU A 1 12 ? -5.645  2.105   0.694   1.00 42.60 ? 79   LEU A CD1 1 
ATOM   54  C  CD2 . LEU A 1 12 ? -3.663  0.685   0.103   1.00 35.49 ? 79   LEU A CD2 1 
ATOM   55  N  N   . ASP A 1 13 ? -4.947  3.928   3.869   1.00 25.75 ? 80   ASP A N   1 
ATOM   56  C  CA  . ASP A 1 13 ? -5.125  3.583   5.274   1.00 29.41 ? 80   ASP A CA  1 
ATOM   57  C  C   . ASP A 1 13 ? -5.117  2.070   5.441   1.00 27.19 ? 80   ASP A C   1 
ATOM   58  O  O   . ASP A 1 13 ? -6.077  1.394   5.072   1.00 27.76 ? 80   ASP A O   1 
ATOM   59  C  CB  . ASP A 1 13 ? -6.437  4.167   5.807   1.00 35.28 ? 80   ASP A CB  1 
ATOM   60  C  CG  . ASP A 1 13 ? -6.672  3.844   7.274   1.00 45.07 ? 80   ASP A CG  1 
ATOM   61  O  OD1 . ASP A 1 13 ? -5.810  3.182   7.893   1.00 42.66 ? 80   ASP A OD1 1 
ATOM   62  O  OD2 . ASP A 1 13 ? -7.724  4.253   7.809   1.00 51.26 ? 80   ASP A OD2 1 
ATOM   63  N  N   . VAL A 1 14 ? -4.031  1.543   5.997   1.00 17.28 ? 81   VAL A N   1 
ATOM   64  C  CA  . VAL A 1 14 ? -3.887  0.101   6.188   1.00 19.10 ? 81   VAL A CA  1 
ATOM   65  C  C   . VAL A 1 14 ? -3.657  -0.273  7.654   1.00 23.69 ? 81   VAL A C   1 
ATOM   66  O  O   . VAL A 1 14 ? -2.953  -1.238  7.948   1.00 21.35 ? 81   VAL A O   1 
ATOM   67  C  CB  . VAL A 1 14 ? -2.718  -0.450  5.355   1.00 24.62 ? 81   VAL A CB  1 
ATOM   68  C  CG1 . VAL A 1 14 ? -3.023  -0.328  3.867   1.00 26.93 ? 81   VAL A CG1 1 
ATOM   69  C  CG2 . VAL A 1 14 ? -1.431  0.289   5.700   1.00 24.69 ? 81   VAL A CG2 1 
ATOM   70  N  N   . LYS A 1 15 ? -4.263  0.479   8.567   1.00 27.08 ? 82   LYS A N   1 
ATOM   71  C  CA  . LYS A 1 15 ? -4.019  0.282   9.996   1.00 31.10 ? 82   LYS A CA  1 
ATOM   72  C  C   . LYS A 1 15 ? -4.391  -1.109  10.524  1.00 29.58 ? 82   LYS A C   1 
ATOM   73  O  O   . LYS A 1 15 ? -3.932  -1.508  11.593  1.00 27.04 ? 82   LYS A O   1 
ATOM   74  C  CB  . LYS A 1 15 ? -4.706  1.373   10.823  1.00 35.40 ? 82   LYS A CB  1 
ATOM   75  C  CG  . LYS A 1 15 ? -6.197  1.515   10.573  1.00 40.85 ? 82   LYS A CG  1 
ATOM   76  C  CD  . LYS A 1 15 ? -6.759  2.715   11.322  1.00 48.81 ? 82   LYS A CD  1 
ATOM   77  C  CE  . LYS A 1 15 ? -8.217  2.959   10.971  1.00 51.62 ? 82   LYS A CE  1 
ATOM   78  N  NZ  . LYS A 1 15 ? -9.072  1.795   11.326  1.00 47.03 ? 82   LYS A NZ  1 
ATOM   79  N  N   . HIS A 1 16 ? -5.211  -1.847  9.779   1.00 23.25 ? 83   HIS A N   1 
ATOM   80  C  CA  . HIS A 1 16 ? -5.585  -3.200  10.193  1.00 21.97 ? 83   HIS A CA  1 
ATOM   81  C  C   . HIS A 1 16 ? -4.558  -4.251  9.778   1.00 22.19 ? 83   HIS A C   1 
ATOM   82  O  O   . HIS A 1 16 ? -4.702  -5.427  10.104  1.00 25.12 ? 83   HIS A O   1 
ATOM   83  C  CB  . HIS A 1 16 ? -6.962  -3.583  9.640   1.00 23.39 ? 83   HIS A CB  1 
ATOM   84  C  CG  . HIS A 1 16 ? -8.086  -2.779  10.212  1.00 24.76 ? 83   HIS A CG  1 
ATOM   85  N  ND1 . HIS A 1 16 ? -9.038  -2.165  9.428   1.00 28.94 ? 83   HIS A ND1 1 
ATOM   86  C  CD2 . HIS A 1 16 ? -8.400  -2.478  11.494  1.00 31.06 ? 83   HIS A CD2 1 
ATOM   87  C  CE1 . HIS A 1 16 ? -9.898  -1.529  10.204  1.00 28.41 ? 83   HIS A CE1 1 
ATOM   88  N  NE2 . HIS A 1 16 ? -9.533  -1.701  11.462  1.00 33.77 ? 83   HIS A NE2 1 
ATOM   89  N  N   . PHE A 1 17 ? -3.526  -3.820  9.058   1.00 21.77 ? 84   PHE A N   1 
ATOM   90  C  CA  . PHE A 1 17 ? -2.516  -4.732  8.533   1.00 24.27 ? 84   PHE A CA  1 
ATOM   91  C  C   . PHE A 1 17 ? -1.135  -4.384  9.074   1.00 24.46 ? 84   PHE A C   1 
ATOM   92  O  O   . PHE A 1 17 ? -0.749  -3.217  9.101   1.00 25.85 ? 84   PHE A O   1 
ATOM   93  C  CB  . PHE A 1 17 ? -2.483  -4.674  6.997   1.00 18.14 ? 84   PHE A CB  1 
ATOM   94  C  CG  . PHE A 1 17 ? -3.773  -5.096  6.340   1.00 18.67 ? 84   PHE A CG  1 
ATOM   95  C  CD1 . PHE A 1 17 ? -4.794  -4.182  6.139   1.00 16.62 ? 84   PHE A CD1 1 
ATOM   96  C  CD2 . PHE A 1 17 ? -3.961  -6.405  5.925   1.00 21.98 ? 84   PHE A CD2 1 
ATOM   97  C  CE1 . PHE A 1 17 ? -5.984  -4.562  5.531   1.00 21.07 ? 84   PHE A CE1 1 
ATOM   98  C  CE2 . PHE A 1 17 ? -5.153  -6.797  5.320   1.00 14.96 ? 84   PHE A CE2 1 
ATOM   99  C  CZ  . PHE A 1 17 ? -6.163  -5.872  5.125   1.00 15.52 ? 84   PHE A CZ  1 
ATOM   100 N  N   . SER A 1 18 ? -0.390  -5.395  9.507   1.00 21.92 ? 85   SER A N   1 
ATOM   101 C  CA  . SER A 1 18 ? 1.011   -5.186  9.850   1.00 22.81 ? 85   SER A CA  1 
ATOM   102 C  C   . SER A 1 18 ? 1.810   -5.046  8.556   1.00 24.12 ? 85   SER A C   1 
ATOM   103 O  O   . SER A 1 18 ? 1.383   -5.527  7.505   1.00 24.96 ? 85   SER A O   1 
ATOM   104 C  CB  . SER A 1 18 ? 1.547   -6.344  10.697  1.00 34.13 ? 85   SER A CB  1 
ATOM   105 O  OG  . SER A 1 18 ? 1.584   -7.550  9.955   1.00 42.17 ? 85   SER A OG  1 
ATOM   106 N  N   . PRO A 1 19 ? 2.969   -4.376  8.621   1.00 21.81 ? 86   PRO A N   1 
ATOM   107 C  CA  . PRO A 1 19 ? 3.787   -4.178  7.419   1.00 22.80 ? 86   PRO A CA  1 
ATOM   108 C  C   . PRO A 1 19 ? 4.077   -5.490  6.688   1.00 23.37 ? 86   PRO A C   1 
ATOM   109 O  O   . PRO A 1 19 ? 4.123   -5.510  5.458   1.00 26.07 ? 86   PRO A O   1 
ATOM   110 C  CB  . PRO A 1 19 ? 5.082   -3.575  7.974   1.00 24.91 ? 86   PRO A CB  1 
ATOM   111 C  CG  . PRO A 1 19 ? 4.660   -2.889  9.233   1.00 23.98 ? 86   PRO A CG  1 
ATOM   112 C  CD  . PRO A 1 19 ? 3.559   -3.734  9.810   1.00 22.28 ? 86   PRO A CD  1 
ATOM   113 N  N   . GLU A 1 20 ? 4.253   -6.573  7.437   1.00 21.32 ? 87   GLU A N   1 
ATOM   114 C  CA  . GLU A 1 20 ? 4.588   -7.866  6.846   1.00 24.11 ? 87   GLU A CA  1 
ATOM   115 C  C   . GLU A 1 20 ? 3.388   -8.515  6.153   1.00 23.58 ? 87   GLU A C   1 
ATOM   116 O  O   . GLU A 1 20 ? 3.537   -9.495  5.424   1.00 25.77 ? 87   GLU A O   1 
ATOM   117 C  CB  . GLU A 1 20 ? 5.160   -8.813  7.909   1.00 29.22 ? 87   GLU A CB  1 
ATOM   118 C  CG  . GLU A 1 20 ? 6.519   -8.391  8.450   1.00 44.35 ? 87   GLU A CG  1 
ATOM   119 N  N   . GLU A 1 21 ? 2.202   -7.965  6.384   1.00 21.42 ? 88   GLU A N   1 
ATOM   120 C  CA  . GLU A 1 21 ? 0.990   -8.474  5.754   1.00 16.35 ? 88   GLU A CA  1 
ATOM   121 C  C   . GLU A 1 21 ? 0.642   -7.661  4.516   1.00 22.48 ? 88   GLU A C   1 
ATOM   122 O  O   . GLU A 1 21 ? -0.426  -7.827  3.926   1.00 20.63 ? 88   GLU A O   1 
ATOM   123 C  CB  . GLU A 1 21 ? -0.165  -8.459  6.753   1.00 19.43 ? 88   GLU A CB  1 
ATOM   124 C  CG  . GLU A 1 21 ? 0.035   -9.435  7.899   1.00 26.19 ? 88   GLU A CG  1 
ATOM   125 C  CD  . GLU A 1 21 ? -0.903  -9.180  9.058   1.00 28.14 ? 88   GLU A CD  1 
ATOM   126 O  OE1 . GLU A 1 21 ? -1.432  -8.056  9.157   1.00 29.28 ? 88   GLU A OE1 1 
ATOM   127 O  OE2 . GLU A 1 21 ? -1.100  -10.104 9.873   1.00 27.62 ? 88   GLU A OE2 1 
ATOM   128 N  N   . LEU A 1 22 ? 1.562   -6.788  4.123   1.00 16.85 ? 89   LEU A N   1 
ATOM   129 C  CA  . LEU A 1 22 ? 1.370   -5.935  2.959   1.00 18.52 ? 89   LEU A CA  1 
ATOM   130 C  C   . LEU A 1 22 ? 2.501   -6.145  1.967   1.00 20.61 ? 89   LEU A C   1 
ATOM   131 O  O   . LEU A 1 22 ? 3.640   -6.390  2.357   1.00 19.09 ? 89   LEU A O   1 
ATOM   132 C  CB  . LEU A 1 22 ? 1.323   -4.466  3.382   1.00 18.30 ? 89   LEU A CB  1 
ATOM   133 C  CG  . LEU A 1 22 ? 0.115   -4.071  4.233   1.00 24.92 ? 89   LEU A CG  1 
ATOM   134 C  CD1 . LEU A 1 22 ? 0.436   -2.883  5.122   1.00 25.48 ? 89   LEU A CD1 1 
ATOM   135 C  CD2 . LEU A 1 22 ? -1.098  -3.788  3.354   1.00 21.90 ? 89   LEU A CD2 1 
ATOM   136 N  N   . LYS A 1 23 ? 2.179   -6.052  0.685   1.00 19.77 ? 90   LYS A N   1 
ATOM   137 C  CA  . LYS A 1 23 ? 3.192   -6.127  -0.356  1.00 22.11 ? 90   LYS A CA  1 
ATOM   138 C  C   . LYS A 1 23 ? 2.902   -5.074  -1.415  1.00 22.46 ? 90   LYS A C   1 
ATOM   139 O  O   . LYS A 1 23 ? 1.772   -4.948  -1.882  1.00 25.13 ? 90   LYS A O   1 
ATOM   140 C  CB  . LYS A 1 23 ? 3.217   -7.520  -0.987  1.00 25.27 ? 90   LYS A CB  1 
ATOM   141 N  N   . VAL A 1 24 ? 3.924   -4.309  -1.780  1.00 14.98 ? 91   VAL A N   1 
ATOM   142 C  CA  . VAL A 1 24 ? 3.792   -3.317  -2.835  1.00 19.38 ? 91   VAL A CA  1 
ATOM   143 C  C   . VAL A 1 24 ? 4.659   -3.748  -4.003  1.00 23.73 ? 91   VAL A C   1 
ATOM   144 O  O   . VAL A 1 24 ? 5.844   -4.024  -3.833  1.00 24.40 ? 91   VAL A O   1 
ATOM   145 C  CB  . VAL A 1 24 ? 4.234   -1.918  -2.365  1.00 23.81 ? 91   VAL A CB  1 
ATOM   146 C  CG1 . VAL A 1 24 ? 4.090   -0.910  -3.496  1.00 25.39 ? 91   VAL A CG1 1 
ATOM   147 C  CG2 . VAL A 1 24 ? 3.421   -1.482  -1.160  1.00 21.62 ? 91   VAL A CG2 1 
ATOM   148 N  N   . LYS A 1 25 ? 4.063   -3.824  -5.185  1.00 25.08 ? 92   LYS A N   1 
ATOM   149 C  CA  . LYS A 1 25 ? 4.797   -4.226  -6.376  1.00 33.12 ? 92   LYS A CA  1 
ATOM   150 C  C   . LYS A 1 25 ? 4.517   -3.243  -7.497  1.00 28.50 ? 92   LYS A C   1 
ATOM   151 O  O   . LYS A 1 25 ? 3.405   -2.740  -7.619  1.00 26.42 ? 92   LYS A O   1 
ATOM   152 C  CB  . LYS A 1 25 ? 4.390   -5.636  -6.812  1.00 44.16 ? 92   LYS A CB  1 
ATOM   153 C  CG  . LYS A 1 25 ? 4.641   -6.710  -5.767  1.00 50.97 ? 92   LYS A CG  1 
ATOM   154 N  N   . VAL A 1 26 ? 5.532   -2.962  -8.304  1.00 24.59 ? 93   VAL A N   1 
ATOM   155 C  CA  . VAL A 1 26 ? 5.345   -2.133  -9.483  1.00 28.37 ? 93   VAL A CA  1 
ATOM   156 C  C   . VAL A 1 26 ? 5.469   -2.992  -10.735 1.00 35.04 ? 93   VAL A C   1 
ATOM   157 O  O   . VAL A 1 26 ? 6.536   -3.526  -11.033 1.00 39.06 ? 93   VAL A O   1 
ATOM   158 C  CB  . VAL A 1 26 ? 6.358   -0.973  -9.536  1.00 34.58 ? 93   VAL A CB  1 
ATOM   159 C  CG1 . VAL A 1 26 ? 6.266   -0.244  -10.871 1.00 31.47 ? 93   VAL A CG1 1 
ATOM   160 C  CG2 . VAL A 1 26 ? 6.121   -0.016  -8.379  1.00 34.94 ? 93   VAL A CG2 1 
ATOM   161 N  N   . LEU A 1 27 ? 4.359   -3.135  -11.452 1.00 34.18 ? 94   LEU A N   1 
ATOM   162 C  CA  . LEU A 1 27 ? 4.325   -3.914  -12.680 1.00 40.47 ? 94   LEU A CA  1 
ATOM   163 C  C   . LEU A 1 27 ? 3.981   -2.997  -13.847 1.00 41.50 ? 94   LEU A C   1 
ATOM   164 O  O   . LEU A 1 27 ? 2.870   -2.475  -13.928 1.00 33.90 ? 94   LEU A O   1 
ATOM   165 C  CB  . LEU A 1 27 ? 3.296   -5.041  -12.570 1.00 43.63 ? 94   LEU A CB  1 
ATOM   166 N  N   . GLY A 1 28 ? 4.939   -2.802  -14.747 1.00 46.61 ? 95   GLY A N   1 
ATOM   167 C  CA  . GLY A 1 28 ? 4.775   -1.838  -15.818 1.00 43.10 ? 95   GLY A CA  1 
ATOM   168 C  C   . GLY A 1 28 ? 4.539   -0.467  -15.216 1.00 39.39 ? 95   GLY A C   1 
ATOM   169 O  O   . GLY A 1 28 ? 5.330   -0.002  -14.395 1.00 41.55 ? 95   GLY A O   1 
ATOM   170 N  N   . ASP A 1 29 ? 3.443   0.174   -15.606 1.00 29.72 ? 96   ASP A N   1 
ATOM   171 C  CA  . ASP A 1 29 ? 3.092   1.477   -15.046 1.00 34.01 ? 96   ASP A CA  1 
ATOM   172 C  C   . ASP A 1 29 ? 1.947   1.365   -14.042 1.00 29.61 ? 96   ASP A C   1 
ATOM   173 O  O   . ASP A 1 29 ? 1.162   2.296   -13.875 1.00 32.28 ? 96   ASP A O   1 
ATOM   174 C  CB  . ASP A 1 29 ? 2.733   2.468   -16.157 1.00 42.91 ? 96   ASP A CB  1 
ATOM   175 C  CG  . ASP A 1 29 ? 1.502   2.053   -16.935 1.00 52.62 ? 96   ASP A CG  1 
ATOM   176 O  OD1 . ASP A 1 29 ? 1.060   0.895   -16.785 1.00 52.07 ? 96   ASP A OD1 1 
ATOM   177 O  OD2 . ASP A 1 29 ? 0.975   2.887   -17.701 1.00 63.26 ? 96   ASP A OD2 1 
ATOM   178 N  N   . VAL A 1 30 ? 1.858   0.218   -13.377 1.00 27.96 ? 97   VAL A N   1 
ATOM   179 C  CA  . VAL A 1 30 ? 0.829   0.002   -12.363 1.00 26.65 ? 97   VAL A CA  1 
ATOM   180 C  C   . VAL A 1 30 ? 1.442   -0.293  -10.997 1.00 24.04 ? 97   VAL A C   1 
ATOM   181 O  O   . VAL A 1 30 ? 2.343   -1.127  -10.870 1.00 26.77 ? 97   VAL A O   1 
ATOM   182 C  CB  . VAL A 1 30 ? -0.123  -1.151  -12.745 1.00 30.27 ? 97   VAL A CB  1 
ATOM   183 C  CG1 . VAL A 1 30 ? -1.077  -1.460  -11.596 1.00 27.41 ? 97   VAL A CG1 1 
ATOM   184 C  CG2 . VAL A 1 30 ? -0.901  -0.809  -14.013 1.00 37.06 ? 97   VAL A CG2 1 
ATOM   185 N  N   . ILE A 1 31 ? 0.953   0.410   -9.981  1.00 21.02 ? 98   ILE A N   1 
ATOM   186 C  CA  . ILE A 1 31 ? 1.313   0.128   -8.600  1.00 17.89 ? 98   ILE A CA  1 
ATOM   187 C  C   . ILE A 1 31 ? 0.293   -0.840  -8.029  1.00 23.35 ? 98   ILE A C   1 
ATOM   188 O  O   . ILE A 1 31 ? -0.906  -0.563  -8.040  1.00 24.16 ? 98   ILE A O   1 
ATOM   189 C  CB  . ILE A 1 31 ? 1.287   1.397   -7.740  1.00 21.81 ? 98   ILE A CB  1 
ATOM   190 C  CG1 . ILE A 1 31 ? 2.310   2.416   -8.246  1.00 21.84 ? 98   ILE A CG1 1 
ATOM   191 C  CG2 . ILE A 1 31 ? 1.537   1.052   -6.273  1.00 29.27 ? 98   ILE A CG2 1 
ATOM   192 C  CD1 . ILE A 1 31 ? 2.180   3.772   -7.587  1.00 21.49 ? 98   ILE A CD1 1 
ATOM   193 N  N   . GLU A 1 32 ? 0.768   -1.980  -7.545  1.00 22.23 ? 99   GLU A N   1 
ATOM   194 C  CA  . GLU A 1 32 ? -0.112  -2.959  -6.922  1.00 25.63 ? 99   GLU A CA  1 
ATOM   195 C  C   . GLU A 1 32 ? 0.152   -3.042  -5.424  1.00 24.54 ? 99   GLU A C   1 
ATOM   196 O  O   . GLU A 1 32 ? 1.282   -3.255  -4.995  1.00 20.87 ? 99   GLU A O   1 
ATOM   197 C  CB  . GLU A 1 32 ? 0.079   -4.335  -7.561  1.00 29.38 ? 99   GLU A CB  1 
ATOM   198 C  CG  . GLU A 1 32 ? -0.334  -4.405  -9.020  1.00 35.23 ? 99   GLU A CG  1 
ATOM   199 C  CD  . GLU A 1 32 ? -0.160  -5.792  -9.608  1.00 49.53 ? 99   GLU A CD  1 
ATOM   200 O  OE1 . GLU A 1 32 ? 0.773   -6.509  -9.184  1.00 56.86 ? 99   GLU A OE1 1 
ATOM   201 O  OE2 . GLU A 1 32 ? -0.953  -6.164  -10.497 1.00 52.89 ? 99   GLU A OE2 1 
ATOM   202 N  N   . VAL A 1 33 ? -0.898  -2.855  -4.632  1.00 18.38 ? 100  VAL A N   1 
ATOM   203 C  CA  . VAL A 1 33 ? -0.799  -3.038  -3.191  1.00 19.37 ? 100  VAL A CA  1 
ATOM   204 C  C   . VAL A 1 33 ? -1.682  -4.200  -2.773  1.00 18.83 ? 100  VAL A C   1 
ATOM   205 O  O   . VAL A 1 33 ? -2.893  -4.180  -2.999  1.00 18.87 ? 100  VAL A O   1 
ATOM   206 C  CB  . VAL A 1 33 ? -1.228  -1.780  -2.415  1.00 18.65 ? 100  VAL A CB  1 
ATOM   207 C  CG1 . VAL A 1 33 ? -1.067  -2.006  -0.916  1.00 23.16 ? 100  VAL A CG1 1 
ATOM   208 C  CG2 . VAL A 1 33 ? -0.419  -0.575  -2.865  1.00 17.09 ? 100  VAL A CG2 1 
ATOM   209 N  N   . HIS A 1 34 ? -1.072  -5.216  -2.176  1.00 17.20 ? 101  HIS A N   1 
ATOM   210 C  CA  . HIS A 1 34 ? -1.819  -6.369  -1.692  1.00 19.45 ? 101  HIS A CA  1 
ATOM   211 C  C   . HIS A 1 34 ? -1.721  -6.472  -0.180  1.00 21.18 ? 101  HIS A C   1 
ATOM   212 O  O   . HIS A 1 34 ? -0.632  -6.444  0.380   1.00 20.48 ? 101  HIS A O   1 
ATOM   213 C  CB  . HIS A 1 34 ? -1.312  -7.662  -2.333  1.00 22.52 ? 101  HIS A CB  1 
ATOM   214 C  CG  . HIS A 1 34 ? -2.041  -8.885  -1.867  1.00 30.17 ? 101  HIS A CG  1 
ATOM   215 N  ND1 . HIS A 1 34 ? -1.392  -10.020 -1.431  1.00 36.87 ? 101  HIS A ND1 1 
ATOM   216 C  CD2 . HIS A 1 34 ? -3.366  -9.138  -1.745  1.00 29.00 ? 101  HIS A CD2 1 
ATOM   217 C  CE1 . HIS A 1 34 ? -2.288  -10.926 -1.073  1.00 34.32 ? 101  HIS A CE1 1 
ATOM   218 N  NE2 . HIS A 1 34 ? -3.492  -10.415 -1.253  1.00 29.01 ? 101  HIS A NE2 1 
ATOM   219 N  N   . GLY A 1 35 ? -2.871  -6.582  0.477   1.00 17.91 ? 102  GLY A N   1 
ATOM   220 C  CA  . GLY A 1 35 ? -2.907  -6.749  1.918   1.00 16.31 ? 102  GLY A CA  1 
ATOM   221 C  C   . GLY A 1 35 ? -3.695  -7.985  2.290   1.00 19.16 ? 102  GLY A C   1 
ATOM   222 O  O   . GLY A 1 35 ? -4.766  -8.231  1.740   1.00 17.82 ? 102  GLY A O   1 
ATOM   223 N  N   . LYS A 1 36 ? -3.167  -8.770  3.221   1.00 20.20 ? 103  LYS A N   1 
ATOM   224 C  CA  . LYS A 1 36 ? -3.865  -9.968  3.675   1.00 21.75 ? 103  LYS A CA  1 
ATOM   225 C  C   . LYS A 1 36 ? -3.461  -10.328 5.091   1.00 24.61 ? 103  LYS A C   1 
ATOM   226 O  O   . LYS A 1 36 ? -2.272  -10.421 5.399   1.00 19.03 ? 103  LYS A O   1 
ATOM   227 C  CB  . LYS A 1 36 ? -3.573  -11.150 2.744   1.00 24.16 ? 103  LYS A CB  1 
ATOM   228 C  CG  . LYS A 1 36 ? -4.306  -12.432 3.126   1.00 33.04 ? 103  LYS A CG  1 
ATOM   229 C  CD  . LYS A 1 36 ? -3.932  -13.588 2.209   1.00 36.50 ? 103  LYS A CD  1 
ATOM   230 C  CE  . LYS A 1 36 ? -4.760  -14.829 2.517   1.00 35.37 ? 103  LYS A CE  1 
ATOM   231 N  N   . HIS A 1 37 ? -4.445  -10.524 5.959   1.00 20.69 ? 104  HIS A N   1 
ATOM   232 C  CA  . HIS A 1 37 ? -4.142  -11.031 7.295   1.00 26.30 ? 104  HIS A CA  1 
ATOM   233 C  C   . HIS A 1 37 ? -5.070  -12.169 7.687   1.00 29.31 ? 104  HIS A C   1 
ATOM   234 O  O   . HIS A 1 37 ? -6.256  -12.176 7.341   1.00 23.51 ? 104  HIS A O   1 
ATOM   235 C  CB  . HIS A 1 37 ? -4.117  -9.911  8.351   1.00 22.26 ? 104  HIS A CB  1 
ATOM   236 C  CG  . HIS A 1 37 ? -5.469  -9.427  8.777   1.00 21.20 ? 104  HIS A CG  1 
ATOM   237 N  ND1 . HIS A 1 37 ? -6.295  -10.161 9.602   1.00 21.89 ? 104  HIS A ND1 1 
ATOM   238 C  CD2 . HIS A 1 37 ? -6.119  -8.265  8.531   1.00 18.62 ? 104  HIS A CD2 1 
ATOM   239 C  CE1 . HIS A 1 37 ? -7.409  -9.480  9.825   1.00 21.13 ? 104  HIS A CE1 1 
ATOM   240 N  NE2 . HIS A 1 37 ? -7.324  -8.326  9.189   1.00 19.24 ? 104  HIS A NE2 1 
ATOM   241 N  N   . GLU A 1 38 ? -4.506  -13.139 8.395   1.00 28.76 ? 105  GLU A N   1 
ATOM   242 C  CA  . GLU A 1 38 ? -5.237  -14.327 8.801   1.00 32.79 ? 105  GLU A CA  1 
ATOM   243 C  C   . GLU A 1 38 ? -6.236  -13.982 9.894   1.00 30.67 ? 105  GLU A C   1 
ATOM   244 O  O   . GLU A 1 38 ? -6.187  -12.893 10.470  1.00 25.48 ? 105  GLU A O   1 
ATOM   245 C  CB  . GLU A 1 38 ? -4.262  -15.397 9.305   1.00 41.29 ? 105  GLU A CB  1 
ATOM   246 C  CG  . GLU A 1 38 ? -3.108  -15.678 8.357   1.00 48.92 ? 105  GLU A CG  1 
ATOM   247 C  CD  . GLU A 1 38 ? -3.573  -16.121 6.982   1.00 60.24 ? 105  GLU A CD  1 
ATOM   248 O  OE1 . GLU A 1 38 ? -4.489  -16.966 6.905   1.00 63.39 ? 105  GLU A OE1 1 
ATOM   249 O  OE2 . GLU A 1 38 ? -3.018  -15.625 5.979   1.00 67.19 ? 105  GLU A OE2 1 
ATOM   250 N  N   . GLU A 1 39 ? -7.133  -14.918 10.184  1.00 30.05 ? 106  GLU A N   1 
ATOM   251 C  CA  . GLU A 1 39 ? -8.146  -14.708 11.206  1.00 32.67 ? 106  GLU A CA  1 
ATOM   252 C  C   . GLU A 1 39 ? -7.499  -14.233 12.498  1.00 31.67 ? 106  GLU A C   1 
ATOM   253 O  O   . GLU A 1 39 ? -6.550  -14.844 13.000  1.00 32.40 ? 106  GLU A O   1 
ATOM   254 C  CB  . GLU A 1 39 ? -8.956  -15.982 11.439  1.00 36.43 ? 106  GLU A CB  1 
ATOM   255 C  CG  . GLU A 1 39 ? -10.200 -15.771 12.282  1.00 41.58 ? 106  GLU A CG  1 
ATOM   256 C  CD  . GLU A 1 39 ? -11.108 -16.982 12.278  1.00 46.86 ? 106  GLU A CD  1 
ATOM   257 O  OE1 . GLU A 1 39 ? -11.948 -17.089 11.361  1.00 46.49 ? 106  GLU A OE1 1 
ATOM   258 O  OE2 . GLU A 1 39 ? -10.979 -17.828 13.187  1.00 55.55 ? 106  GLU A OE2 1 
ATOM   259 N  N   . ARG A 1 40 ? -8.020  -13.140 13.035  1.00 31.04 ? 107  ARG A N   1 
ATOM   260 C  CA  A ARG A 1 40 ? -7.416  -12.460 14.174  0.50 37.88 ? 107  ARG A CA  1 
ATOM   261 C  CA  B ARG A 1 40 ? -7.434  -12.546 14.221  0.50 36.97 ? 107  ARG A CA  1 
ATOM   262 C  C   . ARG A 1 40 ? -8.506  -11.958 15.120  1.00 33.05 ? 107  ARG A C   1 
ATOM   263 O  O   . ARG A 1 40 ? -9.515  -11.425 14.664  1.00 27.92 ? 107  ARG A O   1 
ATOM   264 C  CB  A ARG A 1 40 ? -6.593  -11.279 13.653  0.50 40.61 ? 107  ARG A CB  1 
ATOM   265 C  CB  B ARG A 1 40 ? -6.390  -11.494 13.836  0.50 40.50 ? 107  ARG A CB  1 
ATOM   266 C  CG  A ARG A 1 40 ? -5.588  -10.691 14.626  0.50 41.54 ? 107  ARG A CG  1 
ATOM   267 C  CG  B ARG A 1 40 ? -6.780  -10.055 14.120  0.50 40.49 ? 107  ARG A CG  1 
ATOM   268 C  CD  A ARG A 1 40 ? -4.769  -9.600  13.940  0.50 41.86 ? 107  ARG A CD  1 
ATOM   269 C  CD  B ARG A 1 40 ? -5.843  -9.118  13.379  0.50 41.83 ? 107  ARG A CD  1 
ATOM   270 N  NE  A ARG A 1 40 ? -5.583  -8.438  13.589  0.50 40.68 ? 107  ARG A NE  1 
ATOM   271 N  NE  B ARG A 1 40 ? -4.576  -9.781  13.089  0.50 40.14 ? 107  ARG A NE  1 
ATOM   272 C  CZ  A ARG A 1 40 ? -5.278  -7.567  12.631  0.50 35.19 ? 107  ARG A CZ  1 
ATOM   273 C  CZ  B ARG A 1 40 ? -3.704  -9.377  12.170  0.50 31.37 ? 107  ARG A CZ  1 
ATOM   274 N  NH1 A ARG A 1 40 ? -4.175  -7.727  11.909  0.50 37.52 ? 107  ARG A NH1 1 
ATOM   275 N  NH1 B ARG A 1 40 ? -3.953  -8.300  11.435  0.50 33.44 ? 107  ARG A NH1 1 
ATOM   276 N  NH2 A ARG A 1 40 ? -6.080  -6.538  12.389  0.50 15.14 ? 107  ARG A NH2 1 
ATOM   277 N  NH2 B ARG A 1 40 ? -2.583  -10.058 11.984  0.50 22.25 ? 107  ARG A NH2 1 
ATOM   278 N  N   . GLN A 1 41 ? -8.300  -12.102 16.422  1.00 30.36 ? 108  GLN A N   1 
ATOM   279 C  CA  . GLN A 1 41 ? -9.281  -11.626 17.386  1.00 30.55 ? 108  GLN A CA  1 
ATOM   280 C  C   . GLN A 1 41 ? -9.211  -10.109 17.536  1.00 29.97 ? 108  GLN A C   1 
ATOM   281 O  O   . GLN A 1 41 ? -8.126  -9.536  17.611  1.00 29.41 ? 108  GLN A O   1 
ATOM   282 C  CB  . GLN A 1 41 ? -9.076  -12.306 18.746  1.00 33.48 ? 108  GLN A CB  1 
ATOM   283 C  CG  . GLN A 1 41 ? -10.145 -11.956 19.767  1.00 35.05 ? 108  GLN A CG  1 
ATOM   284 C  CD  . GLN A 1 41 ? -9.977  -12.686 21.087  1.00 39.19 ? 108  GLN A CD  1 
ATOM   285 O  OE1 . GLN A 1 41 ? -8.937  -13.295 21.355  1.00 39.85 ? 108  GLN A OE1 1 
ATOM   286 N  NE2 . GLN A 1 41 ? -11.003 -12.621 21.925  1.00 32.49 ? 108  GLN A NE2 1 
ATOM   287 N  N   . ASP A 1 42 ? -10.368 -9.458  17.556  1.00 28.28 ? 109  ASP A N   1 
ATOM   288 C  CA  . ASP A 1 42 ? -10.424 -8.041  17.904  1.00 31.87 ? 109  ASP A CA  1 
ATOM   289 C  C   . ASP A 1 42 ? -11.530 -7.780  18.922  1.00 33.43 ? 109  ASP A C   1 
ATOM   290 O  O   . ASP A 1 42 ? -12.034 -8.710  19.547  1.00 33.48 ? 109  ASP A O   1 
ATOM   291 C  CB  . ASP A 1 42 ? -10.579 -7.156  16.661  1.00 31.18 ? 109  ASP A CB  1 
ATOM   292 C  CG  . ASP A 1 42 ? -11.918 -7.331  15.969  1.00 31.44 ? 109  ASP A CG  1 
ATOM   293 O  OD1 . ASP A 1 42 ? -12.786 -8.066  16.488  1.00 29.89 ? 109  ASP A OD1 1 
ATOM   294 O  OD2 . ASP A 1 42 ? -12.099 -6.719  14.895  1.00 30.06 ? 109  ASP A OD2 1 
ATOM   295 N  N   . GLU A 1 43 ? -11.894 -6.515  19.089  1.00 36.08 ? 110  GLU A N   1 
ATOM   296 C  CA  . GLU A 1 43 ? -12.877 -6.124  20.092  1.00 45.36 ? 110  GLU A CA  1 
ATOM   297 C  C   . GLU A 1 43 ? -14.253 -6.745  19.849  1.00 42.84 ? 110  GLU A C   1 
ATOM   298 O  O   . GLU A 1 43 ? -15.008 -6.989  20.790  1.00 40.19 ? 110  GLU A O   1 
ATOM   299 C  CB  . GLU A 1 43 ? -13.001 -4.599  20.132  1.00 58.85 ? 110  GLU A CB  1 
ATOM   300 C  CG  . GLU A 1 43 ? -14.047 -4.080  21.102  1.00 71.52 ? 110  GLU A CG  1 
ATOM   301 C  CD  . GLU A 1 43 ? -14.300 -2.594  20.941  1.00 77.84 ? 110  GLU A CD  1 
ATOM   302 O  OE1 . GLU A 1 43 ? -13.731 -1.990  20.007  1.00 78.18 ? 110  GLU A OE1 1 
ATOM   303 O  OE2 . GLU A 1 43 ? -15.070 -2.031  21.747  1.00 80.83 ? 110  GLU A OE2 1 
ATOM   304 N  N   . HIS A 1 44 ? -14.571 -7.003  18.585  1.00 38.70 ? 111  HIS A N   1 
ATOM   305 C  CA  . HIS A 1 44 ? -15.916 -7.434  18.212  1.00 39.93 ? 111  HIS A CA  1 
ATOM   306 C  C   . HIS A 1 44 ? -16.038 -8.941  17.995  1.00 37.12 ? 111  HIS A C   1 
ATOM   307 O  O   . HIS A 1 44 ? -17.142 -9.480  17.976  1.00 37.00 ? 111  HIS A O   1 
ATOM   308 C  CB  . HIS A 1 44 ? -16.375 -6.686  16.956  1.00 40.98 ? 111  HIS A CB  1 
ATOM   309 C  CG  . HIS A 1 44 ? -16.264 -5.197  17.069  1.00 49.81 ? 111  HIS A CG  1 
ATOM   310 N  ND1 . HIS A 1 44 ? -15.234 -4.482  16.496  1.00 57.06 ? 111  HIS A ND1 1 
ATOM   311 C  CD2 . HIS A 1 44 ? -17.047 -4.290  17.701  1.00 55.09 ? 111  HIS A CD2 1 
ATOM   312 C  CE1 . HIS A 1 44 ? -15.391 -3.197  16.762  1.00 59.14 ? 111  HIS A CE1 1 
ATOM   313 N  NE2 . HIS A 1 44 ? -16.483 -3.054  17.492  1.00 60.16 ? 111  HIS A NE2 1 
ATOM   314 N  N   . GLY A 1 45 ? -14.906 -9.614  17.823  1.00 31.97 ? 112  GLY A N   1 
ATOM   315 C  CA  . GLY A 1 45 ? -14.904 -11.046 17.578  1.00 32.84 ? 112  GLY A CA  1 
ATOM   316 C  C   . GLY A 1 45 ? -13.652 -11.477 16.841  1.00 31.50 ? 112  GLY A C   1 
ATOM   317 O  O   . GLY A 1 45 ? -12.543 -11.156 17.255  1.00 30.11 ? 112  GLY A O   1 
ATOM   318 N  N   . PHE A 1 46 ? -13.822 -12.215 15.750  1.00 25.00 ? 113  PHE A N   1 
ATOM   319 C  CA  . PHE A 1 46 ? -12.682 -12.631 14.940  1.00 24.27 ? 113  PHE A CA  1 
ATOM   320 C  C   . PHE A 1 46 ? -12.857 -12.152 13.505  1.00 22.86 ? 113  PHE A C   1 
ATOM   321 O  O   . PHE A 1 46 ? -13.975 -12.072 13.004  1.00 23.32 ? 113  PHE A O   1 
ATOM   322 C  CB  . PHE A 1 46 ? -12.507 -14.148 14.989  1.00 31.68 ? 113  PHE A CB  1 
ATOM   323 C  CG  . PHE A 1 46 ? -12.114 -14.663 16.346  1.00 39.38 ? 113  PHE A CG  1 
ATOM   324 C  CD1 . PHE A 1 46 ? -13.054 -14.784 17.353  1.00 43.67 ? 113  PHE A CD1 1 
ATOM   325 C  CD2 . PHE A 1 46 ? -10.801 -15.011 16.616  1.00 43.62 ? 113  PHE A CD2 1 
ATOM   326 C  CE1 . PHE A 1 46 ? -12.697 -15.252 18.605  1.00 45.74 ? 113  PHE A CE1 1 
ATOM   327 C  CE2 . PHE A 1 46 ? -10.437 -15.481 17.867  1.00 45.48 ? 113  PHE A CE2 1 
ATOM   328 C  CZ  . PHE A 1 46 ? -11.388 -15.599 18.861  1.00 44.04 ? 113  PHE A CZ  1 
ATOM   329 N  N   . ILE A 1 47 ? -11.749 -11.834 12.847  1.00 20.28 ? 114  ILE A N   1 
ATOM   330 C  CA  . ILE A 1 47 ? -11.813 -11.257 11.511  1.00 21.33 ? 114  ILE A CA  1 
ATOM   331 C  C   . ILE A 1 47 ? -10.567 -11.560 10.689  1.00 23.64 ? 114  ILE A C   1 
ATOM   332 O  O   . ILE A 1 47 ? -9.444  -11.532 11.199  1.00 23.24 ? 114  ILE A O   1 
ATOM   333 C  CB  . ILE A 1 47 ? -11.999 -9.722  11.585  1.00 27.55 ? 114  ILE A CB  1 
ATOM   334 C  CG1 . ILE A 1 47 ? -11.955 -9.100  10.189  1.00 31.11 ? 114  ILE A CG1 1 
ATOM   335 C  CG2 . ILE A 1 47 ? -10.930 -9.096  12.464  1.00 30.94 ? 114  ILE A CG2 1 
ATOM   336 C  CD1 . ILE A 1 47 ? -13.314 -8.868  9.575   1.00 21.96 ? 114  ILE A CD1 1 
ATOM   337 N  N   . SER A 1 48 ? -10.776 -11.867 9.414   1.00 22.25 ? 115  SER A N   1 
ATOM   338 C  CA  . SER A 1 48 ? -9.686  -11.909 8.449   1.00 20.39 ? 115  SER A CA  1 
ATOM   339 C  C   . SER A 1 48 ? -10.024 -10.935 7.332   1.00 20.24 ? 115  SER A C   1 
ATOM   340 O  O   . SER A 1 48 ? -11.197 -10.723 7.028   1.00 18.27 ? 115  SER A O   1 
ATOM   341 C  CB  . SER A 1 48 ? -9.493  -13.322 7.893   1.00 30.80 ? 115  SER A CB  1 
ATOM   342 O  OG  . SER A 1 48 ? -10.666 -13.787 7.250   1.00 34.98 ? 115  SER A OG  1 
ATOM   343 N  N   . ARG A 1 49 ? -9.003  -10.328 6.739   1.00 15.77 ? 116  ARG A N   1 
ATOM   344 C  CA  . ARG A 1 49 ? -9.208  -9.338  5.685   1.00 16.67 ? 116  ARG A CA  1 
ATOM   345 C  C   . ARG A 1 49 ? -8.227  -9.552  4.547   1.00 21.58 ? 116  ARG A C   1 
ATOM   346 O  O   . ARG A 1 49 ? -7.112  -10.025 4.757   1.00 19.54 ? 116  ARG A O   1 
ATOM   347 C  CB  . ARG A 1 49 ? -9.004  -7.917  6.223   1.00 19.58 ? 116  ARG A CB  1 
ATOM   348 C  CG  . ARG A 1 49 ? -9.971  -7.467  7.306   1.00 23.41 ? 116  ARG A CG  1 
ATOM   349 C  CD  . ARG A 1 49 ? -9.634  -6.039  7.736   1.00 20.02 ? 116  ARG A CD  1 
ATOM   350 N  NE  . ARG A 1 49 ? -10.493 -5.548  8.810   1.00 22.63 ? 116  ARG A NE  1 
ATOM   351 C  CZ  . ARG A 1 49 ? -10.227 -5.685  10.106  1.00 23.43 ? 116  ARG A CZ  1 
ATOM   352 N  NH1 . ARG A 1 49 ? -9.125  -6.309  10.503  1.00 22.02 ? 116  ARG A NH1 1 
ATOM   353 N  NH2 . ARG A 1 49 ? -11.067 -5.198  11.009  1.00 23.84 ? 116  ARG A NH2 1 
ATOM   354 N  N   . GLU A 1 50 ? -8.636  -9.181  3.340   1.00 18.04 ? 117  GLU A N   1 
ATOM   355 C  CA  . GLU A 1 50 ? -7.718  -9.173  2.210   1.00 23.74 ? 117  GLU A CA  1 
ATOM   356 C  C   . GLU A 1 50 ? -8.179  -8.165  1.167   1.00 20.37 ? 117  GLU A C   1 
ATOM   357 O  O   . GLU A 1 50 ? -9.371  -8.048  0.894   1.00 17.52 ? 117  GLU A O   1 
ATOM   358 C  CB  . GLU A 1 50 ? -7.600  -10.565 1.584   1.00 30.84 ? 117  GLU A CB  1 
ATOM   359 C  CG  . GLU A 1 50 ? -6.577  -10.638 0.459   1.00 33.21 ? 117  GLU A CG  1 
ATOM   360 C  CD  . GLU A 1 50 ? -6.425  -12.035 -0.116  1.00 36.09 ? 117  GLU A CD  1 
ATOM   361 O  OE1 . GLU A 1 50 ? -7.271  -12.903 0.184   1.00 30.85 ? 117  GLU A OE1 1 
ATOM   362 O  OE2 . GLU A 1 50 ? -5.455  -12.264 -0.869  1.00 35.91 ? 117  GLU A OE2 1 
ATOM   363 N  N   . PHE A 1 51 ? -7.230  -7.433  0.593   1.00 19.97 ? 118  PHE A N   1 
ATOM   364 C  CA  . PHE A 1 51 ? -7.546  -6.498  -0.477  1.00 17.01 ? 118  PHE A CA  1 
ATOM   365 C  C   . PHE A 1 51 ? -6.450  -6.468  -1.532  1.00 17.20 ? 118  PHE A C   1 
ATOM   366 O  O   . PHE A 1 51 ? -5.296  -6.800  -1.261  1.00 17.54 ? 118  PHE A O   1 
ATOM   367 C  CB  . PHE A 1 51 ? -7.790  -5.088  0.076   1.00 17.52 ? 118  PHE A CB  1 
ATOM   368 C  CG  . PHE A 1 51 ? -6.532  -4.362  0.475   1.00 17.44 ? 118  PHE A CG  1 
ATOM   369 C  CD1 . PHE A 1 51 ? -5.843  -3.582  -0.443  1.00 17.46 ? 118  PHE A CD1 1 
ATOM   370 C  CD2 . PHE A 1 51 ? -6.044  -4.452  1.769   1.00 15.21 ? 118  PHE A CD2 1 
ATOM   371 C  CE1 . PHE A 1 51 ? -4.687  -2.910  -0.079  1.00 18.79 ? 118  PHE A CE1 1 
ATOM   372 C  CE2 . PHE A 1 51 ? -4.890  -3.781  2.140   1.00 17.20 ? 118  PHE A CE2 1 
ATOM   373 C  CZ  . PHE A 1 51 ? -4.210  -3.012  1.214   1.00 18.27 ? 118  PHE A CZ  1 
ATOM   374 N  N   . HIS A 1 52 ? -6.825  -6.079  -2.744  1.00 17.14 ? 119  HIS A N   1 
ATOM   375 C  CA  . HIS A 1 52 ? -5.855  -5.874  -3.807  1.00 23.58 ? 119  HIS A CA  1 
ATOM   376 C  C   . HIS A 1 52 ? -6.182  -4.546  -4.476  1.00 23.22 ? 119  HIS A C   1 
ATOM   377 O  O   . HIS A 1 52 ? -7.241  -4.392  -5.079  1.00 19.72 ? 119  HIS A O   1 
ATOM   378 C  CB  . HIS A 1 52 ? -5.894  -7.028  -4.810  1.00 27.12 ? 119  HIS A CB  1 
ATOM   379 C  CG  . HIS A 1 52 ? -4.755  -7.024  -5.782  1.00 39.92 ? 119  HIS A CG  1 
ATOM   380 N  ND1 . HIS A 1 52 ? -3.444  -6.861  -5.391  1.00 48.27 ? 119  HIS A ND1 1 
ATOM   381 C  CD2 . HIS A 1 52 ? -4.729  -7.179  -7.127  1.00 42.94 ? 119  HIS A CD2 1 
ATOM   382 C  CE1 . HIS A 1 52 ? -2.659  -6.904  -6.453  1.00 42.08 ? 119  HIS A CE1 1 
ATOM   383 N  NE2 . HIS A 1 52 ? -3.414  -7.099  -7.519  1.00 45.37 ? 119  HIS A NE2 1 
ATOM   384 N  N   . ARG A 1 53 ? -5.278  -3.583  -4.332  1.00 19.74 ? 120  ARG A N   1 
ATOM   385 C  CA  . ARG A 1 53 ? -5.485  -2.238  -4.855  1.00 19.91 ? 120  ARG A CA  1 
ATOM   386 C  C   . ARG A 1 53 ? -4.484  -1.930  -5.960  1.00 23.17 ? 120  ARG A C   1 
ATOM   387 O  O   . ARG A 1 53 ? -3.298  -2.231  -5.832  1.00 23.97 ? 120  ARG A O   1 
ATOM   388 C  CB  . ARG A 1 53 ? -5.347  -1.208  -3.732  1.00 23.31 ? 120  ARG A CB  1 
ATOM   389 C  CG  . ARG A 1 53 ? -5.059  0.207   -4.219  1.00 27.73 ? 120  ARG A CG  1 
ATOM   390 C  CD  . ARG A 1 53 ? -6.255  0.805   -4.940  1.00 28.85 ? 120  ARG A CD  1 
ATOM   391 N  NE  . ARG A 1 53 ? -7.310  1.207   -4.012  1.00 25.28 ? 120  ARG A NE  1 
ATOM   392 C  CZ  . ARG A 1 53 ? -8.489  1.687   -4.392  1.00 25.92 ? 120  ARG A CZ  1 
ATOM   393 N  NH1 . ARG A 1 53 ? -8.768  1.813   -5.682  1.00 26.53 ? 120  ARG A NH1 1 
ATOM   394 N  NH2 . ARG A 1 53 ? -9.391  2.037   -3.486  1.00 26.90 ? 120  ARG A NH2 1 
ATOM   395 N  N   . LYS A 1 54 ? -4.965  -1.329  -7.043  1.00 18.69 ? 121  LYS A N   1 
ATOM   396 C  CA  . LYS A 1 54 ? -4.099  -0.969  -8.159  1.00 24.13 ? 121  LYS A CA  1 
ATOM   397 C  C   . LYS A 1 54 ? -4.204  0.514   -8.499  1.00 26.31 ? 121  LYS A C   1 
ATOM   398 O  O   . LYS A 1 54 ? -5.302  1.052   -8.647  1.00 22.73 ? 121  LYS A O   1 
ATOM   399 C  CB  . LYS A 1 54 ? -4.420  -1.818  -9.390  1.00 27.89 ? 121  LYS A CB  1 
ATOM   400 C  CG  . LYS A 1 54 ? -4.148  -3.302  -9.200  1.00 35.23 ? 121  LYS A CG  1 
ATOM   401 C  CD  . LYS A 1 54 ? -4.583  -4.111  -10.412 1.00 39.19 ? 121  LYS A CD  1 
ATOM   402 C  CE  . LYS A 1 54 ? -4.444  -5.602  -10.147 1.00 43.53 ? 121  LYS A CE  1 
ATOM   403 N  NZ  . LYS A 1 54 ? -5.011  -6.425  -11.250 1.00 48.58 ? 121  LYS A NZ  1 
ATOM   404 N  N   . TYR A 1 55 ? -3.051  1.169   -8.607  1.00 24.32 ? 122  TYR A N   1 
ATOM   405 C  CA  . TYR A 1 55 ? -2.983  2.562   -9.030  1.00 23.16 ? 122  TYR A CA  1 
ATOM   406 C  C   . TYR A 1 55 ? -2.262  2.655   -10.364 1.00 27.68 ? 122  TYR A C   1 
ATOM   407 O  O   . TYR A 1 55 ? -1.288  1.943   -10.603 1.00 27.20 ? 122  TYR A O   1 
ATOM   408 C  CB  . TYR A 1 55 ? -2.197  3.403   -8.022  1.00 25.87 ? 122  TYR A CB  1 
ATOM   409 C  CG  . TYR A 1 55 ? -2.754  3.442   -6.620  1.00 27.94 ? 122  TYR A CG  1 
ATOM   410 C  CD1 . TYR A 1 55 ? -3.803  4.291   -6.292  1.00 27.35 ? 122  TYR A CD1 1 
ATOM   411 C  CD2 . TYR A 1 55 ? -2.204  2.660   -5.614  1.00 24.56 ? 122  TYR A CD2 1 
ATOM   412 C  CE1 . TYR A 1 55 ? -4.302  4.342   -5.009  1.00 22.07 ? 122  TYR A CE1 1 
ATOM   413 C  CE2 . TYR A 1 55 ? -2.693  2.703   -4.329  1.00 23.19 ? 122  TYR A CE2 1 
ATOM   414 C  CZ  . TYR A 1 55 ? -3.741  3.547   -4.030  1.00 25.42 ? 122  TYR A CZ  1 
ATOM   415 O  OH  . TYR A 1 55 ? -4.235  3.596   -2.751  1.00 27.47 ? 122  TYR A OH  1 
ATOM   416 N  N   . ARG A 1 56 ? -2.732  3.549   -11.226 1.00 27.44 ? 123  ARG A N   1 
ATOM   417 C  CA  . ARG A 1 56 ? -2.028  3.844   -12.462 1.00 27.44 ? 123  ARG A CA  1 
ATOM   418 C  C   . ARG A 1 56 ? -0.953  4.888   -12.187 1.00 29.08 ? 123  ARG A C   1 
ATOM   419 O  O   . ARG A 1 56 ? -1.233  5.947   -11.624 1.00 30.56 ? 123  ARG A O   1 
ATOM   420 C  CB  . ARG A 1 56 ? -3.003  4.363   -13.521 1.00 24.59 ? 123  ARG A CB  1 
ATOM   421 C  CG  . ARG A 1 56 ? -2.359  4.674   -14.867 1.00 37.81 ? 123  ARG A CG  1 
ATOM   422 C  CD  . ARG A 1 56 ? -2.009  3.400   -15.623 1.00 45.90 ? 123  ARG A CD  1 
ATOM   423 N  N   . ILE A 1 57 ? 0.283   4.585   -12.570 1.00 28.52 ? 124  ILE A N   1 
ATOM   424 C  CA  . ILE A 1 57 ? 1.369   5.550   -12.453 1.00 31.08 ? 124  ILE A CA  1 
ATOM   425 C  C   . ILE A 1 57 ? 1.231   6.590   -13.559 1.00 35.34 ? 124  ILE A C   1 
ATOM   426 O  O   . ILE A 1 57 ? 1.089   6.237   -14.729 1.00 33.61 ? 124  ILE A O   1 
ATOM   427 C  CB  . ILE A 1 57 ? 2.744   4.867   -12.556 1.00 32.34 ? 124  ILE A CB  1 
ATOM   428 C  CG1 . ILE A 1 57 ? 2.908   3.825   -11.447 1.00 24.36 ? 124  ILE A CG1 1 
ATOM   429 C  CG2 . ILE A 1 57 ? 3.865   5.899   -12.490 1.00 28.00 ? 124  ILE A CG2 1 
ATOM   430 C  CD1 . ILE A 1 57 ? 4.226   3.071   -11.509 1.00 28.29 ? 124  ILE A CD1 1 
ATOM   431 N  N   . PRO A 1 58 ? 1.245   7.879   -13.187 1.00 36.88 ? 125  PRO A N   1 
ATOM   432 C  CA  . PRO A 1 58 ? 1.120   8.963   -14.166 1.00 43.16 ? 125  PRO A CA  1 
ATOM   433 C  C   . PRO A 1 58 ? 2.242   8.928   -15.201 1.00 42.72 ? 125  PRO A C   1 
ATOM   434 O  O   . PRO A 1 58 ? 3.338   8.440   -14.918 1.00 39.71 ? 125  PRO A O   1 
ATOM   435 C  CB  . PRO A 1 58 ? 1.220   10.224  -13.304 1.00 43.99 ? 125  PRO A CB  1 
ATOM   436 C  CG  . PRO A 1 58 ? 0.754   9.788   -11.955 1.00 41.98 ? 125  PRO A CG  1 
ATOM   437 C  CD  . PRO A 1 58 ? 1.250   8.381   -11.803 1.00 37.41 ? 125  PRO A CD  1 
ATOM   438 N  N   . ALA A 1 59 ? 1.961   9.447   -16.392 1.00 44.65 ? 126  ALA A N   1 
ATOM   439 C  CA  . ALA A 1 59 ? 2.903   9.389   -17.505 1.00 41.11 ? 126  ALA A CA  1 
ATOM   440 C  C   . ALA A 1 59 ? 4.239   10.068  -17.201 1.00 45.28 ? 126  ALA A C   1 
ATOM   441 O  O   . ALA A 1 59 ? 5.288   9.631   -17.676 1.00 47.53 ? 126  ALA A O   1 
ATOM   442 C  CB  . ALA A 1 59 ? 2.272   9.984   -18.761 1.00 43.65 ? 126  ALA A CB  1 
ATOM   443 N  N   . ASP A 1 60 ? 4.202   11.138  -16.412 1.00 47.13 ? 127  ASP A N   1 
ATOM   444 C  CA  . ASP A 1 60 ? 5.413   11.901  -16.118 1.00 50.00 ? 127  ASP A CA  1 
ATOM   445 C  C   . ASP A 1 60 ? 6.165   11.357  -14.905 1.00 46.79 ? 127  ASP A C   1 
ATOM   446 O  O   . ASP A 1 60 ? 7.049   12.019  -14.364 1.00 44.60 ? 127  ASP A O   1 
ATOM   447 C  CB  . ASP A 1 60 ? 5.093   13.388  -15.932 1.00 54.02 ? 127  ASP A CB  1 
ATOM   448 C  CG  . ASP A 1 60 ? 4.118   13.641  -14.800 1.00 60.01 ? 127  ASP A CG  1 
ATOM   449 O  OD1 . ASP A 1 60 ? 3.614   12.661  -14.211 1.00 59.94 ? 127  ASP A OD1 1 
ATOM   450 O  OD2 . ASP A 1 60 ? 3.856   14.824  -14.499 1.00 63.06 ? 127  ASP A OD2 1 
ATOM   451 N  N   . VAL A 1 61 ? 5.815   10.146  -14.484 1.00 41.57 ? 128  VAL A N   1 
ATOM   452 C  CA  . VAL A 1 61 ? 6.494   9.496   -13.370 1.00 38.99 ? 128  VAL A CA  1 
ATOM   453 C  C   . VAL A 1 61 ? 7.165   8.202   -13.818 1.00 35.00 ? 128  VAL A C   1 
ATOM   454 O  O   . VAL A 1 61 ? 6.511   7.297   -14.337 1.00 35.58 ? 128  VAL A O   1 
ATOM   455 C  CB  . VAL A 1 61 ? 5.521   9.191   -12.212 1.00 37.11 ? 128  VAL A CB  1 
ATOM   456 C  CG1 . VAL A 1 61 ? 6.241   8.462   -11.078 1.00 37.32 ? 128  VAL A CG1 1 
ATOM   457 C  CG2 . VAL A 1 61 ? 4.876   10.475  -11.711 1.00 36.73 ? 128  VAL A CG2 1 
ATOM   458 N  N   . ASP A 1 62 ? 8.477   8.122   -13.622 1.00 32.24 ? 129  ASP A N   1 
ATOM   459 C  CA  . ASP A 1 62 ? 9.223   6.910   -13.923 1.00 35.50 ? 129  ASP A CA  1 
ATOM   460 C  C   . ASP A 1 62 ? 8.916   5.846   -12.876 1.00 36.04 ? 129  ASP A C   1 
ATOM   461 O  O   . ASP A 1 62 ? 9.186   6.045   -11.692 1.00 38.25 ? 129  ASP A O   1 
ATOM   462 C  CB  . ASP A 1 62 ? 10.724  7.208   -13.945 1.00 40.04 ? 129  ASP A CB  1 
ATOM   463 C  CG  . ASP A 1 62 ? 11.558  6.003   -14.336 1.00 47.60 ? 129  ASP A CG  1 
ATOM   464 O  OD1 . ASP A 1 62 ? 10.989  4.907   -14.523 1.00 44.68 ? 129  ASP A OD1 1 
ATOM   465 O  OD2 . ASP A 1 62 ? 12.793  6.151   -14.454 1.00 60.80 ? 129  ASP A OD2 1 
ATOM   466 N  N   . PRO A 1 63 ? 8.348   4.710   -13.310 1.00 33.85 ? 130  PRO A N   1 
ATOM   467 C  CA  . PRO A 1 63 ? 7.993   3.625   -12.390 1.00 31.47 ? 130  PRO A CA  1 
ATOM   468 C  C   . PRO A 1 63 ? 9.200   3.134   -11.594 1.00 31.82 ? 130  PRO A C   1 
ATOM   469 O  O   . PRO A 1 63 ? 9.046   2.706   -10.451 1.00 24.98 ? 130  PRO A O   1 
ATOM   470 C  CB  . PRO A 1 63 ? 7.490   2.521   -13.328 1.00 28.87 ? 130  PRO A CB  1 
ATOM   471 C  CG  . PRO A 1 63 ? 7.044   3.239   -14.557 1.00 38.52 ? 130  PRO A CG  1 
ATOM   472 C  CD  . PRO A 1 63 ? 7.993   4.394   -14.705 1.00 42.48 ? 130  PRO A CD  1 
ATOM   473 N  N   . LEU A 1 64 ? 10.386  3.210   -12.193 1.00 29.88 ? 131  LEU A N   1 
ATOM   474 C  CA  . LEU A 1 64 ? 11.606  2.729   -11.549 1.00 36.82 ? 131  LEU A CA  1 
ATOM   475 C  C   . LEU A 1 64 ? 11.951  3.527   -10.297 1.00 29.54 ? 131  LEU A C   1 
ATOM   476 O  O   . LEU A 1 64 ? 12.675  3.045   -9.427  1.00 30.01 ? 131  LEU A O   1 
ATOM   477 C  CB  . LEU A 1 64 ? 12.790  2.783   -12.524 1.00 38.69 ? 131  LEU A CB  1 
ATOM   478 C  CG  . LEU A 1 64 ? 12.686  1.972   -13.816 1.00 47.79 ? 131  LEU A CG  1 
ATOM   479 C  CD1 . LEU A 1 64 ? 13.902  2.214   -14.701 1.00 53.36 ? 131  LEU A CD1 1 
ATOM   480 C  CD2 . LEU A 1 64 ? 12.522  0.490   -13.513 1.00 46.19 ? 131  LEU A CD2 1 
ATOM   481 N  N   . THR A 1 65 ? 11.452  4.757   -10.218 1.00 26.52 ? 132  THR A N   1 
ATOM   482 C  CA  . THR A 1 65 ? 11.793  5.643   -9.111  1.00 31.32 ? 132  THR A CA  1 
ATOM   483 C  C   . THR A 1 65 ? 10.720  5.637   -8.027  1.00 31.18 ? 132  THR A C   1 
ATOM   484 O  O   . THR A 1 65 ? 10.778  6.425   -7.083  1.00 34.70 ? 132  THR A O   1 
ATOM   485 C  CB  . THR A 1 65 ? 12.033  7.088   -9.595  1.00 36.29 ? 132  THR A CB  1 
ATOM   486 O  OG1 . THR A 1 65 ? 10.847  7.591   -10.220 1.00 44.51 ? 132  THR A OG1 1 
ATOM   487 C  CG2 . THR A 1 65 ? 13.186  7.131   -10.593 1.00 44.34 ? 132  THR A CG2 1 
ATOM   488 N  N   . ILE A 1 66 ? 9.745   4.745   -8.166  1.00 27.86 ? 133  ILE A N   1 
ATOM   489 C  CA  . ILE A 1 66 ? 8.676   4.620   -7.183  1.00 27.04 ? 133  ILE A CA  1 
ATOM   490 C  C   . ILE A 1 66 ? 9.186   3.966   -5.906  1.00 25.31 ? 133  ILE A C   1 
ATOM   491 O  O   . ILE A 1 66 ? 9.800   2.902   -5.948  1.00 23.53 ? 133  ILE A O   1 
ATOM   492 C  CB  . ILE A 1 66 ? 7.498   3.780   -7.724  1.00 29.25 ? 133  ILE A CB  1 
ATOM   493 C  CG1 . ILE A 1 66 ? 6.782   4.518   -8.856  1.00 34.41 ? 133  ILE A CG1 1 
ATOM   494 C  CG2 . ILE A 1 66 ? 6.517   3.457   -6.606  1.00 26.80 ? 133  ILE A CG2 1 
ATOM   495 C  CD1 . ILE A 1 66 ? 5.952   5.694   -8.391  1.00 33.79 ? 133  ILE A CD1 1 
ATOM   496 N  N   . THR A 1 67 ? 8.926   4.610   -4.771  1.00 23.69 ? 134  THR A N   1 
ATOM   497 C  CA  . THR A 1 67 ? 9.246   4.037   -3.467  1.00 22.12 ? 134  THR A CA  1 
ATOM   498 C  C   . THR A 1 67 ? 8.013   4.094   -2.578  1.00 18.48 ? 134  THR A C   1 
ATOM   499 O  O   . THR A 1 67 ? 6.987   4.644   -2.970  1.00 23.49 ? 134  THR A O   1 
ATOM   500 C  CB  . THR A 1 67 ? 10.397  4.794   -2.779  1.00 27.61 ? 134  THR A CB  1 
ATOM   501 O  OG1 . THR A 1 67 ? 10.001  6.151   -2.541  1.00 29.12 ? 134  THR A OG1 1 
ATOM   502 C  CG2 . THR A 1 67 ? 11.641  4.779   -3.652  1.00 32.08 ? 134  THR A CG2 1 
ATOM   503 N  N   . SER A 1 68 ? 8.106   3.525   -1.382  1.00 16.54 ? 135  SER A N   1 
ATOM   504 C  CA  . SER A 1 68 ? 6.990   3.577   -0.450  1.00 17.78 ? 135  SER A CA  1 
ATOM   505 C  C   . SER A 1 68 ? 7.463   3.726   0.989   1.00 18.89 ? 135  SER A C   1 
ATOM   506 O  O   . SER A 1 68 ? 8.637   3.534   1.293   1.00 17.40 ? 135  SER A O   1 
ATOM   507 C  CB  . SER A 1 68 ? 6.092   2.342   -0.599  1.00 22.52 ? 135  SER A CB  1 
ATOM   508 O  OG  . SER A 1 68 ? 6.794   1.149   -0.293  1.00 23.72 ? 135  SER A OG  1 
ATOM   509 N  N   . SER A 1 69 ? 6.538   4.086   1.869   1.00 18.99 ? 136  SER A N   1 
ATOM   510 C  CA  . SER A 1 69 ? 6.845   4.211   3.283   1.00 24.13 ? 136  SER A CA  1 
ATOM   511 C  C   . SER A 1 69 ? 5.584   3.969   4.095   1.00 19.02 ? 136  SER A C   1 
ATOM   512 O  O   . SER A 1 69 ? 4.473   4.177   3.611   1.00 21.64 ? 136  SER A O   1 
ATOM   513 C  CB  . SER A 1 69 ? 7.420   5.593   3.597   1.00 26.16 ? 136  SER A CB  1 
ATOM   514 O  OG  . SER A 1 69 ? 6.455   6.605   3.380   1.00 33.41 ? 136  SER A OG  1 
HETATM 515 N  N   . MSE A 1 70 ? 5.764   3.522   5.330   1.00 16.86 ? 137  MSE A N   1 
HETATM 516 C  CA  A MSE A 1 70 ? 4.633   3.277   6.207   0.50 16.68 ? 137  MSE A CA  1 
HETATM 517 C  CA  B MSE A 1 70 ? 4.651   3.234   6.225   0.50 17.93 ? 137  MSE A CA  1 
HETATM 518 C  C   . MSE A 1 70 ? 4.800   4.022   7.520   1.00 16.87 ? 137  MSE A C   1 
HETATM 519 O  O   . MSE A 1 70 ? 5.851   3.967   8.154   1.00 18.29 ? 137  MSE A O   1 
HETATM 520 C  CB  A MSE A 1 70 ? 4.462   1.780   6.451   0.50 21.56 ? 137  MSE A CB  1 
HETATM 521 C  CB  B MSE A 1 70 ? 4.623   1.739   6.545   0.50 21.94 ? 137  MSE A CB  1 
HETATM 522 C  CG  A MSE A 1 70 ? 3.219   1.427   7.233   0.50 27.48 ? 137  MSE A CG  1 
HETATM 523 C  CG  B MSE A 1 70 ? 3.665   1.357   7.659   0.50 24.06 ? 137  MSE A CG  1 
HETATM 524 SE SE  A MSE A 1 70 ? 2.615   -0.362  6.787   0.50 19.84 ? 137  MSE A SE  1 
HETATM 525 SE SE  B MSE A 1 70 ? 1.835   1.214   7.025   0.50 34.63 ? 137  MSE A SE  1 
HETATM 526 C  CE  A MSE A 1 70 ? 1.301   -0.601  8.206   0.50 11.85 ? 137  MSE A CE  1 
HETATM 527 C  CE  B MSE A 1 70 ? 2.158   0.007   5.530   0.50 17.09 ? 137  MSE A CE  1 
ATOM   528 N  N   . SER A 1 71 ? 3.752   4.738   7.917   1.00 14.93 ? 138  SER A N   1 
ATOM   529 C  CA  . SER A 1 71 ? 3.800   5.556   9.124   1.00 16.48 ? 138  SER A CA  1 
ATOM   530 C  C   . SER A 1 71 ? 3.313   4.787   10.344  1.00 19.19 ? 138  SER A C   1 
ATOM   531 O  O   . SER A 1 71 ? 2.602   3.791   10.220  1.00 19.82 ? 138  SER A O   1 
ATOM   532 C  CB  . SER A 1 71 ? 2.949   6.816   8.951   1.00 25.13 ? 138  SER A CB  1 
ATOM   533 O  OG  . SER A 1 71 ? 1.568   6.489   8.932   1.00 26.93 ? 138  SER A OG  1 
ATOM   534 N  N   . SER A 1 72 ? 3.693   5.264   11.524  1.00 16.43 ? 139  SER A N   1 
ATOM   535 C  CA  . SER A 1 72 ? 3.224   4.669   12.769  1.00 21.66 ? 139  SER A CA  1 
ATOM   536 C  C   . SER A 1 72 ? 1.708   4.840   12.902  1.00 32.15 ? 139  SER A C   1 
ATOM   537 O  O   . SER A 1 72 ? 1.083   4.270   13.798  1.00 31.26 ? 139  SER A O   1 
ATOM   538 C  CB  . SER A 1 72 ? 3.947   5.301   13.959  1.00 21.85 ? 139  SER A CB  1 
ATOM   539 O  OG  . SER A 1 72 ? 3.951   6.715   13.852  1.00 23.68 ? 139  SER A OG  1 
ATOM   540 N  N   . ASP A 1 73 ? 1.132   5.633   12.001  1.00 37.28 ? 140  ASP A N   1 
ATOM   541 C  CA  . ASP A 1 73 ? -0.310  5.868   11.945  1.00 40.12 ? 140  ASP A CA  1 
ATOM   542 C  C   . ASP A 1 73 ? -1.048  4.718   11.267  1.00 34.04 ? 140  ASP A C   1 
ATOM   543 O  O   . ASP A 1 73 ? -2.267  4.591   11.388  1.00 36.44 ? 140  ASP A O   1 
ATOM   544 C  CB  . ASP A 1 73 ? -0.603  7.156   11.172  1.00 51.89 ? 140  ASP A CB  1 
ATOM   545 C  CG  . ASP A 1 73 ? -0.794  8.350   12.076  1.00 66.08 ? 140  ASP A CG  1 
ATOM   546 O  OD1 . ASP A 1 73 ? -0.212  8.362   13.180  1.00 68.48 ? 140  ASP A OD1 1 
ATOM   547 O  OD2 . ASP A 1 73 ? -1.532  9.278   11.682  1.00 74.92 ? 140  ASP A OD2 1 
ATOM   548 N  N   . GLY A 1 74 ? -0.307  3.887   10.543  1.00 22.24 ? 141  GLY A N   1 
ATOM   549 C  CA  . GLY A 1 74 ? -0.910  2.822   9.767   1.00 22.62 ? 141  GLY A CA  1 
ATOM   550 C  C   . GLY A 1 74 ? -1.295  3.309   8.382   1.00 24.49 ? 141  GLY A C   1 
ATOM   551 O  O   . GLY A 1 74 ? -2.172  2.738   7.735   1.00 26.87 ? 141  GLY A O   1 
ATOM   552 N  N   . VAL A 1 75 ? -0.640  4.373   7.930   1.00 23.67 ? 142  VAL A N   1 
ATOM   553 C  CA  . VAL A 1 75 ? -0.853  4.892   6.583   1.00 21.53 ? 142  VAL A CA  1 
ATOM   554 C  C   . VAL A 1 75 ? 0.298   4.504   5.660   1.00 17.00 ? 142  VAL A C   1 
ATOM   555 O  O   . VAL A 1 75 ? 1.465   4.774   5.954   1.00 15.66 ? 142  VAL A O   1 
ATOM   556 C  CB  . VAL A 1 75 ? -1.013  6.422   6.582   1.00 25.76 ? 142  VAL A CB  1 
ATOM   557 C  CG1 . VAL A 1 75 ? -1.047  6.951   5.158   1.00 23.13 ? 142  VAL A CG1 1 
ATOM   558 C  CG2 . VAL A 1 75 ? -2.274  6.825   7.340   1.00 27.52 ? 142  VAL A CG2 1 
ATOM   559 N  N   . LEU A 1 76 ? -0.040  3.852   4.554   1.00 15.61 ? 143  LEU A N   1 
ATOM   560 C  CA  . LEU A 1 76 ? 0.940   3.479   3.541   1.00 15.79 ? 143  LEU A CA  1 
ATOM   561 C  C   . LEU A 1 76 ? 0.995   4.547   2.466   1.00 21.40 ? 143  LEU A C   1 
ATOM   562 O  O   . LEU A 1 76 ? -0.036  4.939   1.918   1.00 21.18 ? 143  LEU A O   1 
ATOM   563 C  CB  . LEU A 1 76 ? 0.567   2.140   2.902   1.00 15.04 ? 143  LEU A CB  1 
ATOM   564 C  CG  . LEU A 1 76 ? 1.458   1.676   1.745   1.00 22.70 ? 143  LEU A CG  1 
ATOM   565 C  CD1 . LEU A 1 76 ? 2.880   1.392   2.229   1.00 20.49 ? 143  LEU A CD1 1 
ATOM   566 C  CD2 . LEU A 1 76 ? 0.870   0.443   1.084   1.00 26.80 ? 143  LEU A CD2 1 
ATOM   567 N  N   . THR A 1 77 ? 2.198   5.021   2.170   1.00 15.41 ? 144  THR A N   1 
ATOM   568 C  CA  . THR A 1 77 ? 2.394   6.021   1.132   1.00 19.43 ? 144  THR A CA  1 
ATOM   569 C  C   . THR A 1 77 ? 3.271   5.474   0.017   1.00 20.23 ? 144  THR A C   1 
ATOM   570 O  O   . THR A 1 77 ? 4.356   4.951   0.269   1.00 19.90 ? 144  THR A O   1 
ATOM   571 C  CB  . THR A 1 77 ? 3.040   7.302   1.699   1.00 26.88 ? 144  THR A CB  1 
ATOM   572 O  OG1 . THR A 1 77 ? 2.165   7.885   2.671   1.00 26.37 ? 144  THR A OG1 1 
ATOM   573 C  CG2 . THR A 1 77 ? 3.312   8.311   0.587   1.00 25.80 ? 144  THR A CG2 1 
ATOM   574 N  N   . VAL A 1 78 ? 2.785   5.585   -1.214  1.00 16.91 ? 145  VAL A N   1 
ATOM   575 C  CA  . VAL A 1 78 ? 3.570   5.232   -2.388  1.00 20.00 ? 145  VAL A CA  1 
ATOM   576 C  C   . VAL A 1 78 ? 3.825   6.504   -3.186  1.00 22.94 ? 145  VAL A C   1 
ATOM   577 O  O   . VAL A 1 78 ? 2.893   7.234   -3.520  1.00 22.87 ? 145  VAL A O   1 
ATOM   578 C  CB  . VAL A 1 78 ? 2.846   4.207   -3.278  1.00 22.03 ? 145  VAL A CB  1 
ATOM   579 C  CG1 . VAL A 1 78 ? 3.756   3.762   -4.415  1.00 27.16 ? 145  VAL A CG1 1 
ATOM   580 C  CG2 . VAL A 1 78 ? 2.391   3.009   -2.455  1.00 20.46 ? 145  VAL A CG2 1 
ATOM   581 N  N   . ASN A 1 79 ? 5.087   6.778   -3.486  1.00 22.79 ? 146  ASN A N   1 
ATOM   582 C  CA  . ASN A 1 79 ? 5.428   8.042   -4.121  1.00 24.63 ? 146  ASN A CA  1 
ATOM   583 C  C   . ASN A 1 79 ? 6.594   7.954   -5.095  1.00 29.09 ? 146  ASN A C   1 
ATOM   584 O  O   . ASN A 1 79 ? 7.387   7.013   -5.058  1.00 27.51 ? 146  ASN A O   1 
ATOM   585 C  CB  . ASN A 1 79 ? 5.694   9.115   -3.060  1.00 32.15 ? 146  ASN A CB  1 
ATOM   586 C  CG  . ASN A 1 79 ? 6.701   8.672   -2.019  1.00 40.02 ? 146  ASN A CG  1 
ATOM   587 O  OD1 . ASN A 1 79 ? 7.593   7.873   -2.301  1.00 47.45 ? 146  ASN A OD1 1 
ATOM   588 N  ND2 . ASN A 1 79 ? 6.566   9.197   -0.807  1.00 32.79 ? 146  ASN A ND2 1 
ATOM   589 N  N   . GLY A 1 80 ? 6.684   8.945   -5.976  1.00 31.92 ? 147  GLY A N   1 
ATOM   590 C  CA  . GLY A 1 80 ? 7.763   9.012   -6.942  1.00 34.39 ? 147  GLY A CA  1 
ATOM   591 C  C   . GLY A 1 80 ? 7.927   10.414  -7.493  1.00 34.83 ? 147  GLY A C   1 
ATOM   592 O  O   . GLY A 1 80 ? 6.953   11.162  -7.596  1.00 34.81 ? 147  GLY A O   1 
ATOM   593 N  N   . PRO A 1 81 ? 9.165   10.779  -7.846  1.00 33.12 ? 148  PRO A N   1 
ATOM   594 C  CA  . PRO A 1 81 ? 9.469   12.091  -8.423  1.00 38.53 ? 148  PRO A CA  1 
ATOM   595 C  C   . PRO A 1 81 ? 8.849   12.213  -9.805  1.00 40.91 ? 148  PRO A C   1 
ATOM   596 O  O   . PRO A 1 81 ? 8.700   11.206  -10.495 1.00 37.69 ? 148  PRO A O   1 
ATOM   597 C  CB  . PRO A 1 81 ? 10.998  12.074  -8.551  1.00 38.03 ? 148  PRO A CB  1 
ATOM   598 C  CG  . PRO A 1 81 ? 11.463  10.964  -7.671  1.00 41.09 ? 148  PRO A CG  1 
ATOM   599 C  CD  . PRO A 1 81 ? 10.369  9.948   -7.701  1.00 33.85 ? 148  PRO A CD  1 
ATOM   600 N  N   . ARG A 1 82 ? 8.491   13.426  -10.207 1.00 46.02 ? 149  ARG A N   1 
ATOM   601 C  CA  . ARG A 1 82 ? 8.020   13.651  -11.566 1.00 51.03 ? 149  ARG A CA  1 
ATOM   602 C  C   . ARG A 1 82 ? 9.207   14.001  -12.455 1.00 54.88 ? 149  ARG A C   1 
ATOM   603 O  O   . ARG A 1 82 ? 10.171  14.616  -11.998 1.00 54.48 ? 149  ARG A O   1 
ATOM   604 C  CB  . ARG A 1 82 ? 6.958   14.751  -11.603 1.00 54.58 ? 149  ARG A CB  1 
ATOM   605 C  CG  . ARG A 1 82 ? 5.716   14.413  -10.792 1.00 57.27 ? 149  ARG A CG  1 
ATOM   606 C  CD  . ARG A 1 82 ? 4.596   15.413  -11.018 1.00 59.88 ? 149  ARG A CD  1 
ATOM   607 N  NE  . ARG A 1 82 ? 3.451   15.136  -10.154 1.00 58.62 ? 149  ARG A NE  1 
ATOM   608 C  CZ  . ARG A 1 82 ? 2.471   14.290  -10.455 1.00 52.36 ? 149  ARG A CZ  1 
ATOM   609 N  NH1 . ARG A 1 82 ? 2.491   13.630  -11.606 1.00 52.63 ? 149  ARG A NH1 1 
ATOM   610 N  NH2 . ARG A 1 82 ? 1.470   14.103  -9.606  1.00 48.29 ? 149  ARG A NH2 1 
ATOM   611 N  N   . LYS A 1 83 ? 9.144   13.591  -13.716 1.00 56.18 ? 150  LYS A N   1 
ATOM   612 C  CA  . LYS A 1 83 ? 10.259  13.792  -14.636 1.00 60.75 ? 150  LYS A CA  1 
ATOM   613 C  C   . LYS A 1 83 ? 9.968   14.906  -15.637 1.00 63.01 ? 150  LYS A C   1 
ATOM   614 O  O   . LYS A 1 83 ? 8.812   15.262  -15.866 1.00 63.63 ? 150  LYS A O   1 
ATOM   615 C  CB  . LYS A 1 83 ? 10.583  12.488  -15.371 1.00 60.05 ? 150  LYS A CB  1 
ATOM   616 C  CG  . LYS A 1 83 ? 11.883  12.526  -16.156 1.00 63.99 ? 150  LYS A CG  1 
HETATM 617 C  C1  . MRD B 2 .  ? 7.711   -0.716  5.745   1.00 42.89 ? 1151 MRD A C1  1 
HETATM 618 C  C2  . MRD B 2 .  ? 7.429   -0.785  4.247   1.00 46.82 ? 1151 MRD A C2  1 
HETATM 619 O  O2  . MRD B 2 .  ? 8.407   -1.569  3.620   1.00 50.11 ? 1151 MRD A O2  1 
HETATM 620 C  CM  . MRD B 2 .  ? 7.456   0.623   3.655   1.00 43.97 ? 1151 MRD A CM  1 
HETATM 621 C  C3  . MRD B 2 .  ? 6.050   -1.398  4.020   1.00 46.36 ? 1151 MRD A C3  1 
HETATM 622 C  C4  . MRD B 2 .  ? 5.741   -1.966  2.637   1.00 47.77 ? 1151 MRD A C4  1 
HETATM 623 O  O4  . MRD B 2 .  ? 6.059   -1.089  1.590   1.00 50.76 ? 1151 MRD A O4  1 
HETATM 624 C  C5  . MRD B 2 .  ? 4.337   -2.555  2.527   1.00 46.60 ? 1151 MRD A C5  1 
HETATM 625 O  O   . HOH C 3 .  ? 8.753   15.498  -8.174  1.00 43.34 ? 2001 HOH A O   1 
HETATM 626 O  O   . HOH C 3 .  ? 8.316   17.616  -3.829  1.00 56.66 ? 2002 HOH A O   1 
HETATM 627 O  O   . HOH C 3 .  ? -0.005  12.939  -6.397  1.00 41.08 ? 2003 HOH A O   1 
HETATM 628 O  O   . HOH C 3 .  ? -2.725  11.046  -5.563  1.00 54.46 ? 2004 HOH A O   1 
HETATM 629 O  O   . HOH C 3 .  ? -4.027  9.203   -2.120  1.00 36.91 ? 2005 HOH A O   1 
HETATM 630 O  O   . HOH C 3 .  ? -10.026 4.455   6.253   1.00 47.57 ? 2006 HOH A O   1 
HETATM 631 O  O   . HOH C 3 .  ? -7.306  4.817   2.615   1.00 27.87 ? 2007 HOH A O   1 
HETATM 632 O  O   . HOH C 3 .  ? -9.244  -2.454  5.890   1.00 35.74 ? 2008 HOH A O   1 
HETATM 633 O  O   . HOH C 3 .  ? -6.856  -1.211  7.195   1.00 16.05 ? 2009 HOH A O   1 
HETATM 634 O  O   . HOH C 3 .  ? -0.623  -0.986  10.625  1.00 47.04 ? 2010 HOH A O   1 
HETATM 635 O  O   . HOH C 3 .  ? 7.594   -5.346  5.524   1.00 42.48 ? 2011 HOH A O   1 
HETATM 636 O  O   . HOH C 3 .  ? 0.489   -9.359  1.287   1.00 36.69 ? 2012 HOH A O   1 
HETATM 637 O  O   . HOH C 3 .  ? 6.000   -5.790  3.414   1.00 31.53 ? 2013 HOH A O   1 
HETATM 638 O  O   . HOH C 3 .  ? 1.530   -6.555  -4.501  1.00 46.56 ? 2014 HOH A O   1 
HETATM 639 O  O   . HOH C 3 .  ? 6.484   -4.844  -0.506  1.00 37.23 ? 2015 HOH A O   1 
HETATM 640 O  O   . HOH C 3 .  ? 7.135   -6.622  -3.707  1.00 52.29 ? 2016 HOH A O   1 
HETATM 641 O  O   . HOH C 3 .  ? 8.242   -4.196  -7.846  1.00 46.31 ? 2017 HOH A O   1 
HETATM 642 O  O   . HOH C 3 .  ? 0.315   -8.119  -6.378  1.00 52.33 ? 2018 HOH A O   1 
HETATM 643 O  O   . HOH C 3 .  ? -1.409  -7.996  -12.393 1.00 55.05 ? 2019 HOH A O   1 
HETATM 644 O  O   . HOH C 3 .  ? 10.786  16.303  -3.723  1.00 59.33 ? 2020 HOH A O   1 
HETATM 645 O  O   . HOH C 3 .  ? -4.085  13.319  -4.812  1.00 54.00 ? 2021 HOH A O   1 
HETATM 646 O  O   . HOH C 3 .  ? -3.848  9.343   -8.160  1.00 44.82 ? 2022 HOH A O   1 
HETATM 647 O  O   . HOH C 3 .  ? -5.842  7.597   -3.754  1.00 47.34 ? 2023 HOH A O   1 
HETATM 648 O  O   . HOH C 3 .  ? -0.201  -11.959 4.564   1.00 38.53 ? 2024 HOH A O   1 
HETATM 649 O  O   . HOH C 3 .  ? -9.913  -2.468  2.490   1.00 60.48 ? 2025 HOH A O   1 
HETATM 650 O  O   . HOH C 3 .  ? -9.713  -4.905  3.590   1.00 54.35 ? 2026 HOH A O   1 
HETATM 651 O  O   . HOH C 3 .  ? -1.593  -13.006 8.812   1.00 27.39 ? 2027 HOH A O   1 
HETATM 652 O  O   . HOH C 3 .  ? -7.238  -17.151 8.728   1.00 41.05 ? 2028 HOH A O   1 
HETATM 653 O  O   . HOH C 3 .  ? -11.441 -16.650 8.472   1.00 48.33 ? 2029 HOH A O   1 
HETATM 654 O  O   . HOH C 3 .  ? 9.968   -1.571  -8.722  1.00 54.49 ? 2030 HOH A O   1 
HETATM 655 O  O   . HOH C 3 .  ? -13.502 -11.154 20.958  1.00 49.32 ? 2031 HOH A O   1 
HETATM 656 O  O   . HOH C 3 .  ? -5.592  -10.745 18.216  1.00 52.05 ? 2032 HOH A O   1 
HETATM 657 O  O   . HOH C 3 .  ? -6.815  -7.431  16.103  1.00 54.98 ? 2033 HOH A O   1 
HETATM 658 O  O   . HOH C 3 .  ? -6.061  -13.604 17.585  1.00 41.81 ? 2034 HOH A O   1 
HETATM 659 O  O   . HOH C 3 .  ? -8.003  -0.814  1.676   1.00 50.45 ? 2035 HOH A O   1 
HETATM 660 O  O   . HOH C 3 .  ? -10.011 -5.399  13.630  1.00 35.18 ? 2036 HOH A O   1 
HETATM 661 O  O   . HOH C 3 .  ? -7.468  -5.249  17.622  1.00 53.57 ? 2037 HOH A O   1 
HETATM 662 O  O   . HOH C 3 .  ? -7.579  -5.757  21.238  1.00 61.49 ? 2038 HOH A O   1 
HETATM 663 O  O   . HOH C 3 .  ? -8.129  -8.329  21.765  1.00 65.28 ? 2039 HOH A O   1 
HETATM 664 O  O   . HOH C 3 .  ? -10.616 -3.828  18.240  1.00 50.39 ? 2040 HOH A O   1 
HETATM 665 O  O   . HOH C 3 .  ? -18.225 -11.836 19.188  1.00 25.55 ? 2041 HOH A O   1 
HETATM 666 O  O   . HOH C 3 .  ? -19.277 -7.777  18.928  1.00 38.47 ? 2042 HOH A O   1 
HETATM 667 O  O   . HOH C 3 .  ? -11.771 -3.015  7.118   1.00 60.81 ? 2043 HOH A O   1 
HETATM 668 O  O   . HOH C 3 .  ? 6.203   3.752   -18.159 1.00 47.01 ? 2044 HOH A O   1 
HETATM 669 O  O   . HOH C 3 .  ? -4.183  -14.470 -1.442  1.00 46.20 ? 2045 HOH A O   1 
HETATM 670 O  O   . HOH C 3 .  ? 1.468   9.464   6.722   1.00 32.73 ? 2046 HOH A O   1 
HETATM 671 O  O   . HOH C 3 .  ? -5.680  5.604   -1.950  1.00 29.87 ? 2047 HOH A O   1 
HETATM 672 O  O   . HOH C 3 .  ? -2.909  7.144   -9.567  1.00 43.38 ? 2048 HOH A O   1 
HETATM 673 O  O   . HOH C 3 .  ? -2.447  8.307   -13.022 1.00 50.13 ? 2049 HOH A O   1 
HETATM 674 O  O   . HOH C 3 .  ? -0.821  10.591  -16.736 1.00 43.54 ? 2050 HOH A O   1 
HETATM 675 O  O   . HOH C 3 .  ? 5.032   5.423   -16.266 1.00 40.42 ? 2051 HOH A O   1 
HETATM 676 O  O   . HOH C 3 .  ? 9.817   1.040   -8.557  1.00 38.59 ? 2052 HOH A O   1 
HETATM 677 O  O   . HOH C 3 .  ? 14.128  0.344   -9.648  0.50 66.84 ? 2053 HOH A O   1 
HETATM 678 O  O   . HOH C 3 .  ? 12.762  7.848   -5.699  1.00 36.47 ? 2054 HOH A O   1 
HETATM 679 O  O   . HOH C 3 .  ? 9.195   6.557   0.335   1.00 53.07 ? 2055 HOH A O   1 
HETATM 680 O  O   . HOH C 3 .  ? 8.078   -0.179  -2.536  1.00 40.91 ? 2056 HOH A O   1 
HETATM 681 O  O   . HOH C 3 .  ? 5.256   7.524   5.687   1.00 26.71 ? 2057 HOH A O   1 
HETATM 682 O  O   . HOH C 3 .  ? 0.294   8.925   8.954   1.00 36.42 ? 2058 HOH A O   1 
HETATM 683 O  O   . HOH C 3 .  ? 1.930   7.693   15.323  1.00 31.85 ? 2059 HOH A O   1 
HETATM 684 O  O   . HOH C 3 .  ? -4.622  5.158   9.907   1.00 40.34 ? 2060 HOH A O   1 
HETATM 685 O  O   . HOH C 3 .  ? 2.631   7.252   5.207   1.00 19.20 ? 2061 HOH A O   1 
HETATM 686 O  O   . HOH C 3 .  ? 10.109  10.004  -12.251 1.00 33.45 ? 2062 HOH A O   1 
HETATM 687 O  O   . HOH C 3 .  ? 10.991  -1.623  4.840   1.00 47.99 ? 2063 HOH A O   1 
# 
loop_
_atom_site_anisotrop.id 
_atom_site_anisotrop.type_symbol 
_atom_site_anisotrop.pdbx_label_atom_id 
_atom_site_anisotrop.pdbx_label_alt_id 
_atom_site_anisotrop.pdbx_label_comp_id 
_atom_site_anisotrop.pdbx_label_asym_id 
_atom_site_anisotrop.pdbx_label_seq_id 
_atom_site_anisotrop.pdbx_PDB_ins_code 
_atom_site_anisotrop.U[1][1] 
_atom_site_anisotrop.U[2][2] 
_atom_site_anisotrop.U[3][3] 
_atom_site_anisotrop.U[1][2] 
_atom_site_anisotrop.U[1][3] 
_atom_site_anisotrop.U[2][3] 
_atom_site_anisotrop.pdbx_auth_seq_id 
_atom_site_anisotrop.pdbx_auth_comp_id 
_atom_site_anisotrop.pdbx_auth_asym_id 
_atom_site_anisotrop.pdbx_auth_atom_id 
1   N  N   . ASP A 6  ? 0.9161 1.0348 1.1528 -0.1019 0.0738  0.1857  73  ASP A N   
2   C  CA  . ASP A 6  ? 0.9284 1.0664 1.1515 -0.0990 0.0744  0.2056  73  ASP A CA  
3   C  C   . ASP A 6  ? 0.8775 1.0333 1.0689 -0.0948 0.0751  0.1974  73  ASP A C   
4   O  O   . ASP A 6  ? 0.9371 1.1056 1.1257 -0.0988 0.0764  0.1959  73  ASP A O   
5   C  CB  . ASP A 6  ? 0.9981 1.1452 1.2418 -0.1070 0.0757  0.2259  73  ASP A CB  
6   C  CG  . ASP A 6  ? 1.0422 1.2151 1.2708 -0.1054 0.0770  0.2460  73  ASP A CG  
7   O  OD1 . ASP A 6  ? 1.0281 1.2073 1.2375 -0.0981 0.0762  0.2478  73  ASP A OD1 
8   O  OD2 . ASP A 6  ? 1.0864 1.2751 1.3224 -0.1122 0.0789  0.2593  73  ASP A OD2 
9   N  N   . ARG A 7  ? 0.7402 0.8970 0.9107 -0.0865 0.0738  0.1917  74  ARG A N   
10  C  CA  . ARG A 7  ? 0.6054 0.7780 0.7495 -0.0814 0.0736  0.1837  74  ARG A CA  
11  C  C   . ARG A 7  ? 0.4606 0.6286 0.5879 -0.0730 0.0717  0.1771  74  ARG A C   
12  O  O   . ARG A 7  ? 0.4883 0.6381 0.6215 -0.0717 0.0704  0.1708  74  ARG A O   
13  C  CB  . ARG A 7  ? 0.5687 0.7400 0.7092 -0.0845 0.0728  0.1669  74  ARG A CB  
14  C  CG  . ARG A 7  ? 0.5352 0.6885 0.6738 -0.0838 0.0706  0.1493  74  ARG A CG  
15  N  N   . PHE A 8  ? 0.3809 0.5662 0.4886 -0.0673 0.0716  0.1776  75  PHE A N   
16  C  CA  . PHE A 8  ? 0.3888 0.5711 0.4807 -0.0594 0.0695  0.1700  75  PHE A CA  
17  C  C   . PHE A 8  ? 0.3536 0.5242 0.4377 -0.0584 0.0669  0.1512  75  PHE A C   
18  O  O   . PHE A 8  ? 0.2724 0.4488 0.3541 -0.0608 0.0663  0.1439  75  PHE A O   
19  C  CB  . PHE A 8  ? 0.3967 0.6024 0.4725 -0.0540 0.0699  0.1734  75  PHE A CB  
20  C  CG  . PHE A 8  ? 0.3634 0.5666 0.4239 -0.0460 0.0673  0.1631  75  PHE A CG  
21  C  CD1 . PHE A 8  ? 0.3933 0.5882 0.4527 -0.0423 0.0663  0.1675  75  PHE A CD1 
22  C  CD2 . PHE A 8  ? 0.3939 0.6027 0.4432 -0.0425 0.0654  0.1495  75  PHE A CD2 
23  C  CE1 . PHE A 8  ? 0.4157 0.6085 0.4616 -0.0356 0.0640  0.1580  75  PHE A CE1 
24  C  CE2 . PHE A 8  ? 0.4339 0.6397 0.4715 -0.0359 0.0625  0.1408  75  PHE A CE2 
25  C  CZ  . PHE A 8  ? 0.4546 0.6526 0.4898 -0.0325 0.0621  0.1448  75  PHE A CZ  
26  N  N   . SER A 9  ? 0.3266 0.4828 0.4079 -0.0553 0.0653  0.1444  76  SER A N   
27  C  CA  . SER A 9  ? 0.3654 0.5127 0.4393 -0.0556 0.0628  0.1282  76  SER A CA  
28  C  C   . SER A 9  ? 0.3561 0.4944 0.4218 -0.0503 0.0611  0.1227  76  SER A C   
29  O  O   . SER A 9  ? 0.3131 0.4419 0.3873 -0.0494 0.0621  0.1268  76  SER A O   
30  C  CB  . SER A 9  ? 0.4418 0.5783 0.5302 -0.0636 0.0634  0.1213  76  SER A CB  
31  O  OG  . SER A 9  ? 0.5342 0.6676 0.6142 -0.0652 0.0607  0.1068  76  SER A OG  
32  N  N   . VAL A 10 ? 0.2970 0.4382 0.3478 -0.0471 0.0581  0.1138  77  VAL A N   
33  C  CA  . VAL A 10 ? 0.2958 0.4291 0.3386 -0.0433 0.0562  0.1073  77  VAL A CA  
34  C  C   . VAL A 10 ? 0.3099 0.4398 0.3469 -0.0471 0.0533  0.0950  77  VAL A C   
35  O  O   . VAL A 10 ? 0.2553 0.3927 0.2891 -0.0493 0.0510  0.0927  77  VAL A O   
36  C  CB  . VAL A 10 ? 0.2874 0.4298 0.3180 -0.0352 0.0546  0.1103  77  VAL A CB  
37  C  CG1 . VAL A 10 ? 0.3095 0.4575 0.3442 -0.0322 0.0572  0.1229  77  VAL A CG1 
38  C  CG2 . VAL A 10 ? 0.2164 0.3719 0.2401 -0.0336 0.0523  0.1074  77  VAL A CG2 
39  N  N   . ASN A 11 ? 0.2749 0.3954 0.3117 -0.0483 0.0532  0.0876  78  ASN A N   
40  C  CA  . ASN A 11 ? 0.3140 0.4344 0.3445 -0.0532 0.0505  0.0769  78  ASN A CA  
41  C  C   . ASN A 11 ? 0.3167 0.4367 0.3352 -0.0491 0.0476  0.0740  78  ASN A C   
42  O  O   . ASN A 11 ? 0.2463 0.3616 0.2643 -0.0438 0.0490  0.0763  78  ASN A O   
43  C  CB  . ASN A 11 ? 0.3470 0.4611 0.3887 -0.0604 0.0532  0.0679  78  ASN A CB  
44  C  CG  . ASN A 11 ? 0.4937 0.6068 0.5510 -0.0649 0.0559  0.0704  78  ASN A CG  
45  O  OD1 . ASN A 11 ? 0.4874 0.6079 0.5440 -0.0689 0.0545  0.0706  78  ASN A OD1 
46  N  ND2 . ASN A 11 ? 0.5657 0.6698 0.6393 -0.0646 0.0593  0.0730  78  ASN A ND2 
47  N  N   . LEU A 12 ? 0.2443 0.3698 0.2541 -0.0520 0.0432  0.0698  79  LEU A N   
48  C  CA  . LEU A 12 ? 0.2886 0.4144 0.2884 -0.0492 0.0396  0.0682  79  LEU A CA  
49  C  C   . LEU A 12 ? 0.2943 0.4245 0.2890 -0.0574 0.0366  0.0616  79  LEU A C   
50  O  O   . LEU A 12 ? 0.2233 0.3607 0.2182 -0.0626 0.0334  0.0619  79  LEU A O   
51  C  CB  . LEU A 12 ? 0.3897 0.5211 0.3855 -0.0427 0.0356  0.0737  79  LEU A CB  
52  C  CG  . LEU A 12 ? 0.4480 0.5796 0.4370 -0.0389 0.0312  0.0731  79  LEU A CG  
53  C  CD1 . LEU A 12 ? 0.5024 0.6272 0.4891 -0.0354 0.0343  0.0716  79  LEU A CD1 
54  C  CD2 . LEU A 12 ? 0.4067 0.5444 0.3972 -0.0321 0.0277  0.0764  79  LEU A CD2 
55  N  N   . ASP A 13 ? 0.2864 0.4146 0.2773 -0.0591 0.0374  0.0561  80  ASP A N   
56  C  CA  . ASP A 13 ? 0.3321 0.4686 0.3167 -0.0677 0.0347  0.0505  80  ASP A CA  
57  C  C   . ASP A 13 ? 0.3048 0.4468 0.2815 -0.0668 0.0274  0.0572  80  ASP A C   
58  O  O   . ASP A 13 ? 0.3144 0.4530 0.2873 -0.0619 0.0262  0.0593  80  ASP A O   
59  C  CB  . ASP A 13 ? 0.4069 0.5419 0.3915 -0.0703 0.0388  0.0414  80  ASP A CB  
60  C  CG  . ASP A 13 ? 0.5291 0.6774 0.5059 -0.0805 0.0366  0.0350  80  ASP A CG  
61  O  OD1 . ASP A 13 ? 0.4970 0.6553 0.4687 -0.0860 0.0312  0.0393  80  ASP A OD1 
62  O  OD2 . ASP A 13 ? 0.6067 0.7576 0.5835 -0.0836 0.0401  0.0259  80  ASP A OD2 
63  N  N   . VAL A 14 ? 0.1766 0.3270 0.1528 -0.0715 0.0221  0.0608  81  VAL A N   
64  C  CA  . VAL A 14 ? 0.1990 0.3543 0.1726 -0.0708 0.0139  0.0685  81  VAL A CA  
65  C  C   . VAL A 14 ? 0.2542 0.4230 0.2230 -0.0821 0.0086  0.0698  81  VAL A C   
66  O  O   . VAL A 14 ? 0.2216 0.3967 0.1928 -0.0837 0.0007  0.0779  81  VAL A O   
67  C  CB  . VAL A 14 ? 0.2664 0.4213 0.2478 -0.0648 0.0106  0.0744  81  VAL A CB  
68  C  CG1 . VAL A 14 ? 0.2974 0.4439 0.2820 -0.0541 0.0149  0.0744  81  VAL A CG1 
69  C  CG2 . VAL A 14 ? 0.2641 0.4244 0.2497 -0.0699 0.0116  0.0731  81  VAL A CG2 
70  N  N   . LYS A 15 ? 0.2968 0.4720 0.2600 -0.0901 0.0126  0.0618  82  LYS A N   
71  C  CA  . LYS A 15 ? 0.3438 0.5369 0.3011 -0.1026 0.0083  0.0618  82  LYS A CA  
72  C  C   . LYS A 15 ? 0.3234 0.5245 0.2761 -0.1056 -0.0005 0.0730  82  LYS A C   
73  O  O   . LYS A 15 ? 0.2869 0.5046 0.2360 -0.1157 -0.0065 0.0783  82  LYS A O   
74  C  CB  . LYS A 15 ? 0.3969 0.5980 0.3501 -0.1105 0.0152  0.0479  82  LYS A CB  
75  C  CG  . LYS A 15 ? 0.4688 0.6637 0.4196 -0.1070 0.0201  0.0424  82  LYS A CG  
76  C  CD  . LYS A 15 ? 0.5666 0.7695 0.5184 -0.1140 0.0275  0.0258  82  LYS A CD  
77  C  CE  . LYS A 15 ? 0.6043 0.7999 0.5571 -0.1093 0.0327  0.0193  82  LYS A CE  
78  N  NZ  . LYS A 15 ? 0.5469 0.7503 0.4898 -0.1114 0.0283  0.0269  82  LYS A NZ  
79  N  N   . HIS A 16 ? 0.2463 0.4369 0.2003 -0.0977 -0.0016 0.0775  83  HIS A N   
80  C  CA  . HIS A 16 ? 0.2284 0.4245 0.1820 -0.1001 -0.0104 0.0891  83  HIS A CA  
81  C  C   . HIS A 16 ? 0.2282 0.4215 0.1934 -0.0954 -0.0195 0.1003  83  HIS A C   
82  O  O   . HIS A 16 ? 0.2625 0.4594 0.2324 -0.0974 -0.0283 0.1115  83  HIS A O   
83  C  CB  . HIS A 16 ? 0.2499 0.4369 0.2021 -0.0943 -0.0083 0.0880  83  HIS A CB  
84  C  CG  . HIS A 16 ? 0.2682 0.4612 0.2112 -0.1000 -0.0011 0.0780  83  HIS A CG  
85  N  ND1 . HIS A 16 ? 0.3250 0.5063 0.2683 -0.0925 0.0065  0.0693  83  HIS A ND1 
86  C  CD2 . HIS A 16 ? 0.3447 0.5563 0.2792 -0.1125 -0.0003 0.0746  83  HIS A CD2 
87  C  CE1 . HIS A 16 ? 0.3172 0.5079 0.2543 -0.0995 0.0116  0.0602  83  HIS A CE1 
88  N  NE2 . HIS A 16 ? 0.3807 0.5907 0.3117 -0.1119 0.0081  0.0624  83  HIS A NE2 
89  N  N   . PHE A 17 ? 0.2228 0.4099 0.1946 -0.0895 -0.0173 0.0973  84  PHE A N   
90  C  CA  . PHE A 17 ? 0.2506 0.4353 0.2361 -0.0837 -0.0247 0.1049  84  PHE A CA  
91  C  C   . PHE A 17 ? 0.2487 0.4432 0.2374 -0.0892 -0.0273 0.1067  84  PHE A C   
92  O  O   . PHE A 17 ? 0.2675 0.4631 0.2515 -0.0915 -0.0203 0.0984  84  PHE A O   
93  C  CB  . PHE A 17 ? 0.1751 0.3464 0.1676 -0.0704 -0.0199 0.0994  84  PHE A CB  
94  C  CG  . PHE A 17 ? 0.1852 0.3478 0.1762 -0.0641 -0.0181 0.0976  84  PHE A CG  
95  C  CD1 . PHE A 17 ? 0.1644 0.3221 0.1450 -0.0635 -0.0095 0.0901  84  PHE A CD1 
96  C  CD2 . PHE A 17 ? 0.2244 0.3838 0.2268 -0.0587 -0.0253 0.1026  84  PHE A CD2 
97  C  CE1 . PHE A 17 ? 0.2234 0.3742 0.2030 -0.0578 -0.0081 0.0885  84  PHE A CE1 
98  C  CE2 . PHE A 17 ? 0.1381 0.2905 0.1398 -0.0531 -0.0238 0.1001  84  PHE A CE2 
99  C  CZ  . PHE A 17 ? 0.1507 0.2992 0.1399 -0.0528 -0.0152 0.0933  84  PHE A CZ  
100 N  N   . SER A 18 ? 0.2108 0.4124 0.2098 -0.0914 -0.0380 0.1177  85  SER A N   
101 C  CA  . SER A 18 ? 0.2170 0.4275 0.2223 -0.0949 -0.0414 0.1198  85  SER A CA  
102 C  C   . SER A 18 ? 0.2331 0.4338 0.2496 -0.0835 -0.0377 0.1144  85  SER A C   
103 O  O   . SER A 18 ? 0.2450 0.4355 0.2679 -0.0735 -0.0363 0.1122  85  SER A O   
104 C  CB  . SER A 18 ? 0.3532 0.5750 0.3686 -0.1006 -0.0550 0.1349  85  SER A CB  
105 O  OG  . SER A 18 ? 0.4519 0.6647 0.4857 -0.0912 -0.0618 0.1408  85  SER A OG  
106 N  N   . PRO A 19 ? 0.2010 0.4074 0.2201 -0.0857 -0.0359 0.1117  86  PRO A N   
107 C  CA  . PRO A 19 ? 0.2120 0.4129 0.2414 -0.0764 -0.0319 0.1067  86  PRO A CA  
108 C  C   . PRO A 19 ? 0.2141 0.4124 0.2615 -0.0670 -0.0389 0.1107  86  PRO A C   
109 O  O   . PRO A 19 ? 0.2483 0.4410 0.3013 -0.0573 -0.0341 0.1045  86  PRO A O   
110 C  CB  . PRO A 19 ? 0.2342 0.4457 0.2665 -0.0828 -0.0328 0.1067  86  PRO A CB  
111 C  CG  . PRO A 19 ? 0.2245 0.4440 0.2426 -0.0951 -0.0318 0.1056  86  PRO A CG  
112 C  CD  . PRO A 19 ? 0.2045 0.4249 0.2171 -0.0977 -0.0373 0.1122  86  PRO A CD  
113 N  N   . GLU A 20 ? 0.1829 0.3867 0.2405 -0.0702 -0.0505 0.1209  87  GLU A N   
114 C  CA  . GLU A 20 ? 0.2113 0.4128 0.2917 -0.0617 -0.0586 0.1241  87  GLU A CA  
115 C  C   . GLU A 20 ? 0.2077 0.3986 0.2896 -0.0546 -0.0577 0.1215  87  GLU A C   
116 O  O   . GLU A 20 ? 0.2298 0.4176 0.3316 -0.0460 -0.0623 0.1196  87  GLU A O   
117 C  CB  . GLU A 20 ? 0.2685 0.4788 0.3631 -0.0679 -0.0726 0.1380  87  GLU A CB  
118 C  CG  . GLU A 20 ? 0.4546 0.6769 0.5535 -0.0732 -0.0754 0.1406  87  GLU A CG  
119 N  N   . GLU A 21 ? 0.1883 0.3747 0.2510 -0.0584 -0.0518 0.1198  88  GLU A N   
120 C  CA  . GLU A 21 ? 0.1273 0.3044 0.1895 -0.0523 -0.0503 0.1169  88  GLU A CA  
121 C  C   . GLU A 21 ? 0.2098 0.3808 0.2635 -0.0445 -0.0385 0.1049  88  GLU A C   
122 O  O   . GLU A 21 ? 0.1898 0.3542 0.2397 -0.0397 -0.0354 0.1009  88  GLU A O   
123 C  CB  . GLU A 21 ? 0.1708 0.3483 0.2190 -0.0612 -0.0516 0.1230  88  GLU A CB  
124 C  CG  . GLU A 21 ? 0.2505 0.4361 0.3084 -0.0693 -0.0643 0.1379  88  GLU A CG  
125 C  CD  . GLU A 21 ? 0.2788 0.4714 0.3190 -0.0810 -0.0645 0.1440  88  GLU A CD  
126 O  OE1 . GLU A 21 ? 0.2994 0.4926 0.3205 -0.0841 -0.0543 0.1352  88  GLU A OE1 
127 O  OE2 . GLU A 21 ? 0.2675 0.4667 0.3151 -0.0875 -0.0749 0.1577  88  GLU A OE2 
128 N  N   . LEU A 22 ? 0.1379 0.3128 0.1897 -0.0437 -0.0326 0.1001  89  LEU A N   
129 C  CA  . LEU A 22 ? 0.1624 0.3343 0.2071 -0.0375 -0.0221 0.0915  89  LEU A CA  
130 C  C   . LEU A 22 ? 0.1819 0.3604 0.2407 -0.0304 -0.0213 0.0869  89  LEU A C   
131 O  O   . LEU A 22 ? 0.1568 0.3419 0.2267 -0.0325 -0.0262 0.0894  89  LEU A O   
132 C  CB  . LEU A 22 ? 0.1650 0.3361 0.1941 -0.0444 -0.0141 0.0902  89  LEU A CB  
133 C  CG  . LEU A 22 ? 0.2550 0.4217 0.2700 -0.0508 -0.0125 0.0911  89  LEU A CG  
134 C  CD1 . LEU A 22 ? 0.2638 0.4341 0.2701 -0.0603 -0.0086 0.0895  89  LEU A CD1 
135 C  CD2 . LEU A 22 ? 0.2218 0.3803 0.2301 -0.0447 -0.0061 0.0865  89  LEU A CD2 
136 N  N   . LYS A 23 ? 0.1712 0.3501 0.2298 -0.0225 -0.0152 0.0799  90  LYS A N   
137 C  CA  . LYS A 23 ? 0.1936 0.3828 0.2635 -0.0164 -0.0126 0.0740  90  LYS A CA  
138 C  C   . LYS A 23 ? 0.2012 0.3931 0.2591 -0.0139 -0.0019 0.0705  90  LYS A C   
139 O  O   . LYS A 23 ? 0.2396 0.4266 0.2884 -0.0113 0.0014  0.0691  90  LYS A O   
140 C  CB  . LYS A 23 ? 0.2258 0.4192 0.3153 -0.0080 -0.0186 0.0679  90  LYS A CB  
141 N  N   . VAL A 24 ? 0.1034 0.3037 0.1622 -0.0155 0.0031  0.0703  91  VAL A N   
142 C  CA  . VAL A 24 ? 0.1602 0.3657 0.2106 -0.0139 0.0125  0.0697  91  VAL A CA  
143 C  C   . VAL A 24 ? 0.2055 0.4290 0.2671 -0.0079 0.0144  0.0632  91  VAL A C   
144 O  O   . VAL A 24 ? 0.2071 0.4390 0.2810 -0.0085 0.0119  0.0615  91  VAL A O   
145 C  CB  . VAL A 24 ? 0.2196 0.4220 0.2628 -0.0218 0.0175  0.0753  91  VAL A CB  
146 C  CG1 . VAL A 24 ? 0.2398 0.4476 0.2773 -0.0205 0.0262  0.0774  91  VAL A CG1 
147 C  CG2 . VAL A 24 ? 0.1999 0.3878 0.2336 -0.0281 0.0159  0.0786  91  VAL A CG2 
148 N  N   . LYS A 25 ? 0.2210 0.4527 0.2792 -0.0024 0.0188  0.0591  92  LYS A N   
149 C  CA  . LYS A 25 ? 0.3123 0.5657 0.3803 0.0029  0.0216  0.0511  92  LYS A CA  
150 C  C   . LYS A 25 ? 0.2540 0.5189 0.3101 0.0025  0.0304  0.0546  92  LYS A C   
151 O  O   . LYS A 25 ? 0.2348 0.4908 0.2782 0.0022  0.0326  0.0596  92  LYS A O   
152 C  CB  . LYS A 25 ? 0.4463 0.7048 0.5267 0.0108  0.0165  0.0397  92  LYS A CB  
153 C  CG  . LYS A 25 ? 0.5309 0.7787 0.6272 0.0113  0.0064  0.0382  92  LYS A CG  
154 N  N   . VAL A 26 ? 0.1958 0.4818 0.2566 0.0023  0.0352  0.0528  93  VAL A N   
155 C  CA  . VAL A 26 ? 0.2416 0.5437 0.2928 0.0015  0.0430  0.0575  93  VAL A CA  
156 C  C   . VAL A 26 ? 0.3148 0.6443 0.3721 0.0078  0.0447  0.0451  93  VAL A C   
157 O  O   . VAL A 26 ? 0.3553 0.7028 0.4259 0.0096  0.0448  0.0358  93  VAL A O   
158 C  CB  . VAL A 26 ? 0.3179 0.6272 0.3688 -0.0055 0.0483  0.0670  93  VAL A CB  
159 C  CG1 . VAL A 26 ? 0.2736 0.6048 0.3172 -0.0067 0.0556  0.0733  93  VAL A CG1 
160 C  CG2 . VAL A 26 ? 0.3327 0.6166 0.3783 -0.0120 0.0472  0.0775  93  VAL A CG2 
161 N  N   . LEU A 27 ? 0.3054 0.6392 0.3540 0.0113  0.0459  0.0435  94  LEU A N   
162 C  CA  . LEU A 27 ? 0.3741 0.7363 0.4272 0.0168  0.0478  0.0301  94  LEU A CA  
163 C  C   . LEU A 27 ? 0.3848 0.7684 0.4237 0.0141  0.0550  0.0388  94  LEU A C   
164 O  O   . LEU A 27 ? 0.2963 0.6692 0.3224 0.0134  0.0553  0.0483  94  LEU A O   
165 C  CB  . LEU A 27 ? 0.4158 0.7686 0.4733 0.0235  0.0420  0.0189  94  LEU A CB  
166 N  N   . GLY A 28 ? 0.4381 0.8531 0.4797 0.0121  0.0604  0.0366  95  GLY A N   
167 C  CA  . GLY A 28 ? 0.3902 0.8285 0.4190 0.0075  0.0669  0.0488  95  GLY A CA  
168 C  C   . GLY A 28 ? 0.3539 0.7684 0.3742 0.0008  0.0678  0.0709  95  GLY A C   
169 O  O   . GLY A 28 ? 0.3842 0.7842 0.4104 -0.0033 0.0675  0.0762  95  GLY A O   
170 N  N   . ASP A 29 ? 0.2366 0.6473 0.2453 -0.0002 0.0685  0.0828  96  ASP A N   
171 C  CA  . ASP A 29 ? 0.3001 0.6872 0.3048 -0.0059 0.0688  0.1024  96  ASP A CA  
172 C  C   . ASP A 29 ? 0.2569 0.6089 0.2591 -0.0029 0.0640  0.1016  96  ASP A C   
173 O  O   . ASP A 29 ? 0.2972 0.6339 0.2953 -0.0054 0.0640  0.1150  96  ASP A O   
174 C  CB  . ASP A 29 ? 0.4086 0.8161 0.4057 -0.0104 0.0729  0.1199  96  ASP A CB  
175 C  CG  . ASP A 29 ? 0.5309 0.9495 0.5188 -0.0056 0.0716  0.1176  96  ASP A CG  
176 O  OD1 . ASP A 29 ? 0.5249 0.9406 0.5130 0.0011  0.0685  0.0999  96  ASP A OD1 
177 O  OD2 . ASP A 29 ? 0.6638 1.0943 0.6456 -0.0090 0.0732  0.1343  96  ASP A OD2 
178 N  N   . VAL A 30 ? 0.2382 0.5790 0.2450 0.0022  0.0594  0.0861  97  VAL A N   
179 C  CA  . VAL A 30 ? 0.2325 0.5429 0.2371 0.0042  0.0546  0.0847  97  VAL A CA  
180 C  C   . VAL A 30 ? 0.2040 0.4933 0.2161 0.0025  0.0507  0.0803  97  VAL A C   
181 O  O   . VAL A 30 ? 0.2326 0.5302 0.2542 0.0043  0.0487  0.0702  97  VAL A O   
182 C  CB  . VAL A 30 ? 0.2775 0.5922 0.2804 0.0114  0.0513  0.0724  97  VAL A CB  
183 C  CG1 . VAL A 30 ? 0.2517 0.5361 0.2537 0.0126  0.0462  0.0709  97  VAL A CG1 
184 C  CG2 . VAL A 30 ? 0.3597 0.6948 0.3535 0.0126  0.0544  0.0776  97  VAL A CG2 
185 N  N   . ILE A 31 ? 0.1751 0.4391 0.1845 -0.0013 0.0495  0.0877  98  ILE A N   
186 C  CA  . ILE A 31 ? 0.1401 0.3853 0.1544 -0.0038 0.0453  0.0840  98  ILE A CA  
187 C  C   . ILE A 31 ? 0.2142 0.4461 0.2268 0.0002  0.0398  0.0770  98  ILE A C   
188 O  O   . ILE A 31 ? 0.2301 0.4525 0.2355 0.0011  0.0402  0.0800  98  ILE A O   
189 C  CB  . ILE A 31 ? 0.1960 0.4235 0.2091 -0.0108 0.0470  0.0935  98  ILE A CB  
190 C  CG1 . ILE A 31 ? 0.1912 0.4301 0.2086 -0.0157 0.0520  0.1019  98  ILE A CG1 
191 C  CG2 . ILE A 31 ? 0.2949 0.5063 0.3109 -0.0141 0.0422  0.0890  98  ILE A CG2 
192 C  CD1 . ILE A 31 ? 0.1915 0.4140 0.2112 -0.0224 0.0541  0.1109  98  ILE A CD1 
193 N  N   . GLU A 32 ? 0.1972 0.4290 0.2183 0.0023  0.0344  0.0683  99  GLU A N   
194 C  CA  . GLU A 32 ? 0.2440 0.4636 0.2663 0.0051  0.0284  0.0631  99  GLU A CA  
195 C  C   . GLU A 32 ? 0.2347 0.4382 0.2594 -0.0003 0.0235  0.0658  99  GLU A C   
196 O  O   . GLU A 32 ? 0.1841 0.3914 0.2175 -0.0024 0.0211  0.0651  99  GLU A O   
197 C  CB  . GLU A 32 ? 0.2832 0.5159 0.3171 0.0120  0.0247  0.0515  99  GLU A CB  
198 C  CG  . GLU A 32 ? 0.3520 0.6040 0.3827 0.0171  0.0289  0.0464  99  GLU A CG  
199 C  CD  . GLU A 32 ? 0.5237 0.7895 0.5689 0.0239  0.0252  0.0313  99  GLU A CD  
200 O  OE1 . GLU A 32 ? 0.6108 0.8779 0.6717 0.0247  0.0210  0.0255  99  GLU A OE1 
201 O  OE2 . GLU A 32 ? 0.5634 0.8399 0.6062 0.0284  0.0262  0.0248  99  GLU A OE2 
202 N  N   . VAL A 33 ? 0.1645 0.3524 0.1816 -0.0030 0.0221  0.0688  100 VAL A N   
203 C  CA  . VAL A 33 ? 0.1803 0.3571 0.1984 -0.0089 0.0170  0.0710  100 VAL A CA  
204 C  C   . VAL A 33 ? 0.1748 0.3452 0.1952 -0.0066 0.0105  0.0685  100 VAL A C   
205 O  O   . VAL A 33 ? 0.1794 0.3447 0.1930 -0.0046 0.0119  0.0679  100 VAL A O   
206 C  CB  . VAL A 33 ? 0.1779 0.3441 0.1865 -0.0158 0.0209  0.0759  100 VAL A CB  
207 C  CG1 . VAL A 33 ? 0.2370 0.3970 0.2457 -0.0230 0.0157  0.0770  100 VAL A CG1 
208 C  CG2 . VAL A 33 ? 0.1565 0.3275 0.1656 -0.0183 0.0271  0.0793  100 VAL A CG2 
209 N  N   . HIS A 34 ? 0.1499 0.3215 0.1821 -0.0072 0.0030  0.0679  101 HIS A N   
210 C  CA  . HIS A 34 ? 0.1786 0.3442 0.2164 -0.0062 -0.0044 0.0677  101 HIS A CA  
211 C  C   . HIS A 34 ? 0.2028 0.3625 0.2395 -0.0148 -0.0101 0.0751  101 HIS A C   
212 O  O   . HIS A 34 ? 0.1905 0.3544 0.2333 -0.0187 -0.0131 0.0781  101 HIS A O   
213 C  CB  . HIS A 34 ? 0.2083 0.3814 0.2659 0.0008  -0.0101 0.0611  101 HIS A CB  
214 C  CG  . HIS A 34 ? 0.3040 0.4703 0.3720 0.0017  -0.0185 0.0617  101 HIS A CG  
215 N  ND1 . HIS A 34 ? 0.3813 0.5487 0.4710 0.0022  -0.0280 0.0627  101 HIS A ND1 
216 C  CD2 . HIS A 34 ? 0.2937 0.4525 0.3557 0.0016  -0.0192 0.0625  101 HIS A CD2 
217 C  CE1 . HIS A 34 ? 0.3490 0.5091 0.4458 0.0021  -0.0345 0.0649  101 HIS A CE1 
218 N  NE2 . HIS A 34 ? 0.2892 0.4446 0.3686 0.0017  -0.0290 0.0644  101 HIS A NE2 
219 N  N   . GLY A 35 ? 0.1664 0.3187 0.1954 -0.0184 -0.0116 0.0780  102 GLY A N   
220 C  CA  . GLY A 35 ? 0.1474 0.2982 0.1740 -0.0276 -0.0171 0.0854  102 GLY A CA  
221 C  C   . GLY A 35 ? 0.1820 0.3298 0.2163 -0.0277 -0.0251 0.0891  102 GLY A C   
222 O  O   . GLY A 35 ? 0.1673 0.3106 0.1993 -0.0233 -0.0233 0.0855  102 GLY A O   
223 N  N   . LYS A 36 ? 0.1907 0.3415 0.2353 -0.0329 -0.0345 0.0973  103 LYS A N   
224 C  CA  . LYS A 36 ? 0.2078 0.3560 0.2626 -0.0344 -0.0433 0.1036  103 LYS A CA  
225 C  C   . LYS A 36 ? 0.2411 0.3954 0.2985 -0.0450 -0.0519 0.1167  103 LYS A C   
226 O  O   . LYS A 36 ? 0.1656 0.3255 0.2321 -0.0468 -0.0565 0.1207  103 LYS A O   
227 C  CB  . LYS A 36 ? 0.2308 0.3773 0.3099 -0.0247 -0.0490 0.0992  103 LYS A CB  
228 C  CG  . LYS A 36 ? 0.3395 0.4819 0.4339 -0.0258 -0.0589 0.1058  103 LYS A CG  
229 C  CD  . LYS A 36 ? 0.3741 0.5152 0.4975 -0.0160 -0.0647 0.0989  103 LYS A CD  
230 C  CE  . LYS A 36 ? 0.3556 0.4911 0.4970 -0.0170 -0.0743 0.1050  103 LYS A CE  
231 N  N   . HIS A 37 ? 0.1939 0.3492 0.2431 -0.0529 -0.0544 0.1239  104 HIS A N   
232 C  CA  . HIS A 37 ? 0.2606 0.4252 0.3133 -0.0640 -0.0640 0.1386  104 HIS A CA  
233 C  C   . HIS A 37 ? 0.2960 0.4593 0.3585 -0.0670 -0.0724 0.1487  104 HIS A C   
234 O  O   . HIS A 37 ? 0.2265 0.3842 0.2824 -0.0649 -0.0680 0.1440  104 HIS A O   
235 C  CB  . HIS A 37 ? 0.2133 0.3887 0.2438 -0.0753 -0.0589 0.1395  104 HIS A CB  
236 C  CG  . HIS A 37 ? 0.2051 0.3825 0.2178 -0.0809 -0.0527 0.1368  104 HIS A CG  
237 N  ND1 . HIS A 37 ? 0.2120 0.3957 0.2242 -0.0889 -0.0590 0.1475  104 HIS A ND1 
238 C  CD2 . HIS A 37 ? 0.1788 0.3535 0.1750 -0.0800 -0.0412 0.1249  104 HIS A CD2 
239 C  CE1 . HIS A 37 ? 0.2072 0.3930 0.2025 -0.0925 -0.0509 0.1408  104 HIS A CE1 
240 N  NE2 . HIS A 37 ? 0.1882 0.3681 0.1746 -0.0869 -0.0403 0.1268  104 HIS A NE2 
241 N  N   . GLU A 38 ? 0.2811 0.4500 0.3617 -0.0721 -0.0850 0.1635  105 GLU A N   
242 C  CA  . GLU A 38 ? 0.3275 0.4954 0.4229 -0.0758 -0.0950 0.1764  105 GLU A CA  
243 C  C   . GLU A 38 ? 0.3043 0.4831 0.3781 -0.0888 -0.0931 0.1844  105 GLU A C   
244 O  O   . GLU A 38 ? 0.2429 0.4318 0.2933 -0.0957 -0.0856 0.1805  105 GLU A O   
245 C  CB  . GLU A 38 ? 0.4246 0.5964 0.5477 -0.0784 -0.1099 0.1922  105 GLU A CB  
246 C  CG  . GLU A 38 ? 0.5160 0.6809 0.6618 -0.0665 -0.1119 0.1832  105 GLU A CG  
247 C  CD  . GLU A 38 ? 0.6590 0.8108 0.8189 -0.0530 -0.1082 0.1677  105 GLU A CD  
248 O  OE1 . GLU A 38 ? 0.6969 0.8427 0.8691 -0.0525 -0.1130 0.1713  105 GLU A OE1 
249 O  OE2 . GLU A 38 ? 0.7483 0.8974 0.9072 -0.0434 -0.1006 0.1518  105 GLU A OE2 
250 N  N   . GLU A 39 ? 0.2933 0.4716 0.3769 -0.0926 -0.0999 0.1950  106 GLU A N   
251 C  CA  . GLU A 39 ? 0.3285 0.5198 0.3932 -0.1057 -0.0984 0.2030  106 GLU A CA  
252 C  C   . GLU A 39 ? 0.3132 0.5257 0.3644 -0.1195 -0.1010 0.2135  106 GLU A C   
253 O  O   . GLU A 39 ? 0.3150 0.5343 0.3817 -0.1236 -0.1123 0.2284  106 GLU A O   
254 C  CB  . GLU A 39 ? 0.3703 0.5602 0.4535 -0.1094 -0.1085 0.2177  106 GLU A CB  
255 C  CG  . GLU A 39 ? 0.4375 0.6409 0.5012 -0.1214 -0.1050 0.2232  106 GLU A CG  
256 C  CD  . GLU A 39 ? 0.4994 0.6985 0.5824 -0.1233 -0.1134 0.2353  106 GLU A CD  
257 O  OE1 . GLU A 39 ? 0.4984 0.6833 0.5847 -0.1141 -0.1082 0.2230  106 GLU A OE1 
258 O  OE2 . GLU A 39 ? 0.6014 0.8119 0.6974 -0.1343 -0.1257 0.2581  106 GLU A OE2 
259 N  N   . ARG A 40 ? 0.3104 0.5347 0.3343 -0.1267 -0.0906 0.2052  107 ARG A N   
260 C  CA  A ARG A 40 ? 0.3948 0.6414 0.4031 -0.1393 -0.0905 0.2092  107 ARG A CA  
261 C  CA  B ARG A 40 ? 0.3829 0.6299 0.3919 -0.1400 -0.0914 0.2107  107 ARG A CA  
262 C  C   . ARG A 40 ? 0.3345 0.6007 0.3205 -0.1523 -0.0846 0.2081  107 ARG A C   
263 O  O   . ARG A 40 ? 0.2754 0.5343 0.2511 -0.1480 -0.0743 0.1940  107 ARG A O   
264 C  CB  A ARG A 40 ? 0.4343 0.6749 0.4337 -0.1325 -0.0808 0.1915  107 ARG A CB  
265 C  CB  B ARG A 40 ? 0.4310 0.6744 0.4336 -0.1342 -0.0842 0.1963  107 ARG A CB  
266 C  CG  A ARG A 40 ? 0.4425 0.7028 0.4329 -0.1428 -0.0826 0.1947  107 ARG A CG  
267 C  CG  B ARG A 40 ? 0.4364 0.6879 0.4143 -0.1384 -0.0707 0.1792  107 ARG A CG  
268 C  CD  A ARG A 40 ? 0.4512 0.7019 0.4375 -0.1345 -0.0734 0.1774  107 ARG A CD  
269 C  CD  B ARG A 40 ? 0.4570 0.6977 0.4345 -0.1294 -0.0636 0.1647  107 ARG A CD  
270 N  NE  A ARG A 40 ? 0.4434 0.6891 0.4133 -0.1319 -0.0593 0.1584  107 ARG A NE  
271 N  NE  B ARG A 40 ? 0.4309 0.6671 0.4270 -0.1246 -0.0729 0.1737  107 ARG A NE  
272 C  CZ  A ARG A 40 ? 0.3789 0.6099 0.3482 -0.1216 -0.0502 0.1434  107 ARG A CZ  
273 C  CZ  B ARG A 40 ? 0.3217 0.5454 0.3249 -0.1142 -0.0691 0.1643  107 ARG A CZ  
274 N  NH1 A ARG A 40 ? 0.4073 0.6285 0.3896 -0.1132 -0.0529 0.1438  107 ARG A NH1 
275 N  NH1 B ARG A 40 ? 0.3545 0.5686 0.3475 -0.1076 -0.0568 0.1473  107 ARG A NH1 
276 N  NH2 A ARG A 40 ? 0.1303 0.3574 0.0875 -0.1200 -0.0387 0.1284  107 ARG A NH2 
277 N  NH2 B ARG A 40 ? 0.2005 0.4226 0.2224 -0.1105 -0.0781 0.1724  107 ARG A NH2 
278 N  N   . GLN A 41 ? 0.2940 0.5870 0.2727 -0.1683 -0.0909 0.2225  108 GLN A N   
279 C  CA  . GLN A 41 ? 0.2953 0.6125 0.2529 -0.1820 -0.0851 0.2203  108 GLN A CA  
280 C  C   . GLN A 41 ? 0.2924 0.6170 0.2296 -0.1830 -0.0714 0.1971  108 GLN A C   
281 O  O   . GLN A 41 ? 0.2849 0.6117 0.2209 -0.1825 -0.0709 0.1922  108 GLN A O   
282 C  CB  . GLN A 41 ? 0.3224 0.6706 0.2790 -0.2001 -0.0968 0.2442  108 GLN A CB  
283 C  CG  . GLN A 41 ? 0.3393 0.7173 0.2750 -0.2156 -0.0913 0.2432  108 GLN A CG  
284 C  CD  . GLN A 41 ? 0.3809 0.7931 0.3151 -0.2347 -0.1035 0.2694  108 GLN A CD  
285 O  OE1 . GLN A 41 ? 0.3836 0.7995 0.3311 -0.2373 -0.1160 0.2879  108 GLN A OE1 
286 N  NE2 . GLN A 41 ? 0.2918 0.7318 0.2106 -0.2488 -0.1000 0.2716  108 GLN A NE2 
287 N  N   . ASP A 42 ? 0.2741 0.6023 0.1982 -0.1843 -0.0605 0.1824  109 ASP A N   
288 C  CA  . ASP A 42 ? 0.3212 0.6608 0.2289 -0.1877 -0.0483 0.1607  109 ASP A CA  
289 C  C   . ASP A 42 ? 0.3364 0.7049 0.2289 -0.2018 -0.0433 0.1565  109 ASP A C   
290 O  O   . ASP A 42 ? 0.3317 0.7164 0.2240 -0.2117 -0.0507 0.1742  109 ASP A O   
291 C  CB  . ASP A 42 ? 0.3210 0.6322 0.2315 -0.1716 -0.0374 0.1401  109 ASP A CB  
292 C  CG  . ASP A 42 ? 0.3284 0.6255 0.2407 -0.1641 -0.0323 0.1347  109 ASP A CG  
293 O  OD1 . ASP A 42 ? 0.3053 0.6147 0.2157 -0.1719 -0.0360 0.1449  109 ASP A OD1 
294 O  OD2 . ASP A 42 ? 0.3172 0.5920 0.2331 -0.1509 -0.0248 0.1210  109 ASP A OD2 
295 N  N   . GLU A 43 ? 0.3711 0.7469 0.2528 -0.2029 -0.0308 0.1330  110 GLU A N   
296 C  CA  . GLU A 43 ? 0.4828 0.8899 0.3508 -0.2166 -0.0246 0.1243  110 GLU A CA  
297 C  C   . GLU A 43 ? 0.4517 0.8549 0.3210 -0.2153 -0.0235 0.1286  110 GLU A C   
298 O  O   . GLU A 43 ? 0.4113 0.8444 0.2712 -0.2293 -0.0234 0.1327  110 GLU A O   
299 C  CB  . GLU A 43 ? 0.6543 1.0648 0.5170 -0.2151 -0.0111 0.0947  110 GLU A CB  
300 C  CG  . GLU A 43 ? 0.8076 1.2510 0.6589 -0.2278 -0.0030 0.0803  110 GLU A CG  
301 C  CD  . GLU A 43 ? 0.8880 1.3284 0.7411 -0.2233 0.0104  0.0493  110 GLU A CD  
302 O  OE1 . GLU A 43 ? 0.8990 1.3095 0.7619 -0.2098 0.0133  0.0414  110 GLU A OE1 
303 O  OE2 . GLU A 43 ? 0.9187 1.3875 0.7651 -0.2335 0.0180  0.0328  110 GLU A OE2 
304 N  N   . HIS A 44 ? 0.4071 0.7755 0.2880 -0.1990 -0.0228 0.1277  111 HIS A N   
305 C  CA  . HIS A 44 ? 0.4241 0.7859 0.3072 -0.1958 -0.0202 0.1278  111 HIS A CA  
306 C  C   . HIS A 44 ? 0.3874 0.7411 0.2818 -0.1956 -0.0325 0.1527  111 HIS A C   
307 O  O   . HIS A 44 ? 0.3847 0.7405 0.2806 -0.1974 -0.0325 0.1571  111 HIS A O   
308 C  CB  . HIS A 44 ? 0.4454 0.7772 0.3343 -0.1787 -0.0109 0.1090  111 HIS A CB  
309 C  CG  . HIS A 44 ? 0.5576 0.8936 0.4412 -0.1777 0.0004  0.0850  111 HIS A CG  
310 N  ND1 . HIS A 44 ? 0.6535 0.9728 0.5417 -0.1692 0.0024  0.0776  111 HIS A ND1 
311 C  CD2 . HIS A 44 ? 0.6202 0.9760 0.4969 -0.1845 0.0103  0.0664  111 HIS A CD2 
312 C  CE1 . HIS A 44 ? 0.6782 1.0050 0.5638 -0.1707 0.0124  0.0562  111 HIS A CE1 
313 N  NE2 . HIS A 44 ? 0.6859 1.0347 0.5652 -0.1797 0.0175  0.0481  111 HIS A NE2 
314 N  N   . GLY A 45 ? 0.3219 0.6660 0.2268 -0.1930 -0.0431 0.1684  112 GLY A N   
315 C  CA  . GLY A 45 ? 0.3305 0.6650 0.2521 -0.1919 -0.0557 0.1913  112 GLY A CA  
316 C  C   . GLY A 45 ? 0.3157 0.6276 0.2537 -0.1809 -0.0636 0.1980  112 GLY A C   
317 O  O   . GLY A 45 ? 0.2961 0.6165 0.2316 -0.1844 -0.0662 0.2001  112 GLY A O   
318 N  N   . PHE A 46 ? 0.2364 0.5215 0.1921 -0.1679 -0.0673 0.2003  113 PHE A N   
319 C  CA  . PHE A 46 ? 0.2280 0.4925 0.2016 -0.1564 -0.0738 0.2034  113 PHE A CA  
320 C  C   . PHE A 46 ? 0.2178 0.4558 0.1948 -0.1387 -0.0652 0.1841  113 PHE A C   
321 O  O   . PHE A 46 ? 0.2271 0.4575 0.2013 -0.1342 -0.0592 0.1755  113 PHE A O   
322 C  CB  . PHE A 46 ? 0.3152 0.5755 0.3131 -0.1579 -0.0890 0.2261  113 PHE A CB  
323 C  CG  . PHE A 46 ? 0.4038 0.6908 0.4015 -0.1752 -0.0996 0.2492  113 PHE A CG  
324 C  CD1 . PHE A 46 ? 0.4539 0.7657 0.4395 -0.1904 -0.0996 0.2588  113 PHE A CD1 
325 C  CD2 . PHE A 46 ? 0.4525 0.7423 0.4624 -0.1764 -0.1096 0.2616  113 PHE A CD2 
326 C  CE1 . PHE A 46 ? 0.4711 0.8114 0.4555 -0.2075 -0.1097 0.2815  113 PHE A CE1 
327 C  CE2 . PHE A 46 ? 0.4672 0.7837 0.4772 -0.1929 -0.1204 0.2846  113 PHE A CE2 
328 C  CZ  . PHE A 46 ? 0.4447 0.7873 0.4414 -0.2088 -0.1204 0.2952  113 PHE A CZ  
329 N  N   . ILE A 47 ? 0.1875 0.4131 0.1702 -0.1294 -0.0648 0.1779  114 ILE A N   
330 C  CA  . ILE A 47 ? 0.2073 0.4122 0.1911 -0.1140 -0.0562 0.1604  114 ILE A CA  
331 C  C   . ILE A 47 ? 0.2356 0.4274 0.2354 -0.1037 -0.0607 0.1603  114 ILE A C   
332 O  O   . ILE A 47 ? 0.2272 0.4264 0.2295 -0.1081 -0.0656 0.1668  114 ILE A O   
333 C  CB  . ILE A 47 ? 0.2911 0.5003 0.2553 -0.1146 -0.0430 0.1432  114 ILE A CB  
334 C  CG1 . ILE A 47 ? 0.3421 0.5314 0.3086 -0.0995 -0.0353 0.1284  114 ILE A CG1 
335 C  CG2 . ILE A 47 ? 0.3317 0.5558 0.2881 -0.1234 -0.0435 0.1445  114 ILE A CG2 
336 C  CD1 . ILE A 47 ? 0.2300 0.4117 0.1926 -0.0939 -0.0285 0.1191  114 ILE A CD1 
337 N  N   . SER A 48 ? 0.2201 0.3944 0.2310 -0.0904 -0.0591 0.1522  115 SER A N   
338 C  CA  . SER A 48 ? 0.1958 0.3596 0.2192 -0.0794 -0.0600 0.1466  115 SER A CA  
339 C  C   . SER A 48 ? 0.2004 0.3547 0.2139 -0.0691 -0.0481 0.1295  115 SER A C   
340 O  O   . SER A 48 ? 0.1790 0.3299 0.1850 -0.0672 -0.0427 0.1235  115 SER A O   
341 C  CB  . SER A 48 ? 0.3215 0.4766 0.3721 -0.0730 -0.0705 0.1529  115 SER A CB  
342 O  OG  . SER A 48 ? 0.3756 0.5226 0.4307 -0.0677 -0.0692 0.1480  115 SER A OG  
343 N  N   . ARG A 49 ? 0.1448 0.2960 0.1586 -0.0631 -0.0445 0.1227  116 ARG A N   
344 C  CA  . ARG A 49 ? 0.1614 0.3055 0.1665 -0.0544 -0.0339 0.1091  116 ARG A CA  
345 C  C   . ARG A 49 ? 0.2209 0.3602 0.2389 -0.0440 -0.0344 0.1042  116 ARG A C   
346 O  O   . ARG A 49 ? 0.1901 0.3324 0.2199 -0.0447 -0.0408 0.1092  116 ARG A O   
347 C  CB  . ARG A 49 ? 0.2021 0.3514 0.1906 -0.0602 -0.0256 0.1043  116 ARG A CB  
348 C  CG  . ARG A 49 ? 0.2522 0.4099 0.2272 -0.0705 -0.0226 0.1047  116 ARG A CG  
349 C  CD  . ARG A 49 ? 0.2115 0.3741 0.1750 -0.0751 -0.0145 0.0966  116 ARG A CD  
350 N  NE  . ARG A 49 ? 0.2445 0.4186 0.1967 -0.0853 -0.0110 0.0938  116 ARG A NE  
351 C  CZ  . ARG A 49 ? 0.2508 0.4416 0.1979 -0.0979 -0.0148 0.0994  116 ARG A CZ  
352 N  NH1 . ARG A 49 ? 0.2291 0.4256 0.1819 -0.1015 -0.0232 0.1100  116 ARG A NH1 
353 N  NH2 . ARG A 49 ? 0.2550 0.4590 0.1917 -0.1071 -0.0105 0.0944  116 ARG A NH2 
354 N  N   . GLU A 50 ? 0.1785 0.3124 0.1944 -0.0347 -0.0278 0.0943  117 GLU A N   
355 C  CA  . GLU A 50 ? 0.2478 0.3815 0.2725 -0.0257 -0.0263 0.0880  117 GLU A CA  
356 C  C   . GLU A 50 ? 0.2094 0.3415 0.2231 -0.0196 -0.0163 0.0795  117 GLU A C   
357 O  O   . GLU A 50 ? 0.1764 0.3054 0.1839 -0.0178 -0.0133 0.0768  117 GLU A O   
358 C  CB  . GLU A 50 ? 0.3310 0.4636 0.3773 -0.0189 -0.0340 0.0864  117 GLU A CB  
359 C  CG  . GLU A 50 ? 0.3560 0.4927 0.4132 -0.0103 -0.0325 0.0782  117 GLU A CG  
360 C  CD  . GLU A 50 ? 0.3839 0.5210 0.4664 -0.0037 -0.0403 0.0737  117 GLU A CD  
361 O  OE1 . GLU A 50 ? 0.3162 0.4485 0.4074 -0.0048 -0.0462 0.0767  117 GLU A OE1 
362 O  OE2 . GLU A 50 ? 0.3752 0.5184 0.4709 0.0025  -0.0405 0.0663  117 GLU A OE2 
363 N  N   . PHE A 51 ? 0.2037 0.3390 0.2160 -0.0167 -0.0117 0.0765  118 PHE A N   
364 C  CA  . PHE A 51 ? 0.1688 0.3044 0.1732 -0.0112 -0.0032 0.0711  118 PHE A CA  
365 C  C   . PHE A 51 ? 0.1663 0.3094 0.1778 -0.0051 -0.0015 0.0674  118 PHE A C   
366 O  O   . PHE A 51 ? 0.1664 0.3134 0.1868 -0.0064 -0.0051 0.0687  118 PHE A O   
367 C  CB  . PHE A 51 ? 0.1806 0.3132 0.1719 -0.0169 0.0036  0.0727  118 PHE A CB  
368 C  CG  . PHE A 51 ? 0.1785 0.3142 0.1699 -0.0214 0.0053  0.0746  118 PHE A CG  
369 C  CD1 . PHE A 51 ? 0.1776 0.3163 0.1695 -0.0176 0.0106  0.0733  118 PHE A CD1 
370 C  CD2 . PHE A 51 ? 0.1499 0.2871 0.1409 -0.0300 0.0012  0.0784  118 PHE A CD2 
371 C  CE1 . PHE A 51 ? 0.1931 0.3347 0.1863 -0.0221 0.0122  0.0750  118 PHE A CE1 
372 C  CE2 . PHE A 51 ? 0.1737 0.3146 0.1652 -0.0343 0.0027  0.0794  118 PHE A CE2 
373 C  CZ  . PHE A 51 ? 0.1863 0.3284 0.1794 -0.0302 0.0081  0.0774  118 PHE A CZ  
374 N  N   . HIS A 52 ? 0.1654 0.3127 0.1733 0.0011  0.0038  0.0630  119 HIS A N   
375 C  CA  . HIS A 52 ? 0.2417 0.4003 0.2538 0.0057  0.0070  0.0597  119 HIS A CA  
376 C  C   . HIS A 52 ? 0.2403 0.4008 0.2411 0.0060  0.0151  0.0624  119 HIS A C   
377 O  O   . HIS A 52 ? 0.1977 0.3583 0.1931 0.0094  0.0173  0.0614  119 HIS A O   
378 C  CB  . HIS A 52 ? 0.2795 0.4475 0.3034 0.0134  0.0039  0.0510  119 HIS A CB  
379 C  CG  . HIS A 52 ? 0.4341 0.6177 0.4648 0.0174  0.0064  0.0458  119 HIS A CG  
380 N  ND1 . HIS A 52 ? 0.5369 0.7235 0.5737 0.0145  0.0057  0.0479  119 HIS A ND1 
381 C  CD2 . HIS A 52 ? 0.4662 0.6660 0.4992 0.0235  0.0096  0.0380  119 HIS A CD2 
382 C  CE1 . HIS A 52 ? 0.4509 0.6543 0.4935 0.0188  0.0087  0.0416  119 HIS A CE1 
383 N  NE2 . HIS A 52 ? 0.4903 0.7031 0.5304 0.0240  0.0113  0.0353  119 HIS A NE2 
384 N  N   . ARG A 53 ? 0.1964 0.3584 0.1952 0.0022  0.0189  0.0666  120 ARG A N   
385 C  CA  . ARG A 53 ? 0.2008 0.3632 0.1926 0.0015  0.0257  0.0714  120 ARG A CA  
386 C  C   . ARG A 53 ? 0.2358 0.4137 0.2307 0.0039  0.0292  0.0725  120 ARG A C   
387 O  O   . ARG A 53 ? 0.2419 0.4258 0.2432 0.0027  0.0279  0.0708  120 ARG A O   
388 C  CB  . ARG A 53 ? 0.2482 0.4000 0.2375 -0.0061 0.0277  0.0757  120 ARG A CB  
389 C  CG  . ARG A 53 ? 0.3041 0.4567 0.2930 -0.0080 0.0339  0.0813  120 ARG A CG  
390 C  CD  . ARG A 53 ? 0.3199 0.4707 0.3057 -0.0046 0.0370  0.0843  120 ARG A CD  
391 N  NE  . ARG A 53 ? 0.2797 0.4173 0.2636 -0.0075 0.0372  0.0828  120 ARG A NE  
392 C  CZ  . ARG A 53 ? 0.2893 0.4231 0.2724 -0.0049 0.0390  0.0844  120 ARG A CZ  
393 N  NH1 . ARG A 53 ? 0.2943 0.4367 0.2769 0.0004  0.0404  0.0892  120 ARG A NH1 
394 N  NH2 . ARG A 53 ? 0.3052 0.4286 0.2882 -0.0078 0.0395  0.0811  120 ARG A NH2 
395 N  N   . LYS A 54 ? 0.1779 0.3636 0.1685 0.0067  0.0335  0.0758  121 LYS A N   
396 C  CA  . LYS A 54 ? 0.2402 0.4444 0.2322 0.0079  0.0373  0.0784  121 LYS A CA  
397 C  C   . LYS A 54 ? 0.2691 0.4723 0.2582 0.0044  0.0424  0.0901  121 LYS A C   
398 O  O   . LYS A 54 ? 0.2271 0.4238 0.2128 0.0053  0.0434  0.0947  121 LYS A O   
399 C  CB  . LYS A 54 ? 0.2817 0.5046 0.2735 0.0145  0.0369  0.0718  121 LYS A CB  
400 C  CG  . LYS A 54 ? 0.3707 0.5966 0.3714 0.0183  0.0316  0.0592  121 LYS A CG  
401 C  CD  . LYS A 54 ? 0.4140 0.6590 0.4163 0.0247  0.0313  0.0498  121 LYS A CD  
402 C  CE  . LYS A 54 ? 0.4646 0.7091 0.4804 0.0287  0.0251  0.0365  121 LYS A CE  
403 N  NZ  . LYS A 54 ? 0.5213 0.7835 0.5409 0.0348  0.0245  0.0247  121 LYS A NZ  
404 N  N   . TYR A 55 ? 0.2606 0.4986 0.1649 -0.0214 0.0014  0.1554  122 TYR A N   
405 C  CA  . TYR A 55 ? 0.2341 0.4815 0.1644 -0.0260 0.0047  0.1788  122 TYR A CA  
406 C  C   . TYR A 55 ? 0.2794 0.5663 0.2063 -0.0284 0.0044  0.1920  122 TYR A C   
407 O  O   . TYR A 55 ? 0.2742 0.5751 0.1840 -0.0270 0.0040  0.1800  122 TYR A O   
408 C  CB  . TYR A 55 ? 0.2694 0.4953 0.2182 -0.0278 0.0088  0.1758  122 TYR A CB  
409 C  CG  . TYR A 55 ? 0.3061 0.4961 0.2595 -0.0255 0.0100  0.1620  122 TYR A CG  
410 C  CD1 . TYR A 55 ? 0.2958 0.4717 0.2715 -0.0263 0.0115  0.1717  122 TYR A CD1 
411 C  CD2 . TYR A 55 ? 0.2747 0.4471 0.2115 -0.0225 0.0096  0.1396  122 TYR A CD2 
412 C  CE1 . TYR A 55 ? 0.2373 0.3843 0.2170 -0.0241 0.0131  0.1579  122 TYR A CE1 
413 C  CE2 . TYR A 55 ? 0.2657 0.4098 0.2056 -0.0206 0.0109  0.1276  122 TYR A CE2 
414 C  CZ  . TYR A 55 ? 0.2909 0.4232 0.2517 -0.0214 0.0130  0.1362  122 TYR A CZ  
415 O  OH  . TYR A 55 ? 0.3242 0.4318 0.2877 -0.0193 0.0150  0.1233  122 TYR A OH  
416 N  N   . ARG A 56 ? 0.2641 0.5705 0.2080 -0.0321 0.0048  0.2175  123 ARG A N   
417 C  CA  . ARG A 56 ? 0.2504 0.5973 0.1947 -0.0355 0.0054  0.2346  123 ARG A CA  
418 C  C   . ARG A 56 ? 0.2643 0.6087 0.2319 -0.0399 0.0099  0.2452  123 ARG A C   
419 O  O   . ARG A 56 ? 0.2804 0.6037 0.2769 -0.0425 0.0117  0.2562  123 ARG A O   
420 C  CB  . ARG A 56 ? 0.2029 0.5745 0.1568 -0.0379 0.0032  0.2602  123 ARG A CB  
421 C  CG  . ARG A 56 ? 0.3547 0.7739 0.3079 -0.0417 0.0038  0.2807  123 ARG A CG  
422 C  CD  . ARG A 56 ? 0.4581 0.9080 0.3778 -0.0383 0.0012  0.2639  123 ARG A CD  
423 N  N   . ILE A 57 ? 0.2535 0.6195 0.2107 -0.0406 0.0116  0.2406  124 ILE A N   
424 C  CA  . ILE A 57 ? 0.2773 0.6461 0.2574 -0.0454 0.0156  0.2521  124 ILE A CA  
425 C  C   . ILE A 57 ? 0.3133 0.7137 0.3156 -0.0513 0.0166  0.2868  124 ILE A C   
426 O  O   . ILE A 57 ? 0.2834 0.7224 0.2710 -0.0517 0.0154  0.2974  124 ILE A O   
427 C  CB  . ILE A 57 ? 0.2937 0.6788 0.2563 -0.0441 0.0171  0.2367  124 ILE A CB  
428 C  CG1 . ILE A 57 ? 0.2096 0.5638 0.1524 -0.0383 0.0153  0.2043  124 ILE A CG1 
429 C  CG2 . ILE A 57 ? 0.2284 0.6185 0.2168 -0.0497 0.0212  0.2504  124 ILE A CG2 
430 C  CD1 . ILE A 57 ? 0.2600 0.6284 0.1865 -0.0362 0.0159  0.1874  124 ILE A CD1 
431 N  N   . PRO A 58 ? 0.3258 0.7108 0.3648 -0.0559 0.0185  0.3048  125 PRO A N   
432 C  CA  . PRO A 58 ? 0.3871 0.7996 0.4533 -0.0622 0.0190  0.3411  125 PRO A CA  
433 C  C   . PRO A 58 ? 0.3687 0.8263 0.4282 -0.0660 0.0214  0.3541  125 PRO A C   
434 O  O   . PRO A 58 ? 0.3342 0.7936 0.3808 -0.0650 0.0238  0.3365  125 PRO A O   
435 C  CB  . PRO A 58 ? 0.3938 0.7748 0.5029 -0.0657 0.0204  0.3495  125 PRO A CB  
436 C  CG  . PRO A 58 ? 0.3856 0.7224 0.4869 -0.0603 0.0197  0.3195  125 PRO A CG  
437 C  CD  . PRO A 58 ? 0.3405 0.6812 0.3997 -0.0552 0.0195  0.2916  125 PRO A CD  
438 N  N   . ALA A 59 ? 0.3773 0.8732 0.4461 -0.0704 0.0209  0.3856  126 ALA A N   
439 C  CA  . ALA A 59 ? 0.3184 0.8649 0.3787 -0.0742 0.0236  0.4005  126 ALA A CA  
440 C  C   . ALA A 59 ? 0.3637 0.9095 0.4473 -0.0791 0.0281  0.4064  126 ALA A C   
441 O  O   . ALA A 59 ? 0.3872 0.9636 0.4551 -0.0797 0.0312  0.4019  126 ALA A O   
442 C  CB  . ALA A 59 ? 0.3336 0.9206 0.4043 -0.0787 0.0219  0.4374  126 ALA A CB  
443 N  N   . ASP A 60 ? 0.3854 0.8972 0.5081 -0.0825 0.0283  0.4155  127 ASP A N   
444 C  CA  . ASP A 60 ? 0.4128 0.9229 0.5638 -0.0880 0.0317  0.4230  127 ASP A CA  
445 C  C   . ASP A 60 ? 0.3873 0.8632 0.5273 -0.0839 0.0329  0.3868  127 ASP A C   
446 O  O   . ASP A 60 ? 0.3549 0.8181 0.5216 -0.0877 0.0348  0.3875  127 ASP A O   
447 C  CB  . ASP A 60 ? 0.4516 0.9452 0.6557 -0.0944 0.0307  0.4516  127 ASP A CB  
448 C  CG  . ASP A 60 ? 0.5396 0.9822 0.7583 -0.0904 0.0277  0.4358  127 ASP A CG  
449 O  OD1 . ASP A 60 ? 0.5564 0.9785 0.7425 -0.0832 0.0265  0.4059  127 ASP A OD1 
450 O  OD2 . ASP A 60 ? 0.5691 0.9933 0.8337 -0.0944 0.0265  0.4534  127 ASP A OD2 
451 N  N   . VAL A 61 ? 0.3383 0.8005 0.4406 -0.0762 0.0312  0.3558  128 VAL A N   
452 C  CA  . VAL A 61 ? 0.3201 0.7531 0.4083 -0.0718 0.0316  0.3219  128 VAL A CA  
453 C  C   . VAL A 61 ? 0.2740 0.7330 0.3228 -0.0674 0.0323  0.3025  128 VAL A C   
454 O  O   . VAL A 61 ? 0.2864 0.7594 0.3063 -0.0629 0.0301  0.2948  128 VAL A O   
455 C  CB  . VAL A 61 ? 0.3135 0.7006 0.3960 -0.0663 0.0286  0.2997  128 VAL A CB  
456 C  CG1 . VAL A 61 ? 0.3304 0.6912 0.3964 -0.0617 0.0285  0.2662  128 VAL A CG1 
457 C  CG2 . VAL A 61 ? 0.3035 0.6647 0.4273 -0.0699 0.0279  0.3154  128 VAL A CG2 
458 N  N   . ASP A 62 ? 0.2363 0.7022 0.2865 -0.0686 0.0349  0.2937  129 ASP A N   
459 C  CA  . ASP A 62 ? 0.2814 0.7691 0.2985 -0.0638 0.0355  0.2722  129 ASP A CA  
460 C  C   . ASP A 62 ? 0.3083 0.7595 0.3014 -0.0559 0.0317  0.2377  129 ASP A C   
461 O  O   . ASP A 62 ? 0.3450 0.7598 0.3486 -0.0553 0.0312  0.2240  129 ASP A O   
462 C  CB  . ASP A 62 ? 0.3294 0.8332 0.3589 -0.0675 0.0395  0.2736  129 ASP A CB  
463 C  CG  . ASP A 62 ? 0.4264 0.9568 0.4252 -0.0624 0.0403  0.2522  129 ASP A CG  
464 O  OD1 . ASP A 62 ? 0.3987 0.9317 0.3673 -0.0558 0.0373  0.2342  129 ASP A OD1 
465 O  OD2 . ASP A 62 ? 0.5849 1.1336 0.5917 -0.0650 0.0437  0.2527  129 ASP A OD2 
466 N  N   . PRO A 63 ? 0.2873 0.7497 0.2493 -0.0503 0.0290  0.2239  130 PRO A N   
467 C  CA  . PRO A 63 ? 0.2750 0.7053 0.2153 -0.0431 0.0250  0.1935  130 PRO A CA  
468 C  C   . PRO A 63 ? 0.2853 0.7027 0.2209 -0.0404 0.0252  0.1709  130 PRO A C   
469 O  O   . PRO A 63 ? 0.2126 0.5937 0.1428 -0.0367 0.0224  0.1512  130 PRO A O   
470 C  CB  . PRO A 63 ? 0.2423 0.7003 0.1543 -0.0384 0.0223  0.1854  130 PRO A CB  
471 C  CG  . PRO A 63 ? 0.3494 0.8444 0.2699 -0.0434 0.0241  0.2149  130 PRO A CG  
472 C  CD  . PRO A 63 ? 0.3864 0.8941 0.3336 -0.0504 0.0291  0.2366  130 PRO A CD  
473 N  N   . LEU A 64 ? 0.2493 0.6983 0.1877 -0.0425 0.0285  0.1748  131 LEU A N   
474 C  CA  . LEU A 64 ? 0.3408 0.7825 0.2757 -0.0401 0.0285  0.1541  131 LEU A CA  
475 C  C   . LEU A 64 ? 0.2534 0.6579 0.2108 -0.0429 0.0286  0.1525  131 LEU A C   
476 O  O   . LEU A 64 ? 0.2671 0.6537 0.2196 -0.0398 0.0268  0.1318  131 LEU A O   
477 C  CB  . LEU A 64 ? 0.3487 0.8357 0.2856 -0.0425 0.0329  0.1615  131 LEU A CB  
478 C  CG  . LEU A 64 ? 0.4565 0.9884 0.3710 -0.0394 0.0332  0.1599  131 LEU A CG  
479 C  CD1 . LEU A 64 ? 0.5096 1.0879 0.4300 -0.0427 0.0387  0.1695  131 LEU A CD1 
480 C  CD2 . LEU A 64 ? 0.4489 0.9696 0.3366 -0.0304 0.0280  0.1280  131 LEU A CD2 
481 N  N   . THR A 65 ? 0.2097 0.6044 0.1935 -0.0488 0.0303  0.1741  132 THR A N   
482 C  CA  . THR A 65 ? 0.2723 0.6355 0.2822 -0.0519 0.0305  0.1727  132 THR A CA  
483 C  C   . THR A 65 ? 0.2847 0.6067 0.2933 -0.0488 0.0272  0.1615  132 THR A C   
484 O  O   . THR A 65 ? 0.3308 0.6261 0.3616 -0.0510 0.0270  0.1595  132 THR A O   
485 C  CB  . THR A 65 ? 0.3184 0.6949 0.3656 -0.0605 0.0339  0.2021  132 THR A CB  
486 O  OG1 . THR A 65 ? 0.4182 0.8000 0.4731 -0.0626 0.0340  0.2237  132 THR A OG1 
487 C  CG2 . THR A 65 ? 0.4052 0.8244 0.4552 -0.0641 0.0378  0.2140  132 THR A CG2 
488 N  N   . ILE A 66 ? 0.2522 0.5706 0.2357 -0.0438 0.0247  0.1535  133 ILE A N   
489 C  CA  . ILE A 66 ? 0.2550 0.5377 0.2346 -0.0406 0.0220  0.1430  133 ILE A CA  
490 C  C   . ILE A 66 ? 0.2458 0.5023 0.2136 -0.0364 0.0194  0.1165  133 ILE A C   
491 O  O   . ILE A 66 ? 0.2278 0.4923 0.1741 -0.0323 0.0175  0.1011  133 ILE A O   
492 C  CB  . ILE A 66 ? 0.2889 0.5770 0.2456 -0.0367 0.0198  0.1421  133 ILE A CB  
493 C  CG1 . ILE A 66 ? 0.3422 0.6533 0.3120 -0.0409 0.0215  0.1694  133 ILE A CG1 
494 C  CG2 . ILE A 66 ? 0.2721 0.5241 0.2220 -0.0330 0.0172  0.1281  133 ILE A CG2 
495 C  CD1 . ILE A 66 ? 0.3324 0.6212 0.3304 -0.0443 0.0224  0.1836  133 ILE A CD1 
496 N  N   . THR A 67 ? 0.2302 0.4566 0.2133 -0.0372 0.0193  0.1112  134 THR A N   
497 C  CA  . THR A 67 ? 0.2225 0.4241 0.1938 -0.0332 0.0164  0.0874  134 THR A CA  
498 C  C   . THR A 67 ? 0.1863 0.3601 0.1559 -0.0310 0.0154  0.0815  134 THR A C   
499 O  O   . THR A 67 ? 0.2463 0.4194 0.2268 -0.0327 0.0170  0.0955  134 THR A O   
500 C  CB  . THR A 67 ? 0.2871 0.4824 0.2796 -0.0363 0.0170  0.0825  134 THR A CB  
501 O  OG1 . THR A 67 ? 0.2991 0.4835 0.3239 -0.0410 0.0191  0.0942  134 THR A OG1 
502 C  CG2 . THR A 67 ? 0.3328 0.5572 0.3290 -0.0389 0.0185  0.0892  134 THR A CG2 
503 N  N   . SER A 68 ? 0.1728 0.3260 0.1295 -0.0272 0.0128  0.0616  135 SER A N   
504 C  CA  . SER A 68 ? 0.1971 0.3265 0.1521 -0.0253 0.0125  0.0551  135 SER A CA  
505 C  C   . SER A 68 ? 0.2169 0.3269 0.1740 -0.0242 0.0111  0.0373  135 SER A C   
506 O  O   . SER A 68 ? 0.1977 0.3111 0.1524 -0.0240 0.0094  0.0282  135 SER A O   
507 C  CB  . SER A 68 ? 0.2668 0.3946 0.1943 -0.0208 0.0101  0.0506  135 SER A CB  
508 O  OG  . SER A 68 ? 0.2892 0.4178 0.1944 -0.0170 0.0062  0.0357  135 SER A OG  
509 N  N   . SER A 69 ? 0.2228 0.3141 0.1848 -0.0232 0.0120  0.0321  136 SER A N   
510 C  CA  . SER A 69 ? 0.2931 0.3685 0.2551 -0.0217 0.0108  0.0142  136 SER A CA  
511 C  C   . SER A 69 ? 0.2365 0.2969 0.1890 -0.0188 0.0114  0.0078  136 SER A C   
512 O  O   . SER A 69 ? 0.2685 0.3279 0.2260 -0.0191 0.0137  0.0186  136 SER A O   
513 C  CB  . SER A 69 ? 0.3087 0.3813 0.3041 -0.0258 0.0124  0.0141  136 SER A CB  
514 O  OG  . SER A 69 ? 0.3940 0.4611 0.4144 -0.0279 0.0156  0.0246  136 SER A OG  
515 N  N   . MSE A 70 ? 0.2171 0.2678 0.1557 -0.0161 0.0094  -0.0089 137 MSE A N   
516 C  CA  A MSE A 70 ? 0.2218 0.2610 0.1508 -0.0135 0.0105  -0.0155 137 MSE A CA  
517 C  CA  B MSE A 70 ? 0.2380 0.2772 0.1659 -0.0134 0.0104  -0.0158 137 MSE A CA  
518 C  C   . MSE A 70 ? 0.2233 0.2541 0.1637 -0.0134 0.0113  -0.0310 137 MSE A C   
519 O  O   . MSE A 70 ? 0.2419 0.2738 0.1791 -0.0132 0.0085  -0.0426 137 MSE A O   
520 C  CB  A MSE A 70 ? 0.2944 0.3331 0.1916 -0.0099 0.0070  -0.0197 137 MSE A CB  
521 C  CB  B MSE A 70 ? 0.2996 0.3383 0.1957 -0.0098 0.0065  -0.0213 137 MSE A CB  
522 C  CG  A MSE A 70 ? 0.3759 0.4055 0.2626 -0.0077 0.0084  -0.0230 137 MSE A CG  
523 C  CG  B MSE A 70 ? 0.3338 0.3630 0.2175 -0.0073 0.0072  -0.0290 137 MSE A CG  
524 SE SE  A MSE A 70 ? 0.2885 0.3196 0.1456 -0.0047 0.0043  -0.0176 137 MSE A SE  
525 SE SE  B MSE A 70 ? 0.4686 0.4948 0.3524 -0.0069 0.0107  -0.0157 137 MSE A SE  
526 C  CE  A MSE A 70 ? 0.1941 0.2147 0.0415 -0.0028 0.0066  -0.0240 137 MSE A CE  
527 C  CE  B MSE A 70 ? 0.2480 0.2854 0.1161 -0.0064 0.0062  -0.0046 137 MSE A CE  
528 N  N   . SER A 71 ? 0.1965 0.2199 0.1509 -0.0132 0.0150  -0.0322 138 SER A N   
529 C  CA  . SER A 71 ? 0.2133 0.2309 0.1820 -0.0128 0.0162  -0.0488 138 SER A CA  
530 C  C   . SER A 71 ? 0.2569 0.2721 0.2001 -0.0091 0.0160  -0.0619 138 SER A C   
531 O  O   . SER A 71 ? 0.2723 0.2875 0.1932 -0.0073 0.0158  -0.0556 138 SER A O   
532 C  CB  . SER A 71 ? 0.3135 0.3260 0.3155 -0.0141 0.0204  -0.0449 138 SER A CB  
533 O  OG  . SER A 71 ? 0.3401 0.3493 0.3338 -0.0119 0.0234  -0.0397 138 SER A OG  
534 N  N   . SER A 72 ? 0.2204 0.2354 0.1683 -0.0084 0.0156  -0.0800 139 SER A N   
535 C  CA  . SER A 72 ? 0.2937 0.3102 0.2192 -0.0052 0.0157  -0.0923 139 SER A CA  
536 C  C   . SER A 72 ? 0.4263 0.4398 0.3553 -0.0038 0.0211  -0.0896 139 SER A C   
537 O  O   . SER A 72 ? 0.4204 0.4370 0.3302 -0.0014 0.0224  -0.0958 139 SER A O   
538 C  CB  . SER A 72 ? 0.2924 0.3127 0.2253 -0.0048 0.0143  -0.1135 139 SER A CB  
539 O  OG  . SER A 72 ? 0.3044 0.3211 0.2743 -0.0065 0.0166  -0.1195 139 SER A OG  
540 N  N   . ASP A 73 ? 0.4843 0.4931 0.4390 -0.0053 0.0242  -0.0790 140 ASP A N   
541 C  CA  . ASP A 73 ? 0.5187 0.5246 0.4811 -0.0040 0.0291  -0.0744 140 ASP A CA  
542 C  C   . ASP A 73 ? 0.4494 0.4554 0.3887 -0.0035 0.0287  -0.0584 140 ASP A C   
543 O  O   . ASP A 73 ? 0.4806 0.4856 0.4185 -0.0021 0.0323  -0.0553 140 ASP A O   
544 C  CB  . ASP A 73 ? 0.6563 0.6575 0.6578 -0.0059 0.0314  -0.0672 140 ASP A CB  
545 C  CG  . ASP A 73 ? 0.8272 0.8263 0.8573 -0.0048 0.0341  -0.0853 140 ASP A CG  
546 O  OD1 . ASP A 73 ? 0.8589 0.8619 0.8813 -0.0035 0.0331  -0.1048 140 ASP A OD1 
547 O  OD2 . ASP A 73 ? 0.9304 0.9248 0.9916 -0.0050 0.0369  -0.0805 140 ASP A OD2 
548 N  N   . GLY A 74 ? 0.3045 0.3128 0.2278 -0.0045 0.0244  -0.0493 141 GLY A N   
549 C  CA  . GLY A 74 ? 0.3150 0.3242 0.2204 -0.0041 0.0229  -0.0353 141 GLY A CA  
550 C  C   . GLY A 74 ? 0.3324 0.3424 0.2557 -0.0062 0.0239  -0.0189 141 GLY A C   
551 O  O   . GLY A 74 ? 0.3647 0.3757 0.2806 -0.0058 0.0240  -0.0079 141 GLY A O   
552 N  N   . VAL A 75 ? 0.3133 0.3243 0.2616 -0.0085 0.0244  -0.0168 142 VAL A N   
553 C  CA  . VAL A 75 ? 0.2788 0.2939 0.2454 -0.0109 0.0249  0.0011  142 VAL A CA  
554 C  C   . VAL A 75 ? 0.2206 0.2452 0.1801 -0.0129 0.0213  0.0086  142 VAL A C   
555 O  O   . VAL A 75 ? 0.2018 0.2277 0.1655 -0.0141 0.0197  0.0011  142 VAL A O   
556 C  CB  . VAL A 75 ? 0.3206 0.3320 0.3260 -0.0128 0.0278  0.0025  142 VAL A CB  
557 C  CG1 . VAL A 75 ? 0.2786 0.2970 0.3034 -0.0160 0.0275  0.0239  142 VAL A CG1 
558 C  CG2 . VAL A 75 ? 0.3421 0.3462 0.3574 -0.0103 0.0317  -0.0044 142 VAL A CG2 
559 N  N   . LEU A 76 ? 0.2039 0.2366 0.1525 -0.0131 0.0198  0.0222  143 LEU A N   
560 C  CA  . LEU A 76 ? 0.2040 0.2497 0.1462 -0.0147 0.0170  0.0296  143 LEU A CA  
561 C  C   . LEU A 76 ? 0.2628 0.3181 0.2321 -0.0184 0.0189  0.0467  143 LEU A C   
562 O  O   . LEU A 76 ? 0.2558 0.3122 0.2367 -0.0191 0.0205  0.0591  143 LEU A O   
563 C  CB  . LEU A 76 ? 0.2009 0.2535 0.1172 -0.0126 0.0139  0.0332  143 LEU A CB  
564 C  CG  . LEU A 76 ? 0.2945 0.3643 0.2036 -0.0135 0.0113  0.0397  143 LEU A CG  
565 C  CD1 . LEU A 76 ? 0.2684 0.3394 0.1708 -0.0130 0.0091  0.0279  143 LEU A CD1 
566 C  CD2 . LEU A 76 ? 0.3512 0.4278 0.2394 -0.0111 0.0080  0.0418  143 LEU A CD2 
567 N  N   . THR A 77 ? 0.1807 0.2437 0.1612 -0.0211 0.0184  0.0485  144 THR A N   
568 C  CA  . THR A 77 ? 0.2188 0.2934 0.2262 -0.0254 0.0198  0.0671  144 THR A CA  
569 C  C   . THR A 77 ? 0.2258 0.3218 0.2210 -0.0268 0.0182  0.0760  144 THR A C   
570 O  O   . THR A 77 ? 0.2248 0.3241 0.2073 -0.0261 0.0165  0.0654  144 THR A O   
571 C  CB  . THR A 77 ? 0.3046 0.3719 0.3449 -0.0283 0.0211  0.0638  144 THR A CB  
572 O  OG1 . THR A 77 ? 0.2990 0.3491 0.3536 -0.0267 0.0229  0.0544  144 THR A OG1 
573 C  CG2 . THR A 77 ? 0.2762 0.3569 0.3470 -0.0334 0.0221  0.0861  144 THR A CG2 
574 N  N   . VAL A 78 ? 0.1771 0.2893 0.1762 -0.0286 0.0187  0.0951  145 VAL A N   
575 C  CA  . VAL A 78 ? 0.2103 0.3482 0.2014 -0.0302 0.0180  0.1053  145 VAL A CA  
576 C  C   . VAL A 78 ? 0.2322 0.3837 0.2556 -0.0359 0.0202  0.1274  145 VAL A C   
577 O  O   . VAL A 78 ? 0.2253 0.3755 0.2681 -0.0376 0.0212  0.1424  145 VAL A O   
578 C  CB  . VAL A 78 ? 0.2394 0.3914 0.2061 -0.0278 0.0159  0.1097  145 VAL A CB  
579 C  CG1 . VAL A 78 ? 0.2981 0.4796 0.2544 -0.0287 0.0153  0.1158  145 VAL A CG1 
580 C  CG2 . VAL A 78 ? 0.2336 0.3697 0.1739 -0.0227 0.0133  0.0906  145 VAL A CG2 
581 N  N   . ASN A 79 ? 0.2231 0.3883 0.2547 -0.0389 0.0209  0.1304  146 ASN A N   
582 C  CA  . ASN A 79 ? 0.2307 0.4077 0.2974 -0.0450 0.0229  0.1521  146 ASN A CA  
583 C  C   . ASN A 79 ? 0.2778 0.4848 0.3428 -0.0482 0.0238  0.1627  146 ASN A C   
584 O  O   . ASN A 79 ? 0.2634 0.4783 0.3036 -0.0456 0.0229  0.1486  146 ASN A O   
585 C  CB  . ASN A 79 ? 0.3229 0.4771 0.4217 -0.0471 0.0234  0.1451  146 ASN A CB  
586 C  CG  . ASN A 79 ? 0.4303 0.5730 0.5171 -0.0449 0.0221  0.1207  146 ASN A CG  
587 O  OD1 . ASN A 79 ? 0.5270 0.6836 0.5922 -0.0440 0.0214  0.1151  146 ASN A OD1 
588 N  ND2 . ASN A 79 ? 0.3419 0.4607 0.4434 -0.0440 0.0217  0.1055  146 ASN A ND2 
589 N  N   . GLY A 80 ? 0.2983 0.5233 0.3913 -0.0541 0.0256  0.1887  147 GLY A N   
590 C  CA  . GLY A 80 ? 0.3179 0.5752 0.4134 -0.0580 0.0274  0.2023  147 GLY A CA  
591 C  C   . GLY A 80 ? 0.3057 0.5738 0.4440 -0.0656 0.0290  0.2306  147 GLY A C   
592 O  O   . GLY A 80 ? 0.3007 0.5605 0.4614 -0.0672 0.0286  0.2456  147 GLY A O   
593 N  N   . PRO A 81 ? 0.2730 0.5601 0.4254 -0.0702 0.0310  0.2387  148 PRO A N   
594 C  CA  . PRO A 81 ? 0.3224 0.6230 0.5184 -0.0783 0.0325  0.2680  148 PRO A CA  
595 C  C   . PRO A 81 ? 0.3420 0.6756 0.5369 -0.0811 0.0335  0.2983  148 PRO A C   
596 O  O   . PRO A 81 ? 0.3057 0.6624 0.4640 -0.0775 0.0339  0.2952  148 PRO A O   
597 C  CB  . PRO A 81 ? 0.3087 0.6275 0.5085 -0.0816 0.0345  0.2662  148 PRO A CB  
598 C  CG  . PRO A 81 ? 0.3640 0.6672 0.5299 -0.0750 0.0331  0.2318  148 PRO A CG  
599 C  CD  . PRO A 81 ? 0.2863 0.5838 0.4159 -0.0683 0.0315  0.2206  148 PRO A CD  
600 N  N   . ARG A 82 ? 0.3919 0.7286 0.6279 -0.0870 0.0333  0.3269  149 ARG A N   
601 C  CA  . ARG A 82 ? 0.4426 0.8154 0.6810 -0.0907 0.0340  0.3598  149 ARG A CA  
602 C  C   . ARG A 82 ? 0.4742 0.8860 0.7251 -0.0976 0.0373  0.3818  149 ARG A C   
603 O  O   . ARG A 82 ? 0.4625 0.8663 0.7411 -0.1018 0.0383  0.3812  149 ARG A O   
604 C  CB  . ARG A 82 ? 0.4792 0.8378 0.7569 -0.0936 0.0317  0.3824  149 ARG A CB  
605 C  CG  . ARG A 82 ? 0.5287 0.8528 0.7945 -0.0868 0.0291  0.3620  149 ARG A CG  
606 C  CD  . ARG A 82 ? 0.5523 0.8683 0.8548 -0.0890 0.0266  0.3861  149 ARG A CD  
607 N  NE  . ARG A 82 ? 0.5502 0.8330 0.8442 -0.0825 0.0248  0.3649  149 ARG A NE  
608 C  CZ  . ARG A 82 ? 0.4804 0.7681 0.7409 -0.0776 0.0237  0.3603  149 ARG A CZ  
609 N  NH1 . ARG A 82 ? 0.4809 0.8057 0.7131 -0.0781 0.0239  0.3735  149 ARG A NH1 
610 N  NH2 . ARG A 82 ? 0.4404 0.6976 0.6969 -0.0722 0.0225  0.3418  149 ARG A NH2 
611 N  N   . LYS A 83 ? 0.4829 0.9385 0.7130 -0.0987 0.0390  0.4005  150 LYS A N   
612 C  CA  . LYS A 83 ? 0.5243 1.0236 0.7605 -0.1048 0.0429  0.4208  150 LYS A CA  
613 C  C   . LYS A 83 ? 0.5314 1.0589 0.8037 -0.1131 0.0431  0.4661  150 LYS A C   
614 O  O   . LYS A 83 ? 0.5381 1.0596 0.8199 -0.1129 0.0401  0.4814  150 LYS A O   
615 C  CB  . LYS A 83 ? 0.5198 1.0555 0.7064 -0.1001 0.0450  0.4076  150 LYS A CB  
616 C  CG  . LYS A 83 ? 0.5542 1.1347 0.7424 -0.1051 0.0500  0.4205  150 LYS A CG  
# 
